data_3TTH
#
_entry.id   3TTH
#
_cell.length_a   177.887
_cell.length_b   106.842
_cell.length_c   143.851
_cell.angle_alpha   90.000
_cell.angle_beta   90.000
_cell.angle_gamma   90.000
#
_symmetry.space_group_name_H-M   'P 21 21 2'
#
loop_
_entity.id
_entity.type
_entity.pdbx_description
1 polymer 'Spermidine N1-acetyltransferase'
2 non-polymer 'SULFATE ION'
3 water water
#
_entity_poly.entity_id   1
_entity_poly.type   'polypeptide(L)'
_entity_poly.pdbx_seq_one_letter_code
;(MSE)LLGKKIRLSALEREDLKFVHELNNNLSI(MSE)SYWFEEPYESYRELEDLHIKHIHDQSERRFIIKDLKDNKVGL
VELTEIDFIHRRCEFAIIISPGEEGKGYATEATDLTVEYAFSILNLHKIYLLVDEDNPAALHIYRKSGFAEEGKLVDEYY
SKGRYRTAIR(MSE)YVLKKSL
;
_entity_poly.pdbx_strand_id   A,B,C,D,E,F,G,H,I,J,K,L
#
loop_
_chem_comp.id
_chem_comp.type
_chem_comp.name
_chem_comp.formula
SO4 non-polymer 'SULFATE ION' 'O4 S -2'
#
# COMPACT_ATOMS: atom_id res chain seq x y z
N LYS A 5 45.98 -4.22 13.07
CA LYS A 5 45.96 -5.12 14.23
C LYS A 5 44.63 -4.99 14.97
N LYS A 6 44.13 -3.77 15.07
CA LYS A 6 42.81 -3.53 15.63
C LYS A 6 41.80 -3.61 14.50
N ILE A 7 42.32 -3.72 13.28
CA ILE A 7 41.50 -3.64 12.09
C ILE A 7 42.14 -4.40 10.93
N ARG A 8 41.34 -4.69 9.90
CA ARG A 8 41.86 -5.32 8.69
C ARG A 8 41.34 -4.60 7.45
N LEU A 9 41.99 -4.80 6.32
CA LEU A 9 41.55 -4.22 5.07
C LEU A 9 41.11 -5.29 4.07
N SER A 10 39.94 -5.08 3.47
CA SER A 10 39.40 -6.03 2.50
C SER A 10 39.24 -5.37 1.13
N ALA A 11 39.63 -6.10 0.08
CA ALA A 11 39.45 -5.62 -1.28
C ALA A 11 37.96 -5.44 -1.56
N LEU A 12 37.60 -4.28 -2.07
CA LEU A 12 36.19 -3.97 -2.33
C LEU A 12 35.58 -4.92 -3.35
N GLU A 13 34.44 -5.49 -2.99
CA GLU A 13 33.70 -6.37 -3.88
C GLU A 13 32.36 -5.73 -4.22
N ARG A 14 31.57 -6.41 -5.05
CA ARG A 14 30.30 -5.88 -5.51
C ARG A 14 29.29 -5.75 -4.37
N GLU A 15 29.36 -6.67 -3.41
CA GLU A 15 28.44 -6.68 -2.27
C GLU A 15 28.71 -5.51 -1.32
N ASP A 16 29.86 -4.87 -1.47
CA ASP A 16 30.24 -3.77 -0.60
C ASP A 16 29.66 -2.43 -1.05
N LEU A 17 29.14 -2.40 -2.27
CA LEU A 17 28.63 -1.16 -2.86
C LEU A 17 27.55 -0.49 -2.03
N LYS A 18 26.56 -1.27 -1.58
CA LYS A 18 25.48 -0.75 -0.76
C LYS A 18 26.02 0.07 0.41
N PHE A 19 27.02 -0.50 1.09
CA PHE A 19 27.63 0.18 2.23
C PHE A 19 28.28 1.50 1.82
N VAL A 20 29.01 1.47 0.71
CA VAL A 20 29.67 2.67 0.20
C VAL A 20 28.66 3.79 -0.04
N HIS A 21 27.59 3.46 -0.74
CA HIS A 21 26.54 4.44 -1.06
C HIS A 21 25.99 5.07 0.21
N GLU A 22 25.70 4.25 1.21
CA GLU A 22 25.15 4.72 2.48
C GLU A 22 26.05 5.76 3.13
N LEU A 23 27.36 5.63 2.92
CA LEU A 23 28.31 6.58 3.48
C LEU A 23 28.23 7.96 2.83
N ASN A 24 28.33 7.98 1.51
CA ASN A 24 28.46 9.23 0.75
C ASN A 24 27.22 10.11 0.75
N ASN A 25 26.10 9.57 1.25
CA ASN A 25 24.88 10.37 1.36
C ASN A 25 25.05 11.49 2.39
N ASN A 26 26.04 11.32 3.27
CA ASN A 26 26.34 12.31 4.28
C ASN A 26 26.71 13.66 3.68
N ILE A 29 27.13 15.46 -0.39
CA ILE A 29 28.30 15.94 -1.12
C ILE A 29 28.49 15.18 -2.42
N MSE A 30 28.99 15.89 -3.44
CA MSE A 30 29.30 15.26 -4.72
C MSE A 30 30.26 14.10 -4.49
O MSE A 30 31.33 14.29 -3.90
CB MSE A 30 29.92 16.28 -5.67
CG MSE A 30 29.03 17.46 -5.99
SE MSE A 30 27.37 16.94 -6.88
CE MSE A 30 28.14 15.92 -8.35
N SER A 31 29.89 12.93 -4.96
CA SER A 31 30.73 11.74 -4.81
C SER A 31 31.11 11.20 -6.18
N TYR A 32 32.38 10.80 -6.31
CA TYR A 32 32.90 10.39 -7.61
C TYR A 32 33.36 8.93 -7.62
N TRP A 33 33.14 8.26 -8.75
CA TRP A 33 33.67 6.93 -8.97
C TRP A 33 34.48 6.94 -10.26
N PHE A 34 35.79 6.76 -10.14
CA PHE A 34 36.70 6.89 -11.26
C PHE A 34 36.48 8.22 -11.99
N GLU A 35 36.42 9.29 -11.21
CA GLU A 35 36.28 10.65 -11.73
C GLU A 35 34.92 10.92 -12.37
N GLU A 36 34.08 9.90 -12.44
CA GLU A 36 32.70 10.08 -12.87
C GLU A 36 31.80 10.22 -11.64
N PRO A 37 31.05 11.33 -11.57
CA PRO A 37 30.18 11.61 -10.42
C PRO A 37 28.94 10.75 -10.41
N TYR A 38 28.40 10.49 -9.23
CA TYR A 38 27.21 9.65 -9.10
C TYR A 38 26.38 10.04 -7.88
N GLU A 39 25.09 9.74 -7.93
CA GLU A 39 24.19 10.00 -6.80
C GLU A 39 23.46 8.73 -6.41
N SER A 40 22.63 8.22 -7.31
CA SER A 40 21.86 7.01 -7.04
C SER A 40 22.75 5.78 -6.96
N TYR A 41 22.25 4.75 -6.28
CA TYR A 41 22.96 3.49 -6.14
C TYR A 41 23.17 2.83 -7.51
N ARG A 42 22.11 2.78 -8.30
CA ARG A 42 22.16 2.20 -9.64
C ARG A 42 23.33 2.79 -10.44
N GLU A 43 23.46 4.11 -10.38
CA GLU A 43 24.59 4.78 -11.02
C GLU A 43 25.90 4.12 -10.61
N LEU A 44 26.21 4.20 -9.32
CA LEU A 44 27.40 3.57 -8.78
C LEU A 44 27.51 2.12 -9.22
N GLU A 45 26.38 1.40 -9.14
CA GLU A 45 26.34 0.00 -9.52
C GLU A 45 26.86 -0.18 -10.95
N ASP A 46 26.35 0.63 -11.87
CA ASP A 46 26.81 0.59 -13.26
C ASP A 46 28.28 0.96 -13.38
N LEU A 47 28.65 2.09 -12.79
CA LEU A 47 30.04 2.56 -12.85
C LEU A 47 31.03 1.49 -12.38
N HIS A 48 30.67 0.80 -11.31
CA HIS A 48 31.51 -0.27 -10.76
C HIS A 48 31.86 -1.29 -11.83
N ILE A 49 30.84 -1.80 -12.51
CA ILE A 49 31.03 -2.81 -13.54
C ILE A 49 31.86 -2.24 -14.70
N LYS A 50 31.54 -1.03 -15.10
CA LYS A 50 32.21 -0.35 -16.21
C LYS A 50 33.71 -0.24 -16.01
N HIS A 51 34.12 0.25 -14.84
CA HIS A 51 35.53 0.50 -14.55
C HIS A 51 36.21 -0.66 -13.81
N ILE A 52 35.49 -1.77 -13.65
CA ILE A 52 35.95 -2.87 -12.82
C ILE A 52 37.39 -3.32 -13.12
N HIS A 53 37.81 -3.23 -14.38
CA HIS A 53 39.16 -3.68 -14.75
C HIS A 53 40.18 -2.54 -14.74
N ASP A 54 39.74 -1.36 -14.36
CA ASP A 54 40.63 -0.19 -14.33
C ASP A 54 41.53 -0.21 -13.09
N GLN A 55 42.84 -0.11 -13.31
CA GLN A 55 43.80 -0.10 -12.22
C GLN A 55 44.07 1.33 -11.75
N SER A 56 43.44 2.29 -12.42
CA SER A 56 43.62 3.70 -12.09
C SER A 56 43.38 3.98 -10.62
N GLU A 57 42.39 3.31 -10.05
CA GLU A 57 42.03 3.50 -8.65
C GLU A 57 41.93 2.17 -7.92
N ARG A 58 42.06 2.21 -6.59
CA ARG A 58 41.93 1.02 -5.78
C ARG A 58 41.24 1.36 -4.46
N ARG A 59 40.33 0.50 -4.02
CA ARG A 59 39.55 0.77 -2.82
C ARG A 59 39.53 -0.42 -1.87
N PHE A 60 39.49 -0.14 -0.57
CA PHE A 60 39.41 -1.18 0.44
C PHE A 60 38.35 -0.87 1.47
N ILE A 61 37.74 -1.92 2.02
CA ILE A 61 36.78 -1.77 3.10
C ILE A 61 37.47 -2.07 4.43
N ILE A 62 37.25 -1.20 5.41
CA ILE A 62 37.84 -1.39 6.73
C ILE A 62 36.89 -2.20 7.60
N LYS A 63 37.35 -3.38 8.02
CA LYS A 63 36.53 -4.27 8.83
C LYS A 63 37.15 -4.53 10.20
N ASP A 64 36.32 -4.52 11.23
CA ASP A 64 36.80 -4.78 12.59
C ASP A 64 37.08 -6.25 12.81
N LEU A 65 37.45 -6.61 14.03
CA LEU A 65 37.76 -7.99 14.37
C LEU A 65 36.55 -8.88 14.15
N LYS A 66 35.37 -8.29 14.23
CA LYS A 66 34.12 -9.03 14.08
C LYS A 66 33.68 -9.05 12.62
N ASP A 67 34.50 -8.45 11.77
CA ASP A 67 34.21 -8.36 10.33
C ASP A 67 32.96 -7.54 10.03
N ASN A 68 32.60 -6.65 10.95
CA ASN A 68 31.62 -5.61 10.65
C ASN A 68 32.32 -4.57 9.79
N LYS A 69 31.56 -3.81 9.02
CA LYS A 69 32.17 -2.86 8.10
C LYS A 69 32.34 -1.48 8.75
N VAL A 70 33.59 -1.13 9.04
CA VAL A 70 33.91 0.09 9.75
C VAL A 70 33.89 1.35 8.87
N GLY A 71 34.53 1.26 7.70
CA GLY A 71 34.67 2.42 6.85
C GLY A 71 35.28 2.12 5.49
N LEU A 72 35.76 3.16 4.82
CA LEU A 72 36.27 3.05 3.47
C LEU A 72 37.60 3.79 3.27
N VAL A 73 38.44 3.26 2.39
CA VAL A 73 39.69 3.91 2.02
C VAL A 73 39.88 3.87 0.51
N GLU A 74 40.20 5.02 -0.08
CA GLU A 74 40.31 5.13 -1.52
C GLU A 74 41.69 5.58 -1.99
N LEU A 75 42.29 4.80 -2.89
CA LEU A 75 43.50 5.23 -3.58
C LEU A 75 43.15 5.63 -4.99
N THR A 76 43.22 6.93 -5.29
CA THR A 76 42.83 7.44 -6.59
C THR A 76 44.02 8.08 -7.32
N GLU A 77 43.76 8.54 -8.54
CA GLU A 77 44.77 9.25 -9.32
C GLU A 77 46.12 8.54 -9.31
N ILE A 78 46.10 7.21 -9.45
CA ILE A 78 47.33 6.44 -9.46
C ILE A 78 48.08 6.63 -10.78
N ASP A 79 49.35 7.02 -10.66
CA ASP A 79 50.21 7.20 -11.83
C ASP A 79 51.44 6.32 -11.68
N PHE A 80 51.60 5.35 -12.57
CA PHE A 80 52.69 4.39 -12.45
C PHE A 80 54.01 4.90 -13.03
N ILE A 81 53.99 6.11 -13.58
CA ILE A 81 55.21 6.76 -14.02
C ILE A 81 55.81 7.55 -12.86
N HIS A 82 55.08 8.55 -12.38
CA HIS A 82 55.52 9.38 -11.28
C HIS A 82 55.35 8.66 -9.94
N ARG A 83 54.61 7.55 -9.96
CA ARG A 83 54.37 6.76 -8.76
C ARG A 83 53.78 7.56 -7.63
N ARG A 84 52.58 8.10 -7.85
CA ARG A 84 51.88 8.82 -6.80
C ARG A 84 50.40 8.53 -6.87
N CYS A 85 49.76 8.49 -5.72
CA CYS A 85 48.33 8.27 -5.66
C CYS A 85 47.73 9.21 -4.62
N GLU A 86 46.46 9.57 -4.82
CA GLU A 86 45.76 10.39 -3.84
C GLU A 86 45.07 9.50 -2.82
N PHE A 87 45.36 9.75 -1.54
CA PHE A 87 44.74 8.98 -0.47
C PHE A 87 43.53 9.71 0.11
N ALA A 88 42.48 8.95 0.37
CA ALA A 88 41.28 9.48 1.01
C ALA A 88 40.68 8.39 1.90
N ILE A 89 40.20 8.79 3.07
CA ILE A 89 39.64 7.81 4.00
C ILE A 89 38.34 8.30 4.65
N ILE A 90 37.39 7.39 4.79
CA ILE A 90 36.09 7.71 5.38
C ILE A 90 35.73 6.70 6.45
N ILE A 91 35.24 7.18 7.58
CA ILE A 91 34.86 6.32 8.70
C ILE A 91 33.40 6.54 9.08
N SER A 92 32.69 5.44 9.30
CA SER A 92 31.27 5.49 9.63
C SER A 92 31.02 6.37 10.84
N PRO A 93 29.84 7.01 10.88
CA PRO A 93 29.47 7.94 11.96
C PRO A 93 29.48 7.29 13.35
N GLY A 94 29.35 5.97 13.39
CA GLY A 94 29.38 5.24 14.65
C GLY A 94 30.78 4.98 15.16
N GLU A 95 31.70 4.74 14.24
CA GLU A 95 33.04 4.32 14.58
C GLU A 95 34.03 5.49 14.71
N GLU A 96 33.55 6.71 14.74
CA GLU A 96 34.46 7.84 14.91
C GLU A 96 35.21 7.90 16.25
N GLY A 97 34.96 6.93 17.13
CA GLY A 97 35.55 6.92 18.45
C GLY A 97 37.05 6.71 18.28
N LYS A 98 37.75 6.20 19.29
CA LYS A 98 39.20 6.41 19.32
C LYS A 98 39.72 6.19 17.91
N GLY A 99 40.48 7.15 17.42
CA GLY A 99 40.59 7.37 15.98
C GLY A 99 40.91 6.10 15.21
N TYR A 100 40.04 5.79 14.25
CA TYR A 100 40.07 4.53 13.52
C TYR A 100 40.81 4.69 12.21
N ALA A 101 41.43 5.86 12.05
CA ALA A 101 42.15 6.22 10.84
C ALA A 101 43.58 5.69 10.84
N THR A 102 44.38 6.15 11.81
CA THR A 102 45.82 5.86 11.81
C THR A 102 46.10 4.39 11.56
N GLU A 103 45.38 3.50 12.25
CA GLU A 103 45.57 2.08 12.03
C GLU A 103 45.38 1.74 10.56
N ALA A 104 44.22 2.09 10.02
CA ALA A 104 43.93 1.84 8.61
C ALA A 104 44.87 2.61 7.69
N THR A 105 45.02 3.90 7.97
CA THR A 105 45.87 4.78 7.16
C THR A 105 47.27 4.19 6.95
N ASP A 106 48.03 4.10 8.03
CA ASP A 106 49.40 3.58 7.96
C ASP A 106 49.45 2.22 7.27
N LEU A 107 48.37 1.45 7.39
CA LEU A 107 48.29 0.13 6.77
C LEU A 107 48.30 0.24 5.24
N THR A 108 47.42 1.09 4.71
CA THR A 108 47.32 1.26 3.27
C THR A 108 48.63 1.79 2.69
N VAL A 109 49.27 2.69 3.45
CA VAL A 109 50.53 3.29 3.01
C VAL A 109 51.56 2.19 2.70
N GLU A 110 51.55 1.13 3.51
CA GLU A 110 52.42 -0.01 3.27
C GLU A 110 52.06 -0.68 1.95
N TYR A 111 50.77 -0.94 1.76
CA TYR A 111 50.28 -1.53 0.53
C TYR A 111 50.77 -0.73 -0.66
N ALA A 112 50.64 0.59 -0.58
CA ALA A 112 51.14 1.48 -1.63
C ALA A 112 52.62 1.26 -1.89
N PHE A 113 53.44 1.54 -0.88
CA PHE A 113 54.89 1.46 -1.02
C PHE A 113 55.41 0.03 -1.12
N SER A 114 54.97 -0.84 -0.21
CA SER A 114 55.53 -2.18 -0.10
C SER A 114 54.92 -3.19 -1.08
N ILE A 115 53.87 -2.77 -1.79
CA ILE A 115 53.23 -3.65 -2.76
C ILE A 115 53.14 -3.00 -4.14
N LEU A 116 52.37 -1.91 -4.23
CA LEU A 116 52.24 -1.18 -5.48
C LEU A 116 53.58 -0.55 -5.87
N ASN A 117 54.52 -0.57 -4.93
CA ASN A 117 55.86 -0.02 -5.15
C ASN A 117 55.81 1.44 -5.58
N LEU A 118 54.90 2.21 -4.98
CA LEU A 118 54.80 3.63 -5.27
C LEU A 118 55.91 4.42 -4.60
N HIS A 119 55.86 5.74 -4.75
CA HIS A 119 56.88 6.62 -4.20
C HIS A 119 56.25 7.61 -3.23
N LYS A 120 55.37 8.45 -3.74
CA LYS A 120 54.74 9.50 -2.94
C LYS A 120 53.22 9.32 -2.84
N ILE A 121 52.68 9.65 -1.69
CA ILE A 121 51.23 9.65 -1.48
C ILE A 121 50.79 11.02 -0.96
N TYR A 122 49.67 11.53 -1.49
CA TYR A 122 49.16 12.82 -1.05
C TYR A 122 47.67 12.76 -0.72
N LEU A 123 47.19 13.75 0.02
CA LEU A 123 45.79 13.80 0.42
C LEU A 123 45.34 15.24 0.63
N LEU A 124 44.03 15.45 0.65
CA LEU A 124 43.46 16.78 0.81
C LEU A 124 42.53 16.86 2.03
N VAL A 125 42.70 17.92 2.83
CA VAL A 125 41.84 18.15 3.99
C VAL A 125 41.49 19.63 4.11
N ASP A 126 40.33 19.90 4.70
CA ASP A 126 39.85 21.26 4.88
C ASP A 126 40.65 21.98 5.96
N GLU A 127 40.66 23.31 5.90
CA GLU A 127 41.24 24.13 6.96
C GLU A 127 40.50 23.84 8.26
N ASP A 128 39.20 23.62 8.13
CA ASP A 128 38.30 23.54 9.29
C ASP A 128 38.21 22.16 9.91
N ASN A 129 38.95 21.18 9.38
CA ASN A 129 39.06 19.90 10.04
C ASN A 129 40.49 19.63 10.47
N PRO A 130 40.85 20.22 11.61
CA PRO A 130 42.12 20.15 12.33
C PRO A 130 42.33 18.78 12.95
N ALA A 131 41.25 18.20 13.45
CA ALA A 131 41.31 16.92 14.16
C ALA A 131 42.03 15.86 13.35
N ALA A 132 41.44 15.47 12.24
CA ALA A 132 42.03 14.45 11.36
C ALA A 132 43.34 14.97 10.76
N LEU A 133 43.44 16.28 10.60
CA LEU A 133 44.65 16.90 10.06
C LEU A 133 45.89 16.46 10.85
N HIS A 134 45.72 16.29 12.16
CA HIS A 134 46.81 15.85 13.03
C HIS A 134 47.12 14.40 12.83
N ILE A 135 46.06 13.60 12.82
CA ILE A 135 46.18 12.16 12.63
C ILE A 135 47.05 11.88 11.42
N TYR A 136 46.82 12.62 10.35
CA TYR A 136 47.58 12.48 9.12
C TYR A 136 49.05 12.80 9.35
N ARG A 137 49.31 13.88 10.10
CA ARG A 137 50.68 14.27 10.41
C ARG A 137 51.36 13.25 11.30
N LYS A 138 50.58 12.61 12.17
CA LYS A 138 51.09 11.56 13.03
C LYS A 138 51.32 10.28 12.22
N SER A 139 50.88 10.30 10.97
CA SER A 139 51.12 9.19 10.04
C SER A 139 52.35 9.43 9.17
N GLY A 140 53.01 10.57 9.39
CA GLY A 140 54.19 10.91 8.63
C GLY A 140 53.93 11.91 7.52
N PHE A 141 52.68 12.38 7.45
CA PHE A 141 52.30 13.36 6.44
C PHE A 141 52.78 14.76 6.79
N ALA A 142 53.06 15.56 5.76
CA ALA A 142 53.46 16.96 5.94
C ALA A 142 52.92 17.80 4.79
N GLU A 143 52.54 19.03 5.09
CA GLU A 143 51.90 19.89 4.09
C GLU A 143 52.87 20.34 3.00
N GLU A 144 52.55 20.00 1.76
CA GLU A 144 53.31 20.49 0.62
C GLU A 144 52.62 21.68 -0.06
N GLY A 145 51.45 22.06 0.44
CA GLY A 145 50.73 23.19 -0.11
C GLY A 145 49.37 23.45 0.50
N LYS A 146 48.87 24.66 0.31
CA LYS A 146 47.54 25.05 0.77
C LYS A 146 46.76 25.66 -0.40
N LEU A 147 45.70 24.98 -0.81
CA LEU A 147 44.98 25.37 -2.02
C LEU A 147 43.80 26.30 -1.75
N VAL A 148 43.91 27.53 -2.23
CA VAL A 148 42.89 28.56 -2.01
C VAL A 148 41.67 28.36 -2.89
N ASP A 149 40.49 28.37 -2.27
CA ASP A 149 39.23 28.23 -3.01
C ASP A 149 39.27 27.04 -3.94
N GLU A 150 39.97 25.99 -3.53
CA GLU A 150 40.15 24.79 -4.35
C GLU A 150 38.84 24.03 -4.49
N TYR A 151 37.98 24.13 -3.48
CA TYR A 151 36.70 23.43 -3.48
C TYR A 151 35.55 24.37 -3.15
N TYR A 152 34.35 23.98 -3.56
CA TYR A 152 33.15 24.72 -3.19
C TYR A 152 32.22 23.82 -2.39
N SER A 153 32.06 24.12 -1.11
CA SER A 153 31.23 23.30 -0.23
C SER A 153 30.35 24.15 0.66
N LYS A 154 29.05 23.92 0.58
CA LYS A 154 28.08 24.58 1.45
C LYS A 154 28.16 26.11 1.40
N GLY A 155 27.88 26.67 0.23
CA GLY A 155 27.70 28.10 0.08
C GLY A 155 28.95 28.94 -0.06
N ARG A 156 30.10 28.38 0.30
CA ARG A 156 31.35 29.14 0.28
C ARG A 156 32.52 28.32 -0.22
N TYR A 157 33.38 28.95 -1.01
CA TYR A 157 34.61 28.31 -1.48
C TYR A 157 35.49 27.99 -0.28
N ARG A 158 35.88 26.73 -0.16
CA ARG A 158 36.73 26.32 0.95
C ARG A 158 38.20 26.31 0.53
N THR A 159 39.07 25.99 1.48
CA THR A 159 40.50 25.92 1.20
C THR A 159 41.08 24.64 1.79
N ALA A 160 41.73 23.84 0.95
CA ALA A 160 42.21 22.53 1.37
C ALA A 160 43.73 22.49 1.52
N ILE A 161 44.19 21.73 2.51
CA ILE A 161 45.62 21.54 2.74
C ILE A 161 46.08 20.22 2.11
N ARG A 162 47.10 20.31 1.26
CA ARG A 162 47.66 19.11 0.64
C ARG A 162 48.90 18.64 1.37
N MSE A 163 48.83 17.42 1.90
CA MSE A 163 49.95 16.83 2.64
C MSE A 163 50.42 15.56 1.93
O MSE A 163 49.66 14.93 1.20
CB MSE A 163 49.52 16.51 4.06
CG MSE A 163 48.91 17.69 4.79
SE MSE A 163 47.82 17.13 6.30
CE MSE A 163 49.18 16.14 7.28
N TYR A 164 51.68 15.19 2.17
CA TYR A 164 52.25 14.04 1.48
C TYR A 164 53.16 13.21 2.38
N VAL A 165 53.65 12.12 1.81
CA VAL A 165 54.69 11.32 2.45
C VAL A 165 55.50 10.63 1.35
N LEU A 166 56.80 10.45 1.60
CA LEU A 166 57.66 9.76 0.64
C LEU A 166 57.89 8.33 1.09
N LYS A 167 58.64 7.59 0.27
CA LYS A 167 59.04 6.24 0.60
C LYS A 167 60.33 6.34 1.40
N LYS A 168 60.92 5.19 1.72
CA LYS A 168 62.23 5.14 2.39
C LYS A 168 62.45 6.30 3.35
N LYS B 5 46.94 41.06 -28.84
CA LYS B 5 47.18 42.19 -29.74
C LYS B 5 48.39 41.92 -30.63
N LYS B 6 49.42 41.32 -30.05
CA LYS B 6 50.58 40.88 -30.81
C LYS B 6 50.30 39.47 -31.32
N ILE B 7 49.19 38.91 -30.85
CA ILE B 7 48.89 37.51 -31.10
C ILE B 7 47.37 37.27 -31.07
N ARG B 8 46.94 36.14 -31.61
CA ARG B 8 45.54 35.74 -31.53
C ARG B 8 45.44 34.27 -31.11
N LEU B 9 44.25 33.88 -30.65
CA LEU B 9 44.01 32.50 -30.26
C LEU B 9 42.96 31.84 -31.16
N SER B 10 43.28 30.65 -31.65
CA SER B 10 42.38 29.93 -32.53
C SER B 10 41.95 28.61 -31.90
N ALA B 11 40.67 28.29 -32.02
CA ALA B 11 40.15 27.02 -31.52
C ALA B 11 40.81 25.88 -32.29
N LEU B 12 41.35 24.91 -31.56
CA LEU B 12 42.07 23.80 -32.17
C LEU B 12 41.16 23.00 -33.11
N GLU B 13 41.67 22.73 -34.31
CA GLU B 13 40.95 21.93 -35.29
C GLU B 13 41.78 20.71 -35.65
N ARG B 14 41.21 19.82 -36.47
CA ARG B 14 41.86 18.57 -36.80
C ARG B 14 43.18 18.79 -37.55
N GLU B 15 43.22 19.84 -38.37
CA GLU B 15 44.40 20.17 -39.16
C GLU B 15 45.56 20.65 -38.30
N ASP B 16 45.26 21.00 -37.05
CA ASP B 16 46.27 21.53 -36.14
C ASP B 16 47.05 20.42 -35.44
N LEU B 17 46.54 19.19 -35.53
CA LEU B 17 47.13 18.06 -34.82
C LEU B 17 48.60 17.83 -35.16
N LYS B 18 48.92 17.83 -36.45
CA LYS B 18 50.30 17.65 -36.90
C LYS B 18 51.25 18.57 -36.15
N PHE B 19 50.87 19.84 -36.04
CA PHE B 19 51.68 20.84 -35.36
C PHE B 19 51.86 20.48 -33.88
N VAL B 20 50.77 20.08 -33.23
CA VAL B 20 50.81 19.71 -31.82
C VAL B 20 51.80 18.58 -31.58
N HIS B 21 51.70 17.53 -32.40
CA HIS B 21 52.58 16.37 -32.29
C HIS B 21 54.04 16.80 -32.38
N GLU B 22 54.35 17.63 -33.37
CA GLU B 22 55.71 18.10 -33.60
C GLU B 22 56.29 18.78 -32.35
N LEU B 23 55.42 19.43 -31.58
CA LEU B 23 55.85 20.10 -30.36
C LEU B 23 56.27 19.12 -29.27
N ASN B 24 55.39 18.20 -28.94
CA ASN B 24 55.59 17.32 -27.80
C ASN B 24 56.71 16.31 -27.92
N ASN B 25 57.25 16.19 -29.12
CA ASN B 25 58.40 15.32 -29.32
C ASN B 25 59.63 15.84 -28.56
N ASN B 26 59.58 17.10 -28.13
CA ASN B 26 60.80 17.73 -27.62
C ASN B 26 61.51 17.04 -26.44
N LEU B 27 62.64 16.41 -26.76
CA LEU B 27 63.35 15.65 -25.71
C LEU B 27 62.55 14.43 -25.25
N SER B 28 61.37 14.22 -25.85
CA SER B 28 60.53 13.03 -25.62
C SER B 28 59.84 12.82 -24.25
N ILE B 29 59.07 13.80 -23.79
CA ILE B 29 58.24 13.63 -22.59
C ILE B 29 56.91 12.89 -22.85
N MSE B 30 56.43 12.16 -21.83
CA MSE B 30 55.06 11.67 -21.78
C MSE B 30 54.10 12.83 -22.04
O MSE B 30 54.03 13.79 -21.27
CB MSE B 30 54.79 11.13 -20.36
CG MSE B 30 55.72 10.01 -19.93
SE MSE B 30 55.68 8.56 -21.24
CE MSE B 30 53.75 8.27 -21.29
N SER B 31 53.31 12.69 -23.10
CA SER B 31 52.32 13.70 -23.47
C SER B 31 50.94 13.08 -23.40
N TYR B 32 49.97 13.84 -22.87
CA TYR B 32 48.64 13.31 -22.62
C TYR B 32 47.57 14.03 -23.41
N TRP B 33 46.56 13.28 -23.84
CA TRP B 33 45.38 13.86 -24.46
C TRP B 33 44.15 13.37 -23.70
N PHE B 34 43.47 14.28 -23.03
CA PHE B 34 42.36 13.93 -22.14
C PHE B 34 42.77 12.83 -21.17
N GLU B 35 43.93 13.03 -20.54
CA GLU B 35 44.44 12.11 -19.52
C GLU B 35 44.86 10.75 -20.08
N GLU B 36 44.64 10.55 -21.37
CA GLU B 36 45.17 9.36 -22.04
C GLU B 36 46.49 9.70 -22.72
N PRO B 37 47.55 8.96 -22.39
CA PRO B 37 48.89 9.21 -22.93
C PRO B 37 49.02 8.77 -24.37
N TYR B 38 49.89 9.42 -25.13
CA TYR B 38 50.09 9.10 -26.53
C TYR B 38 51.51 9.40 -26.99
N GLU B 39 51.96 8.70 -28.02
CA GLU B 39 53.28 8.93 -28.60
C GLU B 39 53.16 9.21 -30.09
N SER B 40 52.70 8.22 -30.84
CA SER B 40 52.56 8.37 -32.29
C SER B 40 51.45 9.35 -32.66
N TYR B 41 51.56 9.91 -33.86
CA TYR B 41 50.56 10.84 -34.36
C TYR B 41 49.19 10.19 -34.46
N ARG B 42 49.18 9.01 -35.07
CA ARG B 42 47.98 8.20 -35.23
C ARG B 42 47.22 8.05 -33.92
N GLU B 43 47.96 7.81 -32.84
CA GLU B 43 47.35 7.71 -31.51
C GLU B 43 46.57 8.98 -31.23
N LEU B 44 47.28 10.10 -31.23
CA LEU B 44 46.67 11.41 -31.01
C LEU B 44 45.49 11.62 -31.96
N GLU B 45 45.69 11.25 -33.23
CA GLU B 45 44.65 11.39 -34.24
C GLU B 45 43.37 10.70 -33.79
N ASP B 46 43.51 9.46 -33.31
CA ASP B 46 42.37 8.71 -32.80
C ASP B 46 41.76 9.37 -31.57
N LEU B 47 42.61 9.65 -30.58
CA LEU B 47 42.16 10.27 -29.33
C LEU B 47 41.35 11.54 -29.59
N HIS B 48 41.82 12.34 -30.55
CA HIS B 48 41.13 13.58 -30.90
C HIS B 48 39.67 13.33 -31.26
N ILE B 49 39.44 12.38 -32.16
CA ILE B 49 38.09 12.05 -32.62
C ILE B 49 37.26 11.52 -31.46
N LYS B 50 37.87 10.60 -30.69
CA LYS B 50 37.20 9.95 -29.57
C LYS B 50 36.65 10.95 -28.55
N HIS B 51 37.49 11.89 -28.14
CA HIS B 51 37.11 12.86 -27.10
C HIS B 51 36.58 14.18 -27.66
N ILE B 52 36.40 14.23 -28.98
CA ILE B 52 36.06 15.48 -29.66
C ILE B 52 34.90 16.26 -29.02
N HIS B 53 33.93 15.53 -28.46
CA HIS B 53 32.75 16.18 -27.87
C HIS B 53 32.90 16.43 -26.38
N ASP B 54 34.06 16.07 -25.82
CA ASP B 54 34.30 16.23 -24.39
C ASP B 54 34.63 17.68 -24.05
N GLN B 55 33.90 18.25 -23.10
CA GLN B 55 34.13 19.62 -22.66
C GLN B 55 35.12 19.67 -21.51
N SER B 56 35.56 18.49 -21.07
CA SER B 56 36.50 18.38 -19.96
C SER B 56 37.74 19.25 -20.17
N GLU B 57 38.21 19.30 -21.41
CA GLU B 57 39.40 20.08 -21.74
C GLU B 57 39.15 20.99 -22.93
N ARG B 58 39.97 22.03 -23.05
CA ARG B 58 39.87 22.96 -24.17
C ARG B 58 41.26 23.42 -24.59
N ARG B 59 41.50 23.50 -25.89
CA ARG B 59 42.81 23.86 -26.41
C ARG B 59 42.75 24.94 -27.48
N PHE B 60 43.77 25.79 -27.52
CA PHE B 60 43.85 26.83 -28.52
C PHE B 60 45.23 26.88 -29.16
N ILE B 61 45.28 27.27 -30.43
CA ILE B 61 46.55 27.46 -31.12
C ILE B 61 46.87 28.94 -31.13
N ILE B 62 48.11 29.28 -30.79
CA ILE B 62 48.56 30.66 -30.81
C ILE B 62 49.12 31.01 -32.18
N LYS B 63 48.49 31.98 -32.84
CA LYS B 63 48.91 32.39 -34.18
C LYS B 63 49.33 33.85 -34.21
N ASP B 64 50.41 34.14 -34.93
CA ASP B 64 50.91 35.51 -35.05
C ASP B 64 50.04 36.31 -36.02
N LEU B 65 50.45 37.55 -36.26
CA LEU B 65 49.71 38.44 -37.16
C LEU B 65 49.66 37.85 -38.56
N LYS B 66 50.64 37.03 -38.89
CA LYS B 66 50.74 36.42 -40.22
C LYS B 66 50.01 35.09 -40.25
N ASP B 67 49.39 34.73 -39.13
CA ASP B 67 48.66 33.47 -38.98
C ASP B 67 49.57 32.25 -39.12
N ASN B 68 50.86 32.43 -38.85
CA ASN B 68 51.75 31.31 -38.63
C ASN B 68 51.46 30.75 -37.26
N LYS B 69 51.78 29.47 -37.03
CA LYS B 69 51.43 28.85 -35.77
C LYS B 69 52.57 28.98 -34.75
N VAL B 70 52.32 29.81 -33.74
CA VAL B 70 53.34 30.14 -32.74
C VAL B 70 53.50 29.08 -31.67
N GLY B 71 52.38 28.60 -31.11
CA GLY B 71 52.43 27.67 -30.00
C GLY B 71 51.08 27.11 -29.60
N LEU B 72 51.02 26.54 -28.40
CA LEU B 72 49.82 25.88 -27.92
C LEU B 72 49.46 26.26 -26.48
N VAL B 73 48.17 26.28 -26.19
CA VAL B 73 47.69 26.52 -24.83
C VAL B 73 46.59 25.52 -24.47
N GLU B 74 46.72 24.91 -23.30
CA GLU B 74 45.79 23.86 -22.88
C GLU B 74 45.07 24.17 -21.58
N LEU B 75 43.74 24.10 -21.62
CA LEU B 75 42.94 24.17 -20.40
C LEU B 75 42.42 22.77 -20.08
N THR B 76 42.96 22.18 -19.01
CA THR B 76 42.62 20.82 -18.64
C THR B 76 41.92 20.76 -17.29
N GLU B 77 41.53 19.55 -16.89
CA GLU B 77 40.94 19.33 -15.58
C GLU B 77 39.85 20.35 -15.25
N ILE B 78 39.01 20.66 -16.22
CA ILE B 78 37.94 21.63 -16.01
C ILE B 78 36.82 21.04 -15.15
N ASP B 79 36.50 21.72 -14.06
CA ASP B 79 35.42 21.30 -13.18
C ASP B 79 34.39 22.42 -13.07
N PHE B 80 33.17 22.16 -13.55
CA PHE B 80 32.15 23.19 -13.59
C PHE B 80 31.41 23.38 -12.26
N ILE B 81 31.77 22.56 -11.27
CA ILE B 81 31.25 22.74 -9.92
C ILE B 81 32.15 23.70 -9.15
N HIS B 82 33.41 23.30 -8.94
CA HIS B 82 34.38 24.11 -8.23
C HIS B 82 34.95 25.20 -9.13
N ARG B 83 34.75 25.04 -10.44
CA ARG B 83 35.15 26.07 -11.38
C ARG B 83 36.62 26.34 -11.36
N ARG B 84 37.40 25.32 -11.69
CA ARG B 84 38.83 25.50 -11.78
C ARG B 84 39.33 24.66 -12.94
N CYS B 85 40.34 25.16 -13.61
CA CYS B 85 40.96 24.43 -14.69
C CYS B 85 42.45 24.56 -14.56
N GLU B 86 43.18 23.56 -15.05
CA GLU B 86 44.63 23.62 -15.05
C GLU B 86 45.12 24.26 -16.34
N PHE B 87 45.93 25.30 -16.20
CA PHE B 87 46.49 25.98 -17.35
C PHE B 87 47.89 25.48 -17.69
N ALA B 88 48.15 25.30 -18.98
CA ALA B 88 49.46 24.92 -19.47
C ALA B 88 49.70 25.58 -20.81
N ILE B 89 50.93 26.03 -21.04
CA ILE B 89 51.25 26.71 -22.29
C ILE B 89 52.60 26.28 -22.86
N ILE B 90 52.63 26.11 -24.18
CA ILE B 90 53.84 25.70 -24.87
C ILE B 90 54.13 26.61 -26.05
N ILE B 91 55.39 27.00 -26.21
CA ILE B 91 55.80 27.87 -27.30
C ILE B 91 56.89 27.24 -28.14
N SER B 92 56.75 27.34 -29.46
CA SER B 92 57.71 26.75 -30.38
C SER B 92 59.13 27.23 -30.10
N PRO B 93 60.12 26.36 -30.37
CA PRO B 93 61.53 26.66 -30.10
C PRO B 93 62.03 27.90 -30.82
N GLY B 94 61.35 28.29 -31.90
CA GLY B 94 61.71 29.48 -32.64
C GLY B 94 61.20 30.78 -32.05
N GLU B 95 60.01 30.74 -31.48
CA GLU B 95 59.31 31.95 -31.06
C GLU B 95 59.55 32.33 -29.59
N GLU B 96 60.44 31.61 -28.93
CA GLU B 96 60.64 31.78 -27.49
C GLU B 96 61.14 33.14 -27.01
N GLY B 97 61.84 33.88 -27.85
CA GLY B 97 61.72 35.32 -27.98
C GLY B 97 61.20 36.24 -26.89
N LYS B 98 60.48 37.20 -27.42
CA LYS B 98 59.82 38.25 -26.66
C LYS B 98 59.04 37.57 -25.55
N GLY B 99 58.84 36.27 -25.70
CA GLY B 99 58.32 35.42 -24.64
C GLY B 99 56.93 34.91 -24.91
N TYR B 100 56.18 35.63 -25.73
CA TYR B 100 55.03 35.02 -26.37
C TYR B 100 54.23 34.18 -25.34
N ALA B 101 54.17 34.66 -24.10
CA ALA B 101 53.55 33.92 -22.99
C ALA B 101 52.48 34.77 -22.32
N THR B 102 52.89 35.91 -21.79
CA THR B 102 51.99 36.84 -21.13
C THR B 102 50.82 37.26 -22.02
N GLU B 103 51.11 37.64 -23.26
CA GLU B 103 50.05 38.03 -24.18
C GLU B 103 49.02 36.91 -24.33
N ALA B 104 49.49 35.72 -24.68
CA ALA B 104 48.60 34.58 -24.82
C ALA B 104 47.99 34.19 -23.49
N THR B 105 48.83 34.07 -22.47
CA THR B 105 48.38 33.67 -21.13
C THR B 105 47.22 34.52 -20.64
N ASP B 106 47.48 35.80 -20.41
CA ASP B 106 46.45 36.73 -19.91
C ASP B 106 45.20 36.68 -20.78
N LEU B 107 45.39 36.38 -22.06
CA LEU B 107 44.27 36.27 -23.00
C LEU B 107 43.34 35.14 -22.61
N THR B 108 43.91 33.95 -22.46
CA THR B 108 43.13 32.75 -22.14
C THR B 108 42.42 32.92 -20.81
N VAL B 109 43.09 33.58 -19.87
CA VAL B 109 42.53 33.81 -18.55
C VAL B 109 41.19 34.53 -18.64
N GLU B 110 41.10 35.46 -19.60
CA GLU B 110 39.86 36.17 -19.85
C GLU B 110 38.80 35.19 -20.35
N TYR B 111 39.17 34.38 -21.33
CA TYR B 111 38.28 33.36 -21.86
C TYR B 111 37.73 32.50 -20.73
N ALA B 112 38.61 32.07 -19.84
CA ALA B 112 38.21 31.28 -18.68
C ALA B 112 37.16 32.03 -17.84
N PHE B 113 37.57 33.16 -17.29
CA PHE B 113 36.71 33.94 -16.40
C PHE B 113 35.56 34.63 -17.12
N SER B 114 35.87 35.33 -18.21
CA SER B 114 34.89 36.17 -18.89
C SER B 114 33.97 35.40 -19.85
N ILE B 115 34.29 34.13 -20.10
CA ILE B 115 33.47 33.31 -20.99
C ILE B 115 33.00 32.04 -20.31
N LEU B 116 33.95 31.16 -19.98
CA LEU B 116 33.64 29.92 -19.28
C LEU B 116 33.08 30.21 -17.89
N ASN B 117 33.20 31.46 -17.46
CA ASN B 117 32.72 31.90 -16.15
C ASN B 117 33.32 31.09 -15.02
N LEU B 118 34.60 30.76 -15.14
CA LEU B 118 35.28 30.01 -14.09
C LEU B 118 35.63 30.91 -12.91
N HIS B 119 36.29 30.33 -11.92
CA HIS B 119 36.65 31.06 -10.71
C HIS B 119 38.16 31.09 -10.54
N LYS B 120 38.76 29.92 -10.38
CA LYS B 120 40.19 29.80 -10.14
C LYS B 120 40.91 29.06 -11.27
N ILE B 121 42.13 29.50 -11.58
CA ILE B 121 42.99 28.81 -12.53
C ILE B 121 44.32 28.49 -11.87
N TYR B 122 44.85 27.30 -12.12
CA TYR B 122 46.14 26.90 -11.56
C TYR B 122 47.06 26.29 -12.62
N LEU B 123 48.34 26.24 -12.31
CA LEU B 123 49.34 25.71 -13.24
C LEU B 123 50.53 25.13 -12.49
N LEU B 124 51.32 24.31 -13.18
CA LEU B 124 52.49 23.68 -12.58
C LEU B 124 53.78 24.00 -13.33
N VAL B 125 54.82 24.36 -12.58
CA VAL B 125 56.13 24.65 -13.15
C VAL B 125 57.24 24.07 -12.30
N ASP B 126 58.36 23.75 -12.94
CA ASP B 126 59.51 23.16 -12.25
C ASP B 126 60.23 24.20 -11.39
N GLU B 127 60.97 23.73 -10.39
CA GLU B 127 61.82 24.60 -9.59
C GLU B 127 62.88 25.25 -10.46
N ASP B 128 63.33 24.50 -11.46
CA ASP B 128 64.50 24.87 -12.24
C ASP B 128 64.21 25.83 -13.40
N ASN B 129 62.94 26.24 -13.52
CA ASN B 129 62.59 27.24 -14.51
C ASN B 129 62.02 28.51 -13.87
N PRO B 130 62.91 29.34 -13.30
CA PRO B 130 62.55 30.63 -12.71
C PRO B 130 62.10 31.60 -13.78
N ALA B 131 62.58 31.39 -15.01
CA ALA B 131 62.28 32.28 -16.12
C ALA B 131 60.79 32.46 -16.35
N ALA B 132 60.13 31.40 -16.81
CA ALA B 132 58.69 31.44 -17.07
C ALA B 132 57.91 31.57 -15.77
N LEU B 133 58.50 31.07 -14.69
CA LEU B 133 57.89 31.17 -13.37
C LEU B 133 57.44 32.60 -13.10
N HIS B 134 58.32 33.55 -13.38
CA HIS B 134 58.07 34.96 -13.12
C HIS B 134 57.14 35.57 -14.17
N ILE B 135 57.19 35.04 -15.39
CA ILE B 135 56.29 35.47 -16.43
C ILE B 135 54.86 35.22 -15.95
N TYR B 136 54.70 34.14 -15.20
CA TYR B 136 53.40 33.75 -14.66
C TYR B 136 52.94 34.66 -13.53
N ARG B 137 53.88 35.12 -12.70
CA ARG B 137 53.47 36.04 -11.66
C ARG B 137 53.76 37.43 -12.11
N LYS B 138 52.99 38.09 -12.91
CA LYS B 138 53.28 39.04 -13.98
C LYS B 138 52.16 38.63 -14.84
N SER B 139 51.52 37.52 -14.51
CA SER B 139 50.13 37.29 -14.93
C SER B 139 49.10 37.39 -13.79
N GLY B 140 49.57 37.64 -12.58
CA GLY B 140 48.72 37.68 -11.41
C GLY B 140 48.71 36.35 -10.67
N PHE B 141 49.57 35.43 -11.12
CA PHE B 141 49.69 34.12 -10.46
C PHE B 141 50.49 34.22 -9.17
N ALA B 142 50.16 33.37 -8.22
CA ALA B 142 50.88 33.29 -6.95
C ALA B 142 50.90 31.85 -6.46
N GLU B 143 52.00 31.45 -5.84
CA GLU B 143 52.18 30.06 -5.43
C GLU B 143 51.25 29.67 -4.28
N GLU B 144 50.42 28.66 -4.53
CA GLU B 144 49.59 28.08 -3.47
C GLU B 144 50.19 26.80 -2.90
N GLY B 145 51.32 26.37 -3.46
CA GLY B 145 51.97 25.17 -2.97
C GLY B 145 53.19 24.75 -3.75
N LYS B 146 54.02 23.91 -3.13
CA LYS B 146 55.21 23.37 -3.77
C LYS B 146 55.20 21.85 -3.61
N LEU B 147 55.07 21.14 -4.73
CA LEU B 147 54.89 19.69 -4.68
C LEU B 147 56.19 18.90 -4.79
N VAL B 148 56.54 18.21 -3.71
CA VAL B 148 57.78 17.46 -3.62
C VAL B 148 57.71 16.15 -4.39
N ASP B 149 58.70 15.91 -5.25
CA ASP B 149 58.78 14.67 -6.02
C ASP B 149 57.46 14.38 -6.74
N GLU B 150 56.77 15.44 -7.14
CA GLU B 150 55.48 15.31 -7.79
C GLU B 150 55.59 14.68 -9.17
N TYR B 151 56.73 14.89 -9.82
CA TYR B 151 56.96 14.37 -11.16
C TYR B 151 58.30 13.63 -11.25
N TYR B 152 58.40 12.76 -12.23
CA TYR B 152 59.67 12.08 -12.52
C TYR B 152 60.11 12.42 -13.93
N SER B 153 61.19 13.19 -14.02
CA SER B 153 61.70 13.63 -15.32
C SER B 153 63.21 13.51 -15.42
N LYS B 154 63.66 12.76 -16.41
CA LYS B 154 65.09 12.61 -16.70
C LYS B 154 65.90 12.13 -15.50
N GLY B 155 65.61 10.92 -15.04
CA GLY B 155 66.44 10.25 -14.05
C GLY B 155 66.21 10.61 -12.59
N ARG B 156 65.55 11.74 -12.35
CA ARG B 156 65.36 12.21 -10.98
C ARG B 156 63.97 12.79 -10.75
N TYR B 157 63.40 12.49 -9.58
CA TYR B 157 62.12 13.07 -9.20
C TYR B 157 62.26 14.59 -9.08
N ARG B 158 61.41 15.33 -9.78
CA ARG B 158 61.46 16.77 -9.76
C ARG B 158 60.46 17.32 -8.75
N THR B 159 60.44 18.64 -8.59
CA THR B 159 59.51 19.30 -7.69
C THR B 159 58.86 20.49 -8.39
N ALA B 160 57.53 20.50 -8.42
CA ALA B 160 56.80 21.52 -9.17
C ALA B 160 56.10 22.53 -8.26
N ILE B 161 56.09 23.79 -8.70
CA ILE B 161 55.40 24.85 -7.97
C ILE B 161 54.01 25.07 -8.55
N ARG B 162 52.99 25.02 -7.69
CA ARG B 162 51.62 25.26 -8.11
C ARG B 162 51.19 26.69 -7.80
N MSE B 163 50.85 27.43 -8.84
CA MSE B 163 50.43 28.81 -8.70
C MSE B 163 49.01 28.98 -9.23
O MSE B 163 48.55 28.19 -10.06
CB MSE B 163 51.37 29.73 -9.47
CG MSE B 163 52.83 29.54 -9.10
SE MSE B 163 54.02 30.16 -10.50
CE MSE B 163 53.39 31.99 -10.62
N TYR B 164 48.31 30.00 -8.75
CA TYR B 164 46.91 30.19 -9.12
C TYR B 164 46.56 31.66 -9.32
N VAL B 165 45.31 31.88 -9.72
CA VAL B 165 44.72 33.21 -9.75
C VAL B 165 43.22 33.09 -9.53
N LEU B 166 42.64 34.03 -8.78
CA LEU B 166 41.20 34.06 -8.59
C LEU B 166 40.55 34.94 -9.64
N LYS B 167 39.26 35.23 -9.49
CA LYS B 167 38.56 35.96 -10.54
C LYS B 167 38.42 37.46 -10.25
N LYS B 168 37.39 37.86 -9.51
CA LYS B 168 37.12 39.30 -9.40
C LYS B 168 38.41 40.08 -9.11
N LYS C 5 13.72 19.92 8.05
CA LYS C 5 13.58 19.59 9.45
C LYS C 5 12.30 18.80 9.70
N LYS C 6 11.23 19.21 9.00
CA LYS C 6 9.97 18.49 9.04
C LYS C 6 10.02 17.43 7.94
N ILE C 7 11.07 17.50 7.14
CA ILE C 7 11.17 16.67 5.94
C ILE C 7 12.64 16.43 5.57
N ARG C 8 12.86 15.44 4.72
CA ARG C 8 14.20 15.18 4.19
C ARG C 8 14.14 14.97 2.68
N LEU C 9 15.29 15.08 2.02
CA LEU C 9 15.37 14.86 0.58
C LEU C 9 16.25 13.65 0.27
N SER C 10 15.74 12.77 -0.58
CA SER C 10 16.48 11.56 -0.96
C SER C 10 16.77 11.56 -2.46
N ALA C 11 17.98 11.19 -2.83
CA ALA C 11 18.35 11.07 -4.23
C ALA C 11 17.50 9.98 -4.89
N LEU C 12 16.88 10.32 -6.01
CA LEU C 12 15.99 9.39 -6.69
C LEU C 12 16.70 8.12 -7.12
N GLU C 13 16.08 6.98 -6.82
CA GLU C 13 16.63 5.69 -7.20
C GLU C 13 15.62 4.97 -8.08
N ARG C 14 16.01 3.81 -8.60
CA ARG C 14 15.17 3.06 -9.54
C ARG C 14 13.85 2.63 -8.90
N GLU C 15 13.90 2.32 -7.61
CA GLU C 15 12.72 1.86 -6.88
C GLU C 15 11.70 2.99 -6.68
N ASP C 16 12.13 4.22 -6.90
CA ASP C 16 11.26 5.38 -6.70
C ASP C 16 10.39 5.66 -7.93
N LEU C 17 10.72 5.03 -9.05
CA LEU C 17 10.03 5.29 -10.31
C LEU C 17 8.52 5.05 -10.24
N LYS C 18 8.12 3.91 -9.67
CA LYS C 18 6.70 3.60 -9.52
C LYS C 18 5.94 4.76 -8.91
N PHE C 19 6.49 5.31 -7.83
CA PHE C 19 5.87 6.44 -7.14
C PHE C 19 5.73 7.66 -8.05
N VAL C 20 6.81 7.96 -8.79
CA VAL C 20 6.81 9.09 -9.70
C VAL C 20 5.70 8.97 -10.73
N HIS C 21 5.60 7.79 -11.35
CA HIS C 21 4.58 7.53 -12.36
C HIS C 21 3.19 7.79 -11.80
N GLU C 22 2.93 7.26 -10.61
CA GLU C 22 1.63 7.41 -9.96
C GLU C 22 1.24 8.87 -9.80
N LEU C 23 2.22 9.74 -9.61
CA LEU C 23 1.98 11.16 -9.46
C LEU C 23 1.50 11.81 -10.76
N ASN C 24 2.28 11.62 -11.83
CA ASN C 24 2.06 12.34 -13.08
C ASN C 24 0.80 11.95 -13.84
N ASN C 25 0.13 10.89 -13.38
CA ASN C 25 -1.14 10.49 -13.98
C ASN C 25 -2.24 11.50 -13.69
N ASN C 26 -2.00 12.32 -12.67
CA ASN C 26 -2.96 13.36 -12.29
C ASN C 26 -3.18 14.31 -13.46
N LEU C 27 -2.26 14.27 -14.41
CA LEU C 27 -2.48 14.91 -15.71
C LEU C 27 -2.82 13.83 -16.75
N SER C 28 -3.08 14.27 -17.98
CA SER C 28 -3.45 13.35 -19.05
C SER C 28 -2.44 12.21 -19.23
N MSE C 30 0.90 15.61 -20.21
CA MSE C 30 2.25 15.52 -20.76
C MSE C 30 3.32 15.62 -19.68
O MSE C 30 3.56 16.69 -19.13
CB MSE C 30 2.47 16.61 -21.81
CG MSE C 30 1.44 16.59 -22.93
SE MSE C 30 1.20 14.81 -23.70
CE MSE C 30 3.07 14.42 -24.12
N SER C 31 3.96 14.49 -19.39
CA SER C 31 5.06 14.44 -18.44
C SER C 31 6.35 14.12 -19.17
N TYR C 32 7.44 14.78 -18.79
CA TYR C 32 8.70 14.64 -19.50
C TYR C 32 9.81 14.08 -18.62
N TRP C 33 10.68 13.27 -19.23
CA TRP C 33 11.89 12.80 -18.56
C TRP C 33 13.08 13.15 -19.44
N PHE C 34 13.93 14.05 -18.95
CA PHE C 34 15.03 14.58 -19.74
C PHE C 34 14.54 15.08 -21.09
N GLU C 35 13.47 15.87 -21.07
CA GLU C 35 12.91 16.48 -22.26
C GLU C 35 12.26 15.49 -23.23
N GLU C 36 12.36 14.20 -22.91
CA GLU C 36 11.64 13.17 -23.65
C GLU C 36 10.34 12.84 -22.94
N PRO C 37 9.21 12.97 -23.65
CA PRO C 37 7.89 12.74 -23.07
C PRO C 37 7.61 11.25 -22.85
N TYR C 38 6.78 10.94 -21.86
CA TYR C 38 6.44 9.55 -21.57
C TYR C 38 5.05 9.43 -20.96
N GLU C 39 4.44 8.27 -21.13
CA GLU C 39 3.13 7.98 -20.56
C GLU C 39 3.18 6.73 -19.70
N SER C 40 3.46 5.59 -20.33
CA SER C 40 3.51 4.32 -19.62
C SER C 40 4.72 4.25 -18.69
N TYR C 41 4.62 3.40 -17.68
CA TYR C 41 5.69 3.19 -16.71
C TYR C 41 6.94 2.67 -17.40
N ARG C 42 6.75 1.65 -18.24
CA ARG C 42 7.84 1.04 -18.98
C ARG C 42 8.65 2.08 -19.76
N GLU C 43 7.96 3.05 -20.34
CA GLU C 43 8.62 4.15 -21.02
C GLU C 43 9.60 4.83 -20.06
N LEU C 44 9.05 5.39 -18.99
CA LEU C 44 9.84 6.01 -17.95
C LEU C 44 10.97 5.10 -17.50
N GLU C 45 10.64 3.83 -17.28
CA GLU C 45 11.61 2.85 -16.84
C GLU C 45 12.81 2.82 -17.77
N ASP C 46 12.54 2.79 -19.07
CA ASP C 46 13.60 2.81 -20.08
C ASP C 46 14.38 4.13 -20.04
N LEU C 47 13.64 5.23 -20.11
CA LEU C 47 14.25 6.55 -20.11
C LEU C 47 15.21 6.73 -18.93
N HIS C 48 14.80 6.24 -17.77
CA HIS C 48 15.62 6.34 -16.57
C HIS C 48 17.00 5.75 -16.79
N ILE C 49 17.03 4.51 -17.29
CA ILE C 49 18.29 3.82 -17.53
C ILE C 49 19.12 4.56 -18.58
N LYS C 50 18.46 4.97 -19.65
CA LYS C 50 19.10 5.64 -20.78
C LYS C 50 19.85 6.90 -20.35
N HIS C 51 19.18 7.76 -19.59
CA HIS C 51 19.73 9.04 -19.17
C HIS C 51 20.41 9.00 -17.80
N ILE C 52 20.51 7.81 -17.22
CA ILE C 52 20.96 7.65 -15.84
C ILE C 52 22.26 8.40 -15.51
N HIS C 53 23.16 8.51 -16.49
CA HIS C 53 24.45 9.16 -16.26
C HIS C 53 24.44 10.64 -16.64
N ASP C 54 23.28 11.13 -17.08
CA ASP C 54 23.17 12.53 -17.50
C ASP C 54 23.05 13.46 -16.30
N GLN C 55 23.92 14.47 -16.25
CA GLN C 55 23.91 15.44 -15.16
C GLN C 55 23.00 16.62 -15.49
N SER C 56 22.44 16.60 -16.70
CA SER C 56 21.57 17.68 -17.16
C SER C 56 20.45 17.98 -16.18
N GLU C 57 19.90 16.93 -15.57
CA GLU C 57 18.82 17.07 -14.62
C GLU C 57 19.11 16.33 -13.32
N ARG C 58 18.43 16.73 -12.25
CA ARG C 58 18.57 16.07 -10.96
C ARG C 58 17.23 16.05 -10.24
N ARG C 59 16.93 14.92 -9.60
CA ARG C 59 15.65 14.75 -8.95
C ARG C 59 15.78 14.20 -7.53
N PHE C 60 14.89 14.62 -6.64
CA PHE C 60 14.88 14.14 -5.28
C PHE C 60 13.47 13.74 -4.84
N ILE C 61 13.40 12.75 -3.96
CA ILE C 61 12.13 12.34 -3.38
C ILE C 61 12.00 12.97 -1.99
N ILE C 62 10.84 13.56 -1.72
CA ILE C 62 10.58 14.15 -0.41
C ILE C 62 9.99 13.11 0.52
N LYS C 63 10.69 12.82 1.62
CA LYS C 63 10.24 11.82 2.58
C LYS C 63 10.02 12.43 3.95
N ASP C 64 8.94 12.02 4.62
CA ASP C 64 8.64 12.51 5.95
C ASP C 64 9.54 11.86 6.99
N LEU C 65 9.29 12.18 8.25
CA LEU C 65 10.08 11.63 9.36
C LEU C 65 9.95 10.11 9.40
N LYS C 66 8.84 9.60 8.87
CA LYS C 66 8.58 8.17 8.88
C LYS C 66 9.12 7.51 7.62
N ASP C 67 9.76 8.33 6.79
CA ASP C 67 10.32 7.86 5.51
C ASP C 67 9.24 7.36 4.54
N ASN C 68 8.01 7.83 4.72
CA ASN C 68 6.99 7.66 3.70
C ASN C 68 7.29 8.66 2.59
N LYS C 69 6.82 8.39 1.38
CA LYS C 69 7.17 9.26 0.26
C LYS C 69 6.13 10.36 0.08
N VAL C 70 6.55 11.58 0.38
CA VAL C 70 5.66 12.74 0.37
C VAL C 70 5.43 13.31 -1.03
N GLY C 71 6.50 13.49 -1.79
CA GLY C 71 6.41 14.13 -3.09
C GLY C 71 7.69 14.12 -3.89
N LEU C 72 7.75 14.98 -4.90
CA LEU C 72 8.89 15.00 -5.83
C LEU C 72 9.39 16.42 -6.11
N VAL C 73 10.69 16.55 -6.33
CA VAL C 73 11.29 17.82 -6.72
C VAL C 73 12.25 17.62 -7.88
N GLU C 74 12.13 18.45 -8.91
CA GLU C 74 12.93 18.29 -10.12
C GLU C 74 13.78 19.52 -10.43
N LEU C 75 15.08 19.30 -10.61
CA LEU C 75 15.96 20.33 -11.13
C LEU C 75 16.29 20.01 -12.58
N THR C 76 15.76 20.81 -13.50
CA THR C 76 15.94 20.56 -14.92
C THR C 76 16.71 21.68 -15.60
N GLU C 77 16.97 21.53 -16.89
CA GLU C 77 17.61 22.55 -17.70
C GLU C 77 18.84 23.14 -17.01
N ILE C 78 19.65 22.28 -16.40
CA ILE C 78 20.86 22.73 -15.72
C ILE C 78 21.93 23.14 -16.72
N ASP C 79 22.42 24.37 -16.58
CA ASP C 79 23.49 24.88 -17.43
C ASP C 79 24.66 25.31 -16.56
N PHE C 80 25.79 24.63 -16.71
CA PHE C 80 26.95 24.90 -15.85
C PHE C 80 27.79 26.09 -16.31
N ILE C 81 27.39 26.70 -17.43
CA ILE C 81 28.02 27.94 -17.87
C ILE C 81 27.31 29.13 -17.23
N HIS C 82 26.03 29.29 -17.54
CA HIS C 82 25.22 30.38 -17.00
C HIS C 82 24.74 30.06 -15.61
N ARG C 83 24.82 28.79 -15.23
CA ARG C 83 24.52 28.39 -13.88
C ARG C 83 23.10 28.70 -13.50
N ARG C 84 22.18 28.08 -14.20
CA ARG C 84 20.77 28.24 -13.87
C ARG C 84 20.10 26.91 -14.11
N CYS C 85 19.12 26.61 -13.28
CA CYS C 85 18.33 25.40 -13.44
C CYS C 85 16.88 25.76 -13.23
N GLU C 86 16.00 24.99 -13.86
CA GLU C 86 14.57 25.18 -13.66
C GLU C 86 14.08 24.33 -12.51
N PHE C 87 13.42 24.96 -11.54
CA PHE C 87 12.90 24.26 -10.39
C PHE C 87 11.43 23.91 -10.59
N ALA C 88 11.07 22.70 -10.18
CA ALA C 88 9.68 22.26 -10.21
C ALA C 88 9.43 21.33 -9.03
N ILE C 89 8.27 21.43 -8.41
CA ILE C 89 7.96 20.62 -7.24
C ILE C 89 6.53 20.08 -7.28
N ILE C 90 6.38 18.82 -6.88
CA ILE C 90 5.09 18.16 -6.85
C ILE C 90 4.85 17.48 -5.51
N ILE C 91 3.64 17.65 -4.98
CA ILE C 91 3.29 17.07 -3.69
C ILE C 91 2.06 16.18 -3.81
N SER C 92 2.13 14.99 -3.19
CA SER C 92 1.04 14.03 -3.26
C SER C 92 -0.28 14.64 -2.80
N PRO C 93 -1.39 14.16 -3.38
CA PRO C 93 -2.73 14.69 -3.10
C PRO C 93 -3.10 14.60 -1.62
N GLY C 94 -2.45 13.69 -0.89
CA GLY C 94 -2.69 13.54 0.53
C GLY C 94 -1.98 14.54 1.42
N GLU C 95 -0.76 14.90 1.04
CA GLU C 95 0.12 15.70 1.88
C GLU C 95 0.05 17.22 1.65
N GLU C 96 -0.89 17.63 0.81
CA GLU C 96 -1.01 19.03 0.38
C GLU C 96 -1.32 20.06 1.46
N GLY C 97 -1.45 19.58 2.68
CA GLY C 97 -1.89 20.33 3.85
C GLY C 97 -0.82 21.37 4.18
N LYS C 98 -0.18 21.25 5.34
CA LYS C 98 0.74 22.27 5.83
C LYS C 98 1.51 22.90 4.67
N GLY C 99 1.56 22.19 3.55
CA GLY C 99 2.03 22.71 2.29
C GLY C 99 3.34 22.12 1.82
N TYR C 100 4.14 21.61 2.75
CA TYR C 100 5.27 20.73 2.42
C TYR C 100 6.02 21.22 1.18
N ALA C 101 6.04 22.54 0.99
CA ALA C 101 6.62 23.15 -0.21
C ALA C 101 7.84 23.97 0.18
N THR C 102 7.61 24.96 1.03
CA THR C 102 8.68 25.83 1.52
C THR C 102 9.83 25.05 2.15
N GLU C 103 9.51 24.10 3.04
CA GLU C 103 10.56 23.29 3.67
C GLU C 103 11.41 22.59 2.62
N ALA C 104 10.77 21.86 1.73
CA ALA C 104 11.47 21.15 0.67
C ALA C 104 12.11 22.15 -0.30
N THR C 105 11.33 23.14 -0.74
CA THR C 105 11.81 24.13 -1.70
C THR C 105 13.10 24.79 -1.24
N ASP C 106 13.03 25.54 -0.15
CA ASP C 106 14.20 26.22 0.39
C ASP C 106 15.39 25.27 0.59
N LEU C 107 15.08 24.01 0.87
CA LEU C 107 16.11 22.99 1.03
C LEU C 107 16.91 22.80 -0.26
N THR C 108 16.18 22.51 -1.33
CA THR C 108 16.81 22.23 -2.61
C THR C 108 17.63 23.42 -3.08
N VAL C 109 17.11 24.62 -2.81
CA VAL C 109 17.79 25.84 -3.21
C VAL C 109 19.20 25.90 -2.63
N GLU C 110 19.35 25.40 -1.40
CA GLU C 110 20.66 25.30 -0.78
C GLU C 110 21.55 24.33 -1.56
N TYR C 111 21.00 23.16 -1.86
CA TYR C 111 21.71 22.16 -2.65
C TYR C 111 22.21 22.78 -3.94
N ALA C 112 21.34 23.52 -4.63
CA ALA C 112 21.72 24.21 -5.85
C ALA C 112 22.90 25.15 -5.62
N PHE C 113 22.69 26.16 -4.78
CA PHE C 113 23.71 27.18 -4.53
C PHE C 113 24.89 26.67 -3.71
N SER C 114 24.60 25.99 -2.60
CA SER C 114 25.64 25.60 -1.66
C SER C 114 26.38 24.32 -2.04
N ILE C 115 25.88 23.61 -3.06
CA ILE C 115 26.52 22.38 -3.51
C ILE C 115 26.85 22.43 -4.99
N LEU C 116 25.82 22.49 -5.84
CA LEU C 116 26.01 22.59 -7.28
C LEU C 116 26.69 23.90 -7.64
N ASN C 117 26.76 24.81 -6.67
CA ASN C 117 27.39 26.11 -6.86
C ASN C 117 26.76 26.89 -8.01
N LEU C 118 25.44 26.80 -8.13
CA LEU C 118 24.74 27.53 -9.17
C LEU C 118 24.60 29.01 -8.82
N HIS C 119 23.93 29.75 -9.68
CA HIS C 119 23.75 31.18 -9.49
C HIS C 119 22.28 31.53 -9.38
N LYS C 120 21.53 31.27 -10.45
CA LYS C 120 20.12 31.61 -10.52
C LYS C 120 19.23 30.36 -10.66
N ILE C 121 18.07 30.41 -10.02
CA ILE C 121 17.06 29.36 -10.17
C ILE C 121 15.74 29.99 -10.60
N TYR C 122 15.05 29.34 -11.53
CA TYR C 122 13.76 29.84 -11.99
C TYR C 122 12.70 28.74 -12.02
N LEU C 123 11.43 29.15 -12.08
CA LEU C 123 10.32 28.21 -12.08
C LEU C 123 9.11 28.80 -12.80
N LEU C 124 8.18 27.94 -13.17
CA LEU C 124 6.97 28.37 -13.89
C LEU C 124 5.69 27.97 -13.15
N VAL C 125 4.76 28.91 -13.04
CA VAL C 125 3.48 28.66 -12.41
C VAL C 125 2.35 29.33 -13.19
N ASP C 126 1.15 28.75 -13.12
CA ASP C 126 -0.01 29.28 -13.81
C ASP C 126 -0.53 30.55 -13.15
N GLU C 127 -1.25 31.36 -13.92
CA GLU C 127 -1.92 32.54 -13.38
C GLU C 127 -2.94 32.13 -12.34
N ASP C 128 -3.55 30.97 -12.56
CA ASP C 128 -4.72 30.55 -11.78
C ASP C 128 -4.37 29.85 -10.47
N ASN C 129 -3.08 29.75 -10.17
CA ASN C 129 -2.66 29.21 -8.89
C ASN C 129 -1.88 30.24 -8.06
N PRO C 130 -2.61 31.20 -7.46
CA PRO C 130 -2.04 32.21 -6.57
C PRO C 130 -1.54 31.57 -5.28
N ALA C 131 -2.12 30.43 -4.93
CA ALA C 131 -1.78 29.74 -3.68
C ALA C 131 -0.29 29.43 -3.59
N ALA C 132 0.19 28.51 -4.42
CA ALA C 132 1.59 28.12 -4.40
C ALA C 132 2.47 29.26 -4.90
N LEU C 133 1.89 30.12 -5.74
CA LEU C 133 2.60 31.29 -6.25
C LEU C 133 3.25 32.05 -5.11
N HIS C 134 2.49 32.29 -4.05
CA HIS C 134 2.95 33.04 -2.89
C HIS C 134 3.87 32.24 -2.00
N ILE C 135 3.67 30.92 -1.98
CA ILE C 135 4.56 30.04 -1.27
C ILE C 135 5.97 30.21 -1.81
N TYR C 136 6.05 30.46 -3.12
CA TYR C 136 7.32 30.61 -3.81
C TYR C 136 7.98 31.95 -3.49
N ARG C 137 7.17 33.00 -3.35
CA ARG C 137 7.67 34.33 -3.04
C ARG C 137 7.84 34.50 -1.56
N LYS C 138 7.58 33.42 -0.85
CA LYS C 138 7.96 33.27 0.53
C LYS C 138 9.20 32.41 0.54
N SER C 139 9.70 32.07 -0.64
CA SER C 139 11.01 31.44 -0.79
C SER C 139 12.10 32.38 -1.30
N GLY C 140 11.75 33.63 -1.51
CA GLY C 140 12.68 34.61 -2.05
C GLY C 140 12.55 34.74 -3.55
N PHE C 141 11.56 34.07 -4.12
CA PHE C 141 11.30 34.15 -5.56
C PHE C 141 10.61 35.46 -5.93
N ALA C 142 10.89 35.94 -7.14
CA ALA C 142 10.24 37.14 -7.65
C ALA C 142 10.06 37.02 -9.16
N GLU C 143 8.96 37.55 -9.67
CA GLU C 143 8.62 37.38 -11.08
C GLU C 143 9.56 38.16 -12.00
N GLU C 144 10.23 37.44 -12.89
CA GLU C 144 11.05 38.08 -13.92
C GLU C 144 10.32 38.15 -15.26
N GLY C 145 9.12 37.60 -15.33
CA GLY C 145 8.33 37.63 -16.55
C GLY C 145 7.01 36.89 -16.48
N LYS C 146 6.12 37.22 -17.42
CA LYS C 146 4.83 36.57 -17.54
C LYS C 146 4.65 36.09 -18.98
N LEU C 147 4.61 34.78 -19.18
CA LEU C 147 4.60 34.22 -20.53
C LEU C 147 3.19 33.96 -21.06
N VAL C 148 2.83 34.70 -22.10
CA VAL C 148 1.50 34.62 -22.71
C VAL C 148 1.34 33.38 -23.58
N ASP C 149 0.27 32.62 -23.35
CA ASP C 149 -0.03 31.44 -24.14
C ASP C 149 1.19 30.52 -24.24
N GLU C 150 1.99 30.49 -23.18
CA GLU C 150 3.21 29.71 -23.16
C GLU C 150 2.92 28.21 -23.14
N TYR C 151 1.78 27.84 -22.57
CA TYR C 151 1.39 26.44 -22.47
C TYR C 151 -0.03 26.22 -22.96
N TYR C 152 -0.32 24.97 -23.36
CA TYR C 152 -1.68 24.60 -23.73
C TYR C 152 -2.17 23.52 -22.79
N SER C 153 -3.14 23.85 -21.96
CA SER C 153 -3.67 22.91 -20.97
C SER C 153 -5.19 22.95 -20.90
N LYS C 154 -5.81 21.80 -21.12
CA LYS C 154 -7.25 21.64 -21.01
C LYS C 154 -8.05 22.65 -21.85
N GLY C 155 -7.88 22.54 -23.17
CA GLY C 155 -8.73 23.27 -24.11
C GLY C 155 -8.36 24.71 -24.40
N ARG C 156 -7.54 25.30 -23.54
CA ARG C 156 -7.19 26.71 -23.70
C ARG C 156 -5.73 27.00 -23.40
N TYR C 157 -5.12 27.87 -24.19
CA TYR C 157 -3.75 28.31 -23.95
C TYR C 157 -3.69 29.03 -22.62
N ARG C 158 -2.78 28.58 -21.75
CA ARG C 158 -2.64 29.20 -20.44
C ARG C 158 -1.51 30.22 -20.46
N THR C 159 -1.30 30.89 -19.32
CA THR C 159 -0.23 31.86 -19.19
C THR C 159 0.52 31.63 -17.89
N ALA C 160 1.83 31.45 -17.99
CA ALA C 160 2.65 31.10 -16.83
C ALA C 160 3.53 32.25 -16.36
N ILE C 161 3.69 32.34 -15.04
CA ILE C 161 4.56 33.35 -14.44
C ILE C 161 5.93 32.76 -14.14
N ARG C 162 6.97 33.40 -14.64
CA ARG C 162 8.34 32.96 -14.37
C ARG C 162 8.98 33.76 -13.25
N MSE C 163 9.35 33.07 -12.18
CA MSE C 163 9.97 33.71 -11.02
C MSE C 163 11.35 33.13 -10.80
O MSE C 163 11.64 32.01 -11.21
CB MSE C 163 9.10 33.49 -9.79
CG MSE C 163 7.66 33.92 -9.98
SE MSE C 163 6.48 33.03 -8.72
CE MSE C 163 7.33 33.59 -7.07
N TYR C 164 12.21 33.90 -10.14
CA TYR C 164 13.59 33.48 -9.95
C TYR C 164 14.14 33.83 -8.57
N VAL C 165 15.38 33.42 -8.32
CA VAL C 165 16.13 33.86 -7.16
C VAL C 165 17.61 33.83 -7.51
N LEU C 166 18.36 34.82 -7.02
CA LEU C 166 19.80 34.84 -7.20
C LEU C 166 20.48 34.16 -6.02
N LYS C 167 21.81 34.24 -5.97
CA LYS C 167 22.56 33.52 -4.94
C LYS C 167 22.90 34.39 -3.73
N LYS D 5 11.77 39.87 -50.35
CA LYS D 5 11.78 40.55 -51.64
C LYS D 5 13.18 41.09 -51.95
N LYS D 6 13.82 41.64 -50.93
CA LYS D 6 15.21 42.08 -51.05
C LYS D 6 16.11 40.89 -50.74
N ILE D 7 15.48 39.81 -50.29
CA ILE D 7 16.21 38.66 -49.79
C ILE D 7 15.39 37.38 -49.94
N ARG D 8 16.06 36.24 -49.86
CA ARG D 8 15.39 34.94 -49.87
C ARG D 8 15.90 34.06 -48.75
N LEU D 9 15.13 33.03 -48.42
CA LEU D 9 15.55 32.07 -47.39
C LEU D 9 15.77 30.68 -47.98
N SER D 10 16.90 30.08 -47.65
CA SER D 10 17.24 28.76 -48.14
C SER D 10 17.37 27.76 -47.00
N ALA D 11 16.81 26.56 -47.19
CA ALA D 11 16.94 25.50 -46.20
C ALA D 11 18.41 25.12 -46.05
N LEU D 12 18.88 25.10 -44.81
CA LEU D 12 20.29 24.82 -44.55
C LEU D 12 20.70 23.42 -45.03
N GLU D 13 21.78 23.38 -45.81
CA GLU D 13 22.33 22.12 -46.29
C GLU D 13 23.70 21.90 -45.68
N ARG D 14 24.33 20.77 -46.01
CA ARG D 14 25.63 20.42 -45.45
C ARG D 14 26.73 21.38 -45.89
N GLU D 15 26.62 21.89 -47.11
CA GLU D 15 27.62 22.80 -47.66
C GLU D 15 27.58 24.17 -46.99
N ASP D 16 26.52 24.43 -46.24
CA ASP D 16 26.34 25.72 -45.58
C ASP D 16 27.06 25.78 -44.23
N LEU D 17 27.48 24.62 -43.74
CA LEU D 17 28.08 24.52 -42.41
C LEU D 17 29.31 25.41 -42.24
N LYS D 18 30.23 25.37 -43.21
CA LYS D 18 31.42 26.20 -43.18
C LYS D 18 31.07 27.66 -42.87
N PHE D 19 30.08 28.18 -43.57
CA PHE D 19 29.64 29.55 -43.39
C PHE D 19 29.14 29.78 -41.97
N VAL D 20 28.32 28.87 -41.47
CA VAL D 20 27.78 28.97 -40.12
C VAL D 20 28.90 29.08 -39.08
N HIS D 21 29.88 28.18 -39.18
CA HIS D 21 31.00 28.16 -38.26
C HIS D 21 31.73 29.50 -38.26
N GLU D 22 31.99 30.02 -39.45
CA GLU D 22 32.69 31.29 -39.59
C GLU D 22 31.98 32.43 -38.84
N LEU D 23 30.66 32.34 -38.76
CA LEU D 23 29.87 33.35 -38.06
C LEU D 23 30.08 33.30 -36.55
N ASN D 24 29.89 32.13 -35.97
CA ASN D 24 29.85 31.97 -34.52
C ASN D 24 31.20 32.17 -33.82
N ASN D 25 32.27 32.26 -34.60
CA ASN D 25 33.59 32.53 -34.03
C ASN D 25 33.64 33.94 -33.44
N ASN D 26 32.72 34.80 -33.87
CA ASN D 26 32.62 36.16 -33.36
C ASN D 26 32.38 36.19 -31.86
N MSE D 30 30.07 30.80 -26.75
CA MSE D 30 29.38 29.52 -26.67
C MSE D 30 28.29 29.41 -27.73
O MSE D 30 27.29 30.12 -27.68
CB MSE D 30 28.79 29.30 -25.28
CG MSE D 30 29.80 29.33 -24.16
SE MSE D 30 31.26 28.06 -24.45
CE MSE D 30 30.22 26.45 -24.70
N SER D 31 28.50 28.51 -28.70
CA SER D 31 27.50 28.26 -29.74
C SER D 31 26.95 26.85 -29.61
N TYR D 32 25.65 26.71 -29.84
CA TYR D 32 24.97 25.43 -29.64
C TYR D 32 24.34 24.88 -30.92
N TRP D 33 24.37 23.56 -31.06
CA TRP D 33 23.66 22.89 -32.12
C TRP D 33 22.76 21.83 -31.51
N PHE D 34 21.45 22.02 -31.62
CA PHE D 34 20.48 21.16 -30.96
C PHE D 34 20.80 21.01 -29.48
N GLU D 35 21.06 22.15 -28.83
CA GLU D 35 21.32 22.19 -27.39
C GLU D 35 22.66 21.55 -26.99
N GLU D 36 23.35 20.97 -27.97
CA GLU D 36 24.70 20.49 -27.74
C GLU D 36 25.72 21.54 -28.20
N PRO D 37 26.60 21.97 -27.29
CA PRO D 37 27.58 23.02 -27.57
C PRO D 37 28.70 22.51 -28.47
N TYR D 38 29.30 23.41 -29.25
CA TYR D 38 30.38 23.05 -30.14
C TYR D 38 31.33 24.21 -30.37
N GLU D 39 32.58 23.89 -30.73
CA GLU D 39 33.59 24.90 -31.04
C GLU D 39 34.18 24.66 -32.42
N SER D 40 34.86 23.53 -32.58
CA SER D 40 35.50 23.20 -33.84
C SER D 40 34.46 22.87 -34.92
N TYR D 41 34.88 23.02 -36.18
CA TYR D 41 34.02 22.73 -37.32
C TYR D 41 33.62 21.26 -37.32
N ARG D 42 34.60 20.39 -37.11
CA ARG D 42 34.36 18.95 -37.11
C ARG D 42 33.27 18.57 -36.12
N GLU D 43 33.27 19.23 -34.96
CA GLU D 43 32.21 19.03 -33.98
C GLU D 43 30.86 19.28 -34.64
N LEU D 44 30.66 20.53 -35.07
CA LEU D 44 29.44 20.92 -35.76
C LEU D 44 29.11 19.94 -36.90
N GLU D 45 30.14 19.59 -37.66
CA GLU D 45 29.97 18.66 -38.78
C GLU D 45 29.33 17.36 -38.32
N ASP D 46 29.85 16.80 -37.24
CA ASP D 46 29.30 15.58 -36.67
C ASP D 46 27.88 15.80 -36.16
N LEU D 47 27.70 16.84 -35.34
CA LEU D 47 26.39 17.15 -34.78
C LEU D 47 25.31 17.27 -35.86
N HIS D 48 25.67 17.90 -36.97
CA HIS D 48 24.73 18.08 -38.08
C HIS D 48 24.17 16.74 -38.55
N ILE D 49 25.06 15.79 -38.81
CA ILE D 49 24.65 14.47 -39.27
C ILE D 49 23.81 13.76 -38.22
N LYS D 50 24.27 13.83 -36.97
CA LYS D 50 23.60 13.17 -35.85
C LYS D 50 22.14 13.59 -35.69
N HIS D 51 21.91 14.90 -35.71
CA HIS D 51 20.56 15.45 -35.48
C HIS D 51 19.80 15.72 -36.78
N ILE D 52 20.38 15.34 -37.90
CA ILE D 52 19.84 15.70 -39.20
C ILE D 52 18.34 15.43 -39.38
N HIS D 53 17.84 14.37 -38.75
CA HIS D 53 16.43 14.02 -38.88
C HIS D 53 15.55 14.62 -37.78
N ASP D 54 16.16 15.39 -36.88
CA ASP D 54 15.43 15.99 -35.78
C ASP D 54 14.64 17.21 -36.23
N GLN D 55 13.34 17.22 -35.94
CA GLN D 55 12.47 18.33 -36.29
C GLN D 55 12.43 19.37 -35.17
N SER D 56 13.12 19.07 -34.08
CA SER D 56 13.15 19.96 -32.93
C SER D 56 13.54 21.39 -33.30
N GLU D 57 14.49 21.51 -34.22
CA GLU D 57 14.96 22.81 -34.66
C GLU D 57 14.95 22.92 -36.18
N ARG D 58 14.95 24.15 -36.68
CA ARG D 58 14.99 24.41 -38.11
C ARG D 58 15.81 25.66 -38.40
N ARG D 59 16.64 25.58 -39.44
CA ARG D 59 17.54 26.69 -39.77
C ARG D 59 17.47 27.06 -41.25
N PHE D 60 17.66 28.35 -41.52
CA PHE D 60 17.67 28.84 -42.90
C PHE D 60 18.86 29.77 -43.14
N ILE D 61 19.36 29.76 -44.36
CA ILE D 61 20.41 30.69 -44.76
C ILE D 61 19.79 31.85 -45.52
N ILE D 62 20.18 33.06 -45.16
CA ILE D 62 19.69 34.26 -45.83
C ILE D 62 20.60 34.58 -47.02
N LYS D 63 20.03 34.57 -48.22
CA LYS D 63 20.80 34.84 -49.43
C LYS D 63 20.26 36.06 -50.17
N ASP D 64 21.16 36.90 -50.67
CA ASP D 64 20.77 38.08 -51.42
C ASP D 64 20.30 37.71 -52.83
N LEU D 65 20.00 38.72 -53.63
CA LEU D 65 19.54 38.52 -55.00
C LEU D 65 20.62 37.81 -55.81
N LYS D 66 21.87 37.97 -55.40
CA LYS D 66 23.00 37.39 -56.11
C LYS D 66 23.31 35.99 -55.57
N ASP D 67 22.51 35.56 -54.60
CA ASP D 67 22.69 34.26 -53.95
C ASP D 67 24.01 34.17 -53.18
N ASN D 68 24.55 35.32 -52.78
CA ASN D 68 25.62 35.34 -51.80
C ASN D 68 25.00 35.08 -50.44
N LYS D 69 25.79 34.59 -49.49
CA LYS D 69 25.22 34.22 -48.20
C LYS D 69 25.28 35.37 -47.22
N VAL D 70 24.12 35.93 -46.91
CA VAL D 70 24.01 37.12 -46.07
C VAL D 70 24.11 36.82 -44.57
N GLY D 71 23.39 35.81 -44.11
CA GLY D 71 23.33 35.51 -42.69
C GLY D 71 22.58 34.23 -42.34
N LEU D 72 22.19 34.11 -41.08
CA LEU D 72 21.56 32.89 -40.58
C LEU D 72 20.34 33.17 -39.71
N VAL D 73 19.37 32.28 -39.76
CA VAL D 73 18.19 32.36 -38.91
C VAL D 73 17.87 31.00 -38.31
N GLU D 74 17.65 30.97 -36.99
CA GLU D 74 17.44 29.71 -36.28
C GLU D 74 16.10 29.64 -35.57
N LEU D 75 15.33 28.59 -35.85
CA LEU D 75 14.13 28.30 -35.08
C LEU D 75 14.43 27.12 -34.16
N THR D 76 14.49 27.39 -32.86
CA THR D 76 14.84 26.37 -31.89
C THR D 76 13.70 26.10 -30.92
N GLU D 77 13.91 25.15 -30.01
CA GLU D 77 12.95 24.86 -28.96
C GLU D 77 11.52 24.74 -29.50
N ILE D 78 11.36 24.09 -30.64
CA ILE D 78 10.04 23.91 -31.23
C ILE D 78 9.22 22.90 -30.45
N ASP D 79 8.02 23.30 -30.02
CA ASP D 79 7.11 22.43 -29.31
C ASP D 79 5.79 22.37 -30.07
N PHE D 80 5.44 21.19 -30.56
CA PHE D 80 4.24 21.04 -31.38
C PHE D 80 2.95 20.90 -30.58
N ILE D 81 3.09 20.86 -29.25
CA ILE D 81 1.92 20.88 -28.38
C ILE D 81 1.52 22.33 -28.10
N HIS D 82 2.41 23.07 -27.44
CA HIS D 82 2.16 24.48 -27.13
C HIS D 82 2.37 25.36 -28.37
N ARG D 83 2.92 24.79 -29.43
CA ARG D 83 3.17 25.53 -30.67
C ARG D 83 3.98 26.80 -30.41
N ARG D 84 5.20 26.68 -29.92
CA ARG D 84 6.06 27.84 -29.77
C ARG D 84 7.49 27.47 -30.13
N CYS D 85 8.21 28.42 -30.72
CA CYS D 85 9.61 28.21 -31.06
C CYS D 85 10.39 29.45 -30.70
N GLU D 86 11.67 29.28 -30.39
CA GLU D 86 12.54 30.41 -30.11
C GLU D 86 13.18 30.89 -31.40
N PHE D 87 13.02 32.19 -31.67
CA PHE D 87 13.62 32.77 -32.87
C PHE D 87 14.96 33.43 -32.55
N ALA D 88 15.92 33.24 -33.44
CA ALA D 88 17.22 33.90 -33.33
C ALA D 88 17.73 34.19 -34.73
N ILE D 89 18.38 35.34 -34.89
CA ILE D 89 18.88 35.74 -36.21
C ILE D 89 20.28 36.34 -36.14
N ILE D 90 21.11 35.98 -37.10
CA ILE D 90 22.48 36.49 -37.17
C ILE D 90 22.80 37.01 -38.57
N ILE D 91 23.43 38.17 -38.63
CA ILE D 91 23.78 38.78 -39.90
C ILE D 91 25.29 39.04 -40.00
N SER D 92 25.87 38.70 -41.14
CA SER D 92 27.31 38.85 -41.35
C SER D 92 27.76 40.28 -41.07
N PRO D 93 29.01 40.43 -40.61
CA PRO D 93 29.57 41.73 -40.24
C PRO D 93 29.58 42.72 -41.40
N GLY D 94 29.53 42.21 -42.62
CA GLY D 94 29.49 43.05 -43.80
C GLY D 94 28.12 43.60 -44.14
N GLU D 95 27.08 42.80 -43.91
CA GLU D 95 25.73 43.10 -44.40
C GLU D 95 24.82 43.81 -43.40
N GLU D 96 25.36 44.18 -42.24
CA GLU D 96 24.55 44.77 -41.18
C GLU D 96 23.87 46.09 -41.58
N GLY D 97 24.24 46.62 -42.73
CA GLY D 97 23.76 47.92 -43.18
C GLY D 97 22.31 48.08 -43.58
N LYS D 98 21.84 47.21 -44.49
CA LYS D 98 20.48 47.32 -45.00
C LYS D 98 19.54 46.60 -44.04
N GLY D 99 20.16 46.11 -42.98
CA GLY D 99 19.53 45.61 -41.79
C GLY D 99 19.15 44.16 -41.94
N TYR D 100 18.78 43.78 -43.16
CA TYR D 100 18.44 42.38 -43.48
C TYR D 100 17.75 41.66 -42.33
N ALA D 101 17.10 42.40 -41.44
CA ALA D 101 16.54 41.76 -40.26
C ALA D 101 15.04 41.62 -40.43
N THR D 102 14.37 42.76 -40.49
CA THR D 102 12.93 42.80 -40.70
C THR D 102 12.51 41.98 -41.93
N GLU D 103 13.21 42.17 -43.04
CA GLU D 103 12.88 41.42 -44.25
C GLU D 103 12.93 39.93 -43.96
N ALA D 104 14.08 39.44 -43.50
CA ALA D 104 14.23 38.03 -43.17
C ALA D 104 13.33 37.62 -42.01
N THR D 105 13.36 38.41 -40.93
CA THR D 105 12.58 38.12 -39.74
C THR D 105 11.10 37.87 -40.06
N ASP D 106 10.43 38.90 -40.55
CA ASP D 106 9.00 38.81 -40.87
C ASP D 106 8.72 37.64 -41.82
N LEU D 107 9.70 37.31 -42.66
CA LEU D 107 9.55 36.21 -43.60
C LEU D 107 9.45 34.87 -42.87
N THR D 108 10.39 34.62 -41.95
CA THR D 108 10.40 33.37 -41.20
C THR D 108 9.13 33.23 -40.38
N VAL D 109 8.66 34.34 -39.82
CA VAL D 109 7.46 34.34 -39.00
C VAL D 109 6.27 33.76 -39.77
N GLU D 110 6.21 34.06 -41.06
CA GLU D 110 5.19 33.49 -41.93
C GLU D 110 5.36 31.98 -42.02
N TYR D 111 6.59 31.55 -42.28
CA TYR D 111 6.90 30.12 -42.35
C TYR D 111 6.42 29.42 -41.08
N ALA D 112 6.71 30.02 -39.93
CA ALA D 112 6.26 29.49 -38.65
C ALA D 112 4.74 29.34 -38.62
N PHE D 113 4.04 30.47 -38.72
CA PHE D 113 2.58 30.49 -38.61
C PHE D 113 1.88 29.88 -39.82
N SER D 114 2.28 30.31 -41.01
CA SER D 114 1.57 29.93 -42.23
C SER D 114 1.96 28.56 -42.78
N ILE D 115 3.01 27.97 -42.22
CA ILE D 115 3.46 26.64 -42.66
C ILE D 115 3.52 25.66 -41.50
N LEU D 116 4.41 25.91 -40.55
CA LEU D 116 4.53 25.07 -39.37
C LEU D 116 3.26 25.12 -38.53
N ASN D 117 2.40 26.08 -38.85
CA ASN D 117 1.13 26.27 -38.14
C ASN D 117 1.33 26.48 -36.64
N LEU D 118 2.37 27.21 -36.28
CA LEU D 118 2.64 27.51 -34.88
C LEU D 118 1.69 28.58 -34.35
N HIS D 119 1.89 28.96 -33.10
CA HIS D 119 1.04 29.93 -32.45
C HIS D 119 1.86 31.14 -32.00
N LYS D 120 2.80 30.90 -31.10
CA LYS D 120 3.62 31.96 -30.53
C LYS D 120 5.10 31.79 -30.87
N ILE D 121 5.77 32.92 -31.09
CA ILE D 121 7.22 32.92 -31.29
C ILE D 121 7.87 33.89 -30.31
N TYR D 122 8.99 33.49 -29.73
CA TYR D 122 9.70 34.34 -28.78
C TYR D 122 11.19 34.43 -29.10
N LEU D 123 11.85 35.44 -28.55
CA LEU D 123 13.28 35.65 -28.79
C LEU D 123 13.93 36.36 -27.60
N LEU D 124 15.25 36.31 -27.54
CA LEU D 124 15.99 36.93 -26.45
C LEU D 124 17.02 37.93 -26.95
N VAL D 125 17.05 39.11 -26.33
CA VAL D 125 18.02 40.14 -26.67
C VAL D 125 18.57 40.82 -25.41
N ASP D 126 19.79 41.32 -25.50
CA ASP D 126 20.45 41.98 -24.38
C ASP D 126 19.84 43.35 -24.11
N GLU D 127 20.01 43.84 -22.89
CA GLU D 127 19.60 45.20 -22.53
C GLU D 127 20.36 46.21 -23.36
N ASP D 128 21.61 45.87 -23.67
CA ASP D 128 22.55 46.83 -24.25
C ASP D 128 22.46 46.94 -25.77
N ASN D 129 21.53 46.20 -26.37
CA ASN D 129 21.28 46.33 -27.80
C ASN D 129 19.86 46.79 -28.12
N PRO D 130 19.60 48.10 -27.92
CA PRO D 130 18.31 48.70 -28.25
C PRO D 130 18.11 48.76 -29.75
N ALA D 131 19.22 48.75 -30.49
CA ALA D 131 19.18 48.85 -31.94
C ALA D 131 18.28 47.78 -32.56
N ALA D 132 18.73 46.53 -32.49
CA ALA D 132 17.95 45.41 -33.03
C ALA D 132 16.69 45.20 -32.21
N LEU D 133 16.73 45.61 -30.94
CA LEU D 133 15.57 45.52 -30.07
C LEU D 133 14.34 46.13 -30.74
N HIS D 134 14.51 47.34 -31.27
CA HIS D 134 13.41 48.05 -31.92
C HIS D 134 13.09 47.49 -33.30
N ILE D 135 14.09 46.93 -33.96
CA ILE D 135 13.88 46.26 -35.24
C ILE D 135 12.85 45.15 -35.05
N TYR D 136 12.95 44.46 -33.92
CA TYR D 136 12.03 43.38 -33.58
C TYR D 136 10.64 43.93 -33.26
N ARG D 137 10.61 45.08 -32.62
CA ARG D 137 9.34 45.72 -32.26
C ARG D 137 8.57 46.13 -33.50
N LYS D 138 9.28 46.59 -34.51
CA LYS D 138 8.65 47.02 -35.75
C LYS D 138 8.06 45.84 -36.51
N SER D 139 8.43 44.63 -36.08
CA SER D 139 7.89 43.41 -36.69
C SER D 139 6.65 42.90 -35.96
N GLY D 140 6.31 43.54 -34.84
CA GLY D 140 5.17 43.13 -34.06
C GLY D 140 5.51 42.42 -32.76
N PHE D 141 6.79 42.33 -32.45
CA PHE D 141 7.24 41.75 -31.19
C PHE D 141 6.98 42.68 -30.01
N ALA D 142 6.74 42.09 -28.85
CA ALA D 142 6.52 42.86 -27.62
C ALA D 142 7.06 42.09 -26.42
N GLU D 143 7.62 42.81 -25.45
CA GLU D 143 8.29 42.17 -24.32
C GLU D 143 7.31 41.49 -23.37
N GLU D 144 7.49 40.18 -23.19
CA GLU D 144 6.72 39.44 -22.19
C GLU D 144 7.49 39.22 -20.89
N GLY D 145 8.73 39.68 -20.85
CA GLY D 145 9.55 39.53 -19.66
C GLY D 145 10.97 40.03 -19.80
N LYS D 146 11.61 40.27 -18.65
CA LYS D 146 13.00 40.68 -18.59
C LYS D 146 13.76 39.78 -17.63
N LEU D 147 14.70 39.00 -18.16
CA LEU D 147 15.37 37.98 -17.36
C LEU D 147 16.68 38.47 -16.74
N VAL D 148 16.68 38.55 -15.41
CA VAL D 148 17.83 39.05 -14.66
C VAL D 148 18.95 38.01 -14.57
N ASP D 149 20.16 38.43 -14.92
CA ASP D 149 21.33 37.56 -14.84
C ASP D 149 21.06 36.22 -15.53
N GLU D 150 20.27 36.26 -16.59
CA GLU D 150 19.89 35.05 -17.32
C GLU D 150 21.08 34.45 -18.06
N TYR D 151 22.01 35.31 -18.47
CA TYR D 151 23.19 34.86 -19.20
C TYR D 151 24.47 35.40 -18.58
N TYR D 152 25.58 34.74 -18.87
CA TYR D 152 26.89 35.23 -18.46
C TYR D 152 27.75 35.46 -19.69
N SER D 153 28.05 36.73 -19.97
CA SER D 153 28.83 37.08 -21.15
C SER D 153 29.89 38.14 -20.81
N LYS D 154 31.14 37.80 -21.10
CA LYS D 154 32.25 38.72 -20.94
C LYS D 154 32.37 39.30 -19.52
N GLY D 155 32.61 38.43 -18.55
CA GLY D 155 32.96 38.84 -17.20
C GLY D 155 31.82 39.22 -16.28
N ARG D 156 30.65 39.48 -16.85
CA ARG D 156 29.51 39.92 -16.05
C ARG D 156 28.19 39.28 -16.49
N TYR D 157 27.37 38.93 -15.51
CA TYR D 157 26.04 38.39 -15.79
C TYR D 157 25.21 39.46 -16.50
N ARG D 158 24.66 39.11 -17.65
CA ARG D 158 23.86 40.05 -18.42
C ARG D 158 22.38 39.85 -18.13
N THR D 159 21.55 40.69 -18.74
CA THR D 159 20.10 40.59 -18.58
C THR D 159 19.43 40.68 -19.94
N ALA D 160 18.61 39.68 -20.27
CA ALA D 160 18.00 39.58 -21.59
C ALA D 160 16.50 39.87 -21.57
N ILE D 161 16.03 40.55 -22.61
CA ILE D 161 14.62 40.85 -22.76
C ILE D 161 13.95 39.80 -23.65
N ARG D 162 12.87 39.20 -23.15
CA ARG D 162 12.12 38.22 -23.92
C ARG D 162 10.89 38.85 -24.54
N MSE D 163 10.84 38.83 -25.87
CA MSE D 163 9.72 39.40 -26.62
C MSE D 163 9.04 38.31 -27.43
O MSE D 163 9.65 37.29 -27.77
CB MSE D 163 10.20 40.51 -27.54
CG MSE D 163 10.99 41.60 -26.82
SE MSE D 163 12.11 42.61 -28.05
CE MSE D 163 10.72 43.32 -29.21
N TYR D 164 7.76 38.52 -27.76
CA TYR D 164 7.00 37.49 -28.46
C TYR D 164 6.06 38.09 -29.50
N VAL D 165 5.39 37.20 -30.22
CA VAL D 165 4.29 37.58 -31.09
C VAL D 165 3.31 36.41 -31.18
N LEU D 166 2.03 36.73 -31.20
CA LEU D 166 1.01 35.69 -31.38
C LEU D 166 0.73 35.53 -32.86
N LYS D 167 -0.24 34.70 -33.21
CA LYS D 167 -0.49 34.37 -34.61
C LYS D 167 -1.48 35.31 -35.29
N LYS D 168 -2.76 35.20 -34.92
CA LYS D 168 -3.80 35.98 -35.59
C LYS D 168 -3.60 37.47 -35.41
N LYS E 5 -17.73 9.96 -16.85
CA LYS E 5 -18.44 9.98 -15.56
C LYS E 5 -18.94 8.59 -15.22
N LYS E 6 -19.41 7.87 -16.22
CA LYS E 6 -19.81 6.48 -16.05
C LYS E 6 -18.58 5.62 -16.29
N ILE E 7 -17.51 6.26 -16.74
CA ILE E 7 -16.32 5.57 -17.17
C ILE E 7 -15.07 6.44 -17.02
N ARG E 8 -13.90 5.81 -17.05
CA ARG E 8 -12.64 6.54 -17.02
C ARG E 8 -11.70 6.01 -18.10
N LEU E 9 -10.69 6.80 -18.44
CA LEU E 9 -9.68 6.39 -19.41
C LEU E 9 -8.31 6.25 -18.77
N SER E 10 -7.65 5.12 -19.03
CA SER E 10 -6.33 4.86 -18.48
C SER E 10 -5.30 4.73 -19.59
N ALA E 11 -4.14 5.34 -19.39
CA ALA E 11 -3.04 5.21 -20.34
C ALA E 11 -2.60 3.76 -20.42
N LEU E 12 -2.52 3.23 -21.63
CA LEU E 12 -2.18 1.83 -21.83
C LEU E 12 -0.80 1.50 -21.27
N GLU E 13 -0.72 0.41 -20.52
CA GLU E 13 0.54 -0.06 -19.95
C GLU E 13 0.81 -1.47 -20.44
N ARG E 14 1.98 -2.00 -20.10
CA ARG E 14 2.40 -3.31 -20.59
C ARG E 14 1.47 -4.41 -20.12
N GLU E 15 0.93 -4.27 -18.91
CA GLU E 15 0.04 -5.27 -18.34
C GLU E 15 -1.31 -5.32 -19.05
N ASP E 16 -1.60 -4.29 -19.85
CA ASP E 16 -2.87 -4.21 -20.56
C ASP E 16 -2.86 -4.99 -21.87
N LEU E 17 -1.67 -5.38 -22.31
CA LEU E 17 -1.51 -6.05 -23.61
C LEU E 17 -2.35 -7.31 -23.74
N LYS E 18 -2.31 -8.17 -22.74
CA LYS E 18 -3.08 -9.40 -22.74
C LYS E 18 -4.54 -9.13 -23.10
N PHE E 19 -5.12 -8.13 -22.46
CA PHE E 19 -6.51 -7.75 -22.70
C PHE E 19 -6.73 -7.32 -24.15
N VAL E 20 -5.82 -6.51 -24.66
CA VAL E 20 -5.91 -6.03 -26.03
C VAL E 20 -5.93 -7.18 -27.02
N HIS E 21 -5.00 -8.12 -26.85
CA HIS E 21 -4.91 -9.29 -27.71
C HIS E 21 -6.23 -10.07 -27.73
N GLU E 22 -6.77 -10.30 -26.54
CA GLU E 22 -8.02 -11.04 -26.41
C GLU E 22 -9.15 -10.41 -27.21
N LEU E 23 -9.13 -9.09 -27.35
CA LEU E 23 -10.14 -8.38 -28.12
C LEU E 23 -10.04 -8.65 -29.61
N ASN E 24 -8.85 -8.43 -30.17
CA ASN E 24 -8.66 -8.46 -31.62
C ASN E 24 -8.78 -9.83 -32.26
N ASN E 25 -8.87 -10.87 -31.44
CA ASN E 25 -9.09 -12.21 -31.96
C ASN E 25 -10.48 -12.36 -32.57
N ASN E 26 -11.38 -11.45 -32.18
CA ASN E 26 -12.75 -11.45 -32.70
C ASN E 26 -12.82 -11.22 -34.19
N LEU E 27 -11.92 -10.38 -34.70
CA LEU E 27 -12.12 -9.84 -36.04
C LEU E 27 -11.93 -10.88 -37.13
N SER E 28 -12.03 -10.43 -38.38
CA SER E 28 -11.53 -11.16 -39.53
C SER E 28 -10.04 -11.21 -39.24
N ILE E 29 -9.71 -10.61 -38.11
CA ILE E 29 -8.39 -10.18 -37.73
C ILE E 29 -7.93 -9.03 -38.63
N MSE E 30 -6.78 -9.20 -39.22
CA MSE E 30 -5.85 -8.11 -39.50
C MSE E 30 -5.84 -7.00 -38.45
O MSE E 30 -6.58 -6.03 -38.57
CB MSE E 30 -5.88 -7.59 -40.93
CG MSE E 30 -5.73 -8.67 -41.99
SE MSE E 30 -4.46 -10.09 -41.55
CE MSE E 30 -2.85 -9.01 -41.27
N SER E 31 -5.10 -7.22 -37.37
CA SER E 31 -4.91 -6.17 -36.37
C SER E 31 -3.51 -5.56 -36.49
N TYR E 32 -3.43 -4.24 -36.33
CA TYR E 32 -2.17 -3.52 -36.53
C TYR E 32 -1.68 -2.81 -35.27
N TRP E 33 -0.37 -2.80 -35.09
CA TRP E 33 0.25 -2.00 -34.03
C TRP E 33 1.29 -1.09 -34.66
N PHE E 34 1.04 0.21 -34.61
CA PHE E 34 1.89 1.19 -35.29
C PHE E 34 2.09 0.81 -36.76
N GLU E 35 0.99 0.47 -37.42
CA GLU E 35 0.99 0.14 -38.85
C GLU E 35 1.69 -1.19 -39.17
N GLU E 36 2.27 -1.81 -38.14
CA GLU E 36 2.81 -3.16 -38.30
C GLU E 36 1.79 -4.18 -37.83
N PRO E 37 1.43 -5.12 -38.71
CA PRO E 37 0.40 -6.13 -38.41
C PRO E 37 0.92 -7.20 -37.45
N TYR E 38 0.01 -7.79 -36.67
CA TYR E 38 0.40 -8.82 -35.71
C TYR E 38 -0.73 -9.81 -35.47
N GLU E 39 -0.37 -11.01 -35.06
CA GLU E 39 -1.35 -12.05 -34.74
C GLU E 39 -1.12 -12.57 -33.32
N SER E 40 0.03 -13.19 -33.10
CA SER E 40 0.35 -13.75 -31.80
C SER E 40 0.59 -12.67 -30.76
N TYR E 41 0.41 -13.02 -29.50
CA TYR E 41 0.63 -12.10 -28.38
C TYR E 41 2.06 -11.63 -28.34
N ARG E 42 2.98 -12.59 -28.45
CA ARG E 42 4.41 -12.33 -28.46
C ARG E 42 4.78 -11.26 -29.48
N GLU E 43 4.18 -11.32 -30.66
CA GLU E 43 4.38 -10.31 -31.68
C GLU E 43 4.06 -8.94 -31.10
N LEU E 44 2.79 -8.76 -30.70
CA LEU E 44 2.35 -7.53 -30.08
C LEU E 44 3.27 -7.13 -28.94
N GLU E 45 3.64 -8.10 -28.11
CA GLU E 45 4.51 -7.85 -26.98
C GLU E 45 5.80 -7.17 -27.44
N ASP E 46 6.40 -7.70 -28.50
CA ASP E 46 7.62 -7.12 -29.07
C ASP E 46 7.35 -5.74 -29.63
N LEU E 47 6.34 -5.63 -30.48
CA LEU E 47 5.99 -4.36 -31.12
C LEU E 47 5.80 -3.26 -30.09
N HIS E 48 5.15 -3.59 -28.98
CA HIS E 48 4.91 -2.63 -27.91
C HIS E 48 6.22 -1.99 -27.43
N ILE E 49 7.19 -2.83 -27.11
CA ILE E 49 8.48 -2.35 -26.62
C ILE E 49 9.19 -1.53 -27.69
N LYS E 50 9.18 -2.04 -28.92
CA LYS E 50 9.84 -1.40 -30.05
C LYS E 50 9.37 0.03 -30.27
N HIS E 51 8.06 0.22 -30.32
CA HIS E 51 7.47 1.53 -30.61
C HIS E 51 7.11 2.34 -29.36
N ILE E 52 7.49 1.83 -28.19
CA ILE E 52 7.07 2.40 -26.92
C ILE E 52 7.27 3.91 -26.82
N HIS E 53 8.31 4.43 -27.45
CA HIS E 53 8.61 5.85 -27.38
C HIS E 53 8.02 6.67 -28.53
N ASP E 54 7.30 5.98 -29.42
CA ASP E 54 6.71 6.64 -30.57
C ASP E 54 5.43 7.40 -30.18
N GLN E 55 5.40 8.68 -30.53
CA GLN E 55 4.24 9.52 -30.25
C GLN E 55 3.23 9.48 -31.39
N SER E 56 3.59 8.75 -32.45
CA SER E 56 2.73 8.64 -33.63
C SER E 56 1.32 8.20 -33.27
N GLU E 57 1.21 7.28 -32.31
CA GLU E 57 -0.08 6.77 -31.88
C GLU E 57 -0.24 6.85 -30.38
N ARG E 58 -1.49 6.83 -29.91
CA ARG E 58 -1.78 6.85 -28.48
C ARG E 58 -2.99 5.98 -28.20
N ARG E 59 -2.94 5.22 -27.11
CA ARG E 59 -4.01 4.29 -26.77
C ARG E 59 -4.44 4.41 -25.32
N PHE E 60 -5.73 4.18 -25.07
CA PHE E 60 -6.25 4.19 -23.71
C PHE E 60 -7.14 2.99 -23.44
N ILE E 61 -7.15 2.54 -22.20
CA ILE E 61 -8.04 1.46 -21.78
C ILE E 61 -9.26 2.07 -21.08
N ILE E 62 -10.44 1.62 -21.47
CA ILE E 62 -11.67 2.09 -20.84
C ILE E 62 -12.00 1.23 -19.63
N LYS E 63 -12.04 1.84 -18.45
CA LYS E 63 -12.32 1.11 -17.21
C LYS E 63 -13.58 1.65 -16.53
N ASP E 64 -14.39 0.73 -16.02
CA ASP E 64 -15.60 1.11 -15.32
C ASP E 64 -15.30 1.65 -13.92
N LEU E 65 -16.35 1.94 -13.16
CA LEU E 65 -16.20 2.46 -11.82
C LEU E 65 -15.47 1.46 -10.93
N LYS E 66 -15.57 0.19 -11.29
CA LYS E 66 -14.96 -0.89 -10.51
C LYS E 66 -13.54 -1.16 -11.00
N ASP E 67 -13.12 -0.38 -12.00
CA ASP E 67 -11.80 -0.54 -12.60
C ASP E 67 -11.62 -1.89 -13.31
N ASN E 68 -12.74 -2.49 -13.71
CA ASN E 68 -12.70 -3.61 -14.64
C ASN E 68 -12.41 -3.03 -16.02
N LYS E 69 -11.86 -3.84 -16.92
CA LYS E 69 -11.48 -3.32 -18.23
C LYS E 69 -12.61 -3.48 -19.24
N VAL E 70 -13.20 -2.35 -19.61
CA VAL E 70 -14.37 -2.33 -20.49
C VAL E 70 -14.03 -2.47 -21.97
N GLY E 71 -13.02 -1.73 -22.43
CA GLY E 71 -12.69 -1.72 -23.85
C GLY E 71 -11.43 -0.95 -24.19
N LEU E 72 -11.28 -0.61 -25.46
CA LEU E 72 -10.07 0.04 -25.95
C LEU E 72 -10.39 1.22 -26.88
N VAL E 73 -9.53 2.24 -26.86
CA VAL E 73 -9.62 3.37 -27.76
C VAL E 73 -8.26 3.71 -28.34
N GLU E 74 -8.20 3.88 -29.65
CA GLU E 74 -6.93 4.10 -30.34
C GLU E 74 -6.90 5.42 -31.12
N LEU E 75 -5.88 6.23 -30.84
CA LEU E 75 -5.61 7.41 -31.66
C LEU E 75 -4.40 7.13 -32.53
N THR E 76 -4.63 6.99 -33.83
CA THR E 76 -3.57 6.64 -34.76
C THR E 76 -3.32 7.75 -35.78
N GLU E 77 -2.34 7.53 -36.65
CA GLU E 77 -2.05 8.47 -37.74
C GLU E 77 -2.00 9.92 -37.26
N ILE E 78 -1.38 10.15 -36.11
CA ILE E 78 -1.29 11.50 -35.57
C ILE E 78 -0.27 12.34 -36.35
N ASP E 79 -0.73 13.48 -36.84
CA ASP E 79 0.13 14.40 -37.57
C ASP E 79 0.13 15.76 -36.88
N PHE E 80 1.28 16.18 -36.36
CA PHE E 80 1.35 17.41 -35.58
C PHE E 80 1.48 18.66 -36.46
N ILE E 81 1.54 18.47 -37.77
CA ILE E 81 1.50 19.59 -38.70
C ILE E 81 0.05 19.93 -39.04
N HIS E 82 -0.64 18.98 -39.68
CA HIS E 82 -2.04 19.17 -40.06
C HIS E 82 -2.95 18.93 -38.87
N ARG E 83 -2.43 18.30 -37.83
CA ARG E 83 -3.18 18.13 -36.61
C ARG E 83 -4.43 17.34 -36.79
N ARG E 84 -4.26 16.09 -37.18
CA ARG E 84 -5.40 15.21 -37.32
C ARG E 84 -4.94 13.85 -36.88
N CYS E 85 -5.86 13.11 -36.27
CA CYS E 85 -5.59 11.74 -35.87
C CYS E 85 -6.79 10.90 -36.23
N GLU E 86 -6.55 9.62 -36.48
CA GLU E 86 -7.65 8.70 -36.75
C GLU E 86 -8.15 8.09 -35.45
N PHE E 87 -9.44 8.20 -35.22
CA PHE E 87 -10.04 7.64 -34.01
C PHE E 87 -10.64 6.27 -34.29
N ALA E 88 -10.44 5.35 -33.35
CA ALA E 88 -11.03 4.03 -33.43
C ALA E 88 -11.35 3.56 -32.01
N ILE E 89 -12.48 2.88 -31.84
CA ILE E 89 -12.89 2.42 -30.52
C ILE E 89 -13.45 1.00 -30.55
N ILE E 90 -13.08 0.22 -29.54
CA ILE E 90 -13.54 -1.16 -29.42
C ILE E 90 -14.08 -1.44 -28.03
N ILE E 91 -15.22 -2.13 -27.97
CA ILE E 91 -15.84 -2.45 -26.69
C ILE E 91 -16.05 -3.95 -26.55
N SER E 92 -15.71 -4.46 -25.37
CA SER E 92 -15.83 -5.90 -25.10
C SER E 92 -17.23 -6.41 -25.39
N PRO E 93 -17.33 -7.69 -25.81
CA PRO E 93 -18.60 -8.32 -26.19
C PRO E 93 -19.61 -8.32 -25.05
N GLY E 94 -19.13 -8.19 -23.81
CA GLY E 94 -20.01 -8.15 -22.65
C GLY E 94 -20.63 -6.78 -22.38
N GLU E 95 -19.86 -5.73 -22.63
CA GLU E 95 -20.24 -4.37 -22.23
C GLU E 95 -20.97 -3.57 -23.31
N GLU E 96 -21.30 -4.23 -24.41
CA GLU E 96 -21.89 -3.57 -25.59
C GLU E 96 -23.26 -2.92 -25.40
N GLY E 97 -23.77 -3.01 -24.19
CA GLY E 97 -25.12 -2.63 -23.79
C GLY E 97 -25.24 -1.11 -23.90
N LYS E 98 -25.43 -0.42 -22.78
CA LYS E 98 -25.70 1.01 -22.78
C LYS E 98 -24.91 1.72 -23.89
N GLY E 99 -23.85 1.07 -24.37
CA GLY E 99 -23.17 1.44 -25.60
C GLY E 99 -21.79 1.96 -25.36
N TYR E 100 -21.50 2.46 -24.18
CA TYR E 100 -20.11 2.53 -23.80
C TYR E 100 -19.29 3.05 -24.96
N ALA E 101 -19.82 4.06 -25.65
CA ALA E 101 -19.12 4.61 -26.79
C ALA E 101 -19.04 6.11 -26.68
N THR E 102 -20.21 6.75 -26.61
CA THR E 102 -20.30 8.20 -26.48
C THR E 102 -19.53 8.75 -25.29
N GLU E 103 -19.72 8.13 -24.12
CA GLU E 103 -19.00 8.57 -22.92
C GLU E 103 -17.50 8.56 -23.16
N ALA E 104 -16.98 7.41 -23.56
CA ALA E 104 -15.55 7.27 -23.85
C ALA E 104 -15.15 8.14 -25.03
N THR E 105 -15.91 8.03 -26.13
CA THR E 105 -15.63 8.78 -27.34
C THR E 105 -15.44 10.27 -27.08
N ASP E 106 -16.52 10.94 -26.67
CA ASP E 106 -16.49 12.37 -26.41
C ASP E 106 -15.36 12.74 -25.44
N LEU E 107 -15.01 11.80 -24.56
CA LEU E 107 -13.93 11.99 -23.61
C LEU E 107 -12.59 12.16 -24.31
N THR E 108 -12.27 11.20 -25.17
CA THR E 108 -10.99 11.21 -25.88
C THR E 108 -10.88 12.44 -26.75
N VAL E 109 -12.00 12.84 -27.34
CA VAL E 109 -12.02 14.01 -28.21
C VAL E 109 -11.51 15.25 -27.48
N GLU E 110 -11.85 15.34 -26.20
CA GLU E 110 -11.35 16.43 -25.37
C GLU E 110 -9.84 16.33 -25.22
N TYR E 111 -9.37 15.13 -24.89
CA TYR E 111 -7.93 14.88 -24.78
C TYR E 111 -7.22 15.33 -26.05
N ALA E 112 -7.77 14.96 -27.19
CA ALA E 112 -7.22 15.37 -28.48
C ALA E 112 -7.13 16.90 -28.58
N PHE E 113 -8.29 17.55 -28.55
CA PHE E 113 -8.36 19.00 -28.73
C PHE E 113 -7.82 19.77 -27.52
N SER E 114 -8.27 19.40 -26.32
CA SER E 114 -7.96 20.17 -25.13
C SER E 114 -6.58 19.87 -24.53
N ILE E 115 -5.93 18.82 -25.03
CA ILE E 115 -4.61 18.46 -24.53
C ILE E 115 -3.58 18.39 -25.65
N LEU E 116 -3.77 17.45 -26.58
CA LEU E 116 -2.88 17.32 -27.72
C LEU E 116 -2.97 18.55 -28.61
N ASN E 117 -3.98 19.37 -28.36
CA ASN E 117 -4.19 20.60 -29.12
C ASN E 117 -4.35 20.32 -30.61
N LEU E 118 -5.03 19.25 -30.95
CA LEU E 118 -5.26 18.90 -32.35
C LEU E 118 -6.36 19.78 -32.95
N HIS E 119 -6.68 19.51 -34.21
CA HIS E 119 -7.67 20.29 -34.93
C HIS E 119 -8.83 19.41 -35.37
N LYS E 120 -8.54 18.44 -36.22
CA LYS E 120 -9.55 17.55 -36.78
C LYS E 120 -9.33 16.10 -36.37
N ILE E 121 -10.44 15.39 -36.14
CA ILE E 121 -10.40 13.95 -35.87
C ILE E 121 -11.30 13.23 -36.86
N TYR E 122 -10.85 12.09 -37.38
CA TYR E 122 -11.64 11.31 -38.32
C TYR E 122 -11.68 9.83 -37.93
N LEU E 123 -12.65 9.11 -38.49
CA LEU E 123 -12.81 7.69 -38.19
C LEU E 123 -13.46 6.96 -39.36
N LEU E 124 -13.35 5.64 -39.36
CA LEU E 124 -13.92 4.82 -40.44
C LEU E 124 -14.90 3.78 -39.91
N VAL E 125 -16.05 3.67 -40.57
CA VAL E 125 -17.06 2.68 -40.21
C VAL E 125 -17.68 2.06 -41.46
N ASP E 126 -18.13 0.82 -41.33
CA ASP E 126 -18.74 0.09 -42.44
C ASP E 126 -20.12 0.63 -42.77
N GLU E 127 -20.56 0.39 -44.00
CA GLU E 127 -21.92 0.72 -44.41
C GLU E 127 -22.92 -0.05 -43.57
N ASP E 128 -22.54 -1.28 -43.21
CA ASP E 128 -23.47 -2.23 -42.62
C ASP E 128 -23.63 -2.09 -41.10
N ASN E 129 -22.95 -1.10 -40.52
CA ASN E 129 -23.14 -0.80 -39.11
C ASN E 129 -23.68 0.59 -38.88
N PRO E 130 -25.00 0.76 -39.12
CA PRO E 130 -25.73 1.99 -38.87
C PRO E 130 -25.79 2.31 -37.39
N ALA E 131 -25.74 1.27 -36.58
CA ALA E 131 -25.86 1.40 -35.13
C ALA E 131 -24.84 2.37 -34.55
N ALA E 132 -23.58 1.97 -34.57
CA ALA E 132 -22.51 2.82 -34.03
C ALA E 132 -22.30 4.06 -34.88
N LEU E 133 -22.64 3.94 -36.17
CA LEU E 133 -22.57 5.06 -37.09
C LEU E 133 -23.27 6.28 -36.47
N HIS E 134 -24.48 6.10 -35.96
CA HIS E 134 -25.19 7.20 -35.32
C HIS E 134 -24.68 7.62 -33.98
N ILE E 135 -24.14 6.66 -33.27
CA ILE E 135 -23.52 6.96 -31.99
C ILE E 135 -22.43 8.01 -32.23
N TYR E 136 -21.79 7.90 -33.38
CA TYR E 136 -20.72 8.82 -33.76
C TYR E 136 -21.20 10.21 -34.14
N ARG E 137 -22.34 10.27 -34.81
CA ARG E 137 -22.95 11.54 -35.20
C ARG E 137 -23.77 12.11 -34.10
N LYS E 138 -23.73 11.41 -32.99
CA LYS E 138 -24.21 11.94 -31.74
C LYS E 138 -23.00 12.36 -30.96
N SER E 139 -21.83 12.25 -31.58
CA SER E 139 -20.60 12.82 -31.04
C SER E 139 -20.16 14.10 -31.74
N GLY E 140 -20.94 14.55 -32.71
CA GLY E 140 -20.59 15.72 -33.50
C GLY E 140 -19.88 15.35 -34.79
N PHE E 141 -19.79 14.06 -35.06
CA PHE E 141 -19.18 13.57 -36.29
C PHE E 141 -20.10 13.75 -37.49
N ALA E 142 -19.51 13.98 -38.65
CA ALA E 142 -20.26 14.10 -39.90
C ALA E 142 -19.44 13.52 -41.05
N GLU E 143 -20.11 12.89 -42.00
CA GLU E 143 -19.42 12.21 -43.09
C GLU E 143 -18.74 13.18 -44.05
N GLU E 144 -17.43 13.04 -44.19
CA GLU E 144 -16.68 13.80 -45.19
C GLU E 144 -16.40 12.98 -46.44
N GLY E 145 -16.81 11.71 -46.44
CA GLY E 145 -16.60 10.85 -47.58
C GLY E 145 -17.05 9.42 -47.40
N LYS E 146 -17.24 8.73 -48.51
CA LYS E 146 -17.60 7.32 -48.51
C LYS E 146 -16.64 6.55 -49.42
N LEU E 147 -15.83 5.68 -48.82
CA LEU E 147 -14.76 5.01 -49.56
C LEU E 147 -15.17 3.66 -50.14
N VAL E 148 -15.21 3.59 -51.47
CA VAL E 148 -15.63 2.39 -52.18
C VAL E 148 -14.55 1.31 -52.19
N ASP E 149 -14.93 0.10 -51.80
CA ASP E 149 -14.01 -1.04 -51.80
C ASP E 149 -12.71 -0.69 -51.09
N GLU E 150 -12.81 0.15 -50.06
CA GLU E 150 -11.64 0.60 -49.31
C GLU E 150 -11.02 -0.52 -48.51
N TYR E 151 -11.84 -1.48 -48.10
CA TYR E 151 -11.37 -2.61 -47.29
C TYR E 151 -11.84 -3.93 -47.87
N TYR E 152 -11.12 -5.00 -47.52
CA TYR E 152 -11.53 -6.34 -47.90
C TYR E 152 -11.78 -7.16 -46.63
N SER E 153 -13.05 -7.49 -46.39
CA SER E 153 -13.41 -8.23 -45.18
C SER E 153 -14.41 -9.35 -45.49
N LYS E 154 -14.03 -10.57 -45.14
CA LYS E 154 -14.91 -11.73 -45.27
C LYS E 154 -15.44 -11.93 -46.69
N GLY E 155 -14.53 -12.18 -47.62
CA GLY E 155 -14.91 -12.60 -48.97
C GLY E 155 -15.31 -11.51 -49.95
N ARG E 156 -15.62 -10.32 -49.44
CA ARG E 156 -16.09 -9.24 -50.30
C ARG E 156 -15.51 -7.88 -49.90
N TYR E 157 -15.16 -7.08 -50.90
CA TYR E 157 -14.69 -5.72 -50.67
C TYR E 157 -15.81 -4.92 -50.02
N ARG E 158 -15.52 -4.31 -48.88
CA ARG E 158 -16.52 -3.50 -48.19
C ARG E 158 -16.36 -2.03 -48.53
N THR E 159 -17.25 -1.21 -47.98
CA THR E 159 -17.20 0.23 -48.22
C THR E 159 -17.35 0.97 -46.89
N ALA E 160 -16.39 1.84 -46.58
CA ALA E 160 -16.37 2.50 -45.29
C ALA E 160 -16.72 3.99 -45.38
N ILE E 161 -17.43 4.48 -44.37
CA ILE E 161 -17.80 5.88 -44.29
C ILE E 161 -16.80 6.64 -43.41
N ARG E 162 -16.23 7.71 -43.94
CA ARG E 162 -15.30 8.53 -43.18
C ARG E 162 -15.99 9.77 -42.62
N MSE E 163 -16.00 9.88 -41.29
CA MSE E 163 -16.63 11.00 -40.62
C MSE E 163 -15.59 11.76 -39.80
O MSE E 163 -14.56 11.20 -39.42
CB MSE E 163 -17.75 10.51 -39.71
CG MSE E 163 -18.75 9.63 -40.43
SE MSE E 163 -19.71 8.49 -39.19
CE MSE E 163 -20.43 9.87 -38.02
N TYR E 164 -15.86 13.03 -39.53
CA TYR E 164 -14.89 13.87 -38.84
C TYR E 164 -15.54 14.82 -37.85
N VAL E 165 -14.71 15.57 -37.14
CA VAL E 165 -15.15 16.68 -36.32
C VAL E 165 -14.02 17.72 -36.25
N LEU E 166 -14.38 18.99 -36.27
CA LEU E 166 -13.40 20.06 -36.11
C LEU E 166 -13.29 20.44 -34.64
N LYS E 167 -12.56 21.51 -34.35
CA LYS E 167 -12.29 21.87 -32.96
C LYS E 167 -13.25 22.95 -32.45
N LYS F 5 3.66 6.63 -74.48
CA LYS F 5 4.04 6.74 -75.89
C LYS F 5 4.74 8.05 -76.16
N LYS F 6 4.25 9.11 -75.52
CA LYS F 6 4.90 10.42 -75.58
C LYS F 6 5.92 10.47 -74.45
N ILE F 7 5.90 9.45 -73.61
CA ILE F 7 6.68 9.44 -72.39
C ILE F 7 7.00 8.01 -71.94
N ARG F 8 8.00 7.87 -71.07
CA ARG F 8 8.31 6.57 -70.49
C ARG F 8 8.47 6.70 -68.97
N LEU F 9 8.40 5.58 -68.27
CA LEU F 9 8.59 5.56 -66.83
C LEU F 9 9.84 4.77 -66.45
N SER F 10 10.67 5.36 -65.60
CA SER F 10 11.90 4.72 -65.15
C SER F 10 11.87 4.49 -63.65
N ALA F 11 12.31 3.31 -63.23
CA ALA F 11 12.42 2.99 -61.81
C ALA F 11 13.42 3.94 -61.15
N LEU F 12 13.02 4.57 -60.06
CA LEU F 12 13.86 5.55 -59.39
C LEU F 12 15.16 4.93 -58.90
N GLU F 13 16.27 5.61 -59.18
CA GLU F 13 17.58 5.16 -58.74
C GLU F 13 18.22 6.23 -57.88
N ARG F 14 19.38 5.94 -57.31
CA ARG F 14 20.03 6.86 -56.39
C ARG F 14 20.41 8.17 -57.08
N GLU F 15 20.77 8.10 -58.36
CA GLU F 15 21.17 9.28 -59.11
C GLU F 15 20.00 10.22 -59.38
N ASP F 16 18.79 9.73 -59.18
CA ASP F 16 17.58 10.52 -59.44
C ASP F 16 17.22 11.42 -58.25
N LEU F 17 17.82 11.16 -57.11
CA LEU F 17 17.49 11.88 -55.88
C LEU F 17 17.64 13.40 -56.00
N LYS F 18 18.76 13.85 -56.55
CA LYS F 18 18.99 15.27 -56.75
C LYS F 18 17.80 15.93 -57.42
N PHE F 19 17.31 15.31 -58.49
CA PHE F 19 16.18 15.84 -59.24
C PHE F 19 14.93 15.93 -58.36
N VAL F 20 14.67 14.87 -57.61
CA VAL F 20 13.51 14.82 -56.72
C VAL F 20 13.54 15.98 -55.73
N HIS F 21 14.68 16.17 -55.08
CA HIS F 21 14.85 17.24 -54.10
C HIS F 21 14.53 18.60 -54.72
N GLU F 22 15.08 18.84 -55.91
CA GLU F 22 14.87 20.11 -56.61
C GLU F 22 13.39 20.40 -56.83
N LEU F 23 12.59 19.35 -57.00
CA LEU F 23 11.16 19.51 -57.19
C LEU F 23 10.44 19.99 -55.93
N ASN F 24 10.63 19.27 -54.84
CA ASN F 24 9.88 19.51 -53.63
C ASN F 24 10.16 20.82 -52.91
N ASN F 25 11.21 21.51 -53.34
CA ASN F 25 11.51 22.82 -52.79
C ASN F 25 10.43 23.84 -53.15
N ASN F 26 9.67 23.55 -54.20
CA ASN F 26 8.59 24.42 -54.62
C ASN F 26 7.58 24.56 -53.50
N LEU F 27 7.63 23.57 -52.60
CA LEU F 27 6.87 23.54 -51.35
C LEU F 27 5.41 23.12 -51.54
N MSE F 30 6.34 20.69 -46.63
CA MSE F 30 6.48 19.38 -46.02
C MSE F 30 6.49 18.26 -47.06
O MSE F 30 5.45 17.93 -47.64
CB MSE F 30 5.39 19.13 -44.99
CG MSE F 30 5.31 20.20 -43.91
SE MSE F 30 7.05 20.57 -43.11
CE MSE F 30 7.54 18.75 -42.61
N SER F 31 7.66 17.69 -47.30
CA SER F 31 7.81 16.56 -48.21
C SER F 31 8.19 15.32 -47.42
N TYR F 32 7.60 14.18 -47.77
CA TYR F 32 7.81 12.95 -47.01
C TYR F 32 8.46 11.84 -47.83
N TRP F 33 9.29 11.05 -47.18
CA TRP F 33 9.85 9.86 -47.77
C TRP F 33 9.55 8.68 -46.86
N PHE F 34 8.72 7.76 -47.34
CA PHE F 34 8.24 6.66 -46.53
C PHE F 34 7.66 7.15 -45.21
N GLU F 35 6.82 8.18 -45.30
CA GLU F 35 6.14 8.74 -44.14
C GLU F 35 7.06 9.47 -43.17
N GLU F 36 8.36 9.44 -43.45
CA GLU F 36 9.32 10.25 -42.71
C GLU F 36 9.59 11.55 -43.46
N PRO F 37 9.37 12.69 -42.81
CA PRO F 37 9.54 14.01 -43.43
C PRO F 37 11.00 14.38 -43.61
N TYR F 38 11.30 15.19 -44.63
CA TYR F 38 12.67 15.59 -44.89
C TYR F 38 12.73 16.97 -45.54
N GLU F 39 13.85 17.66 -45.36
CA GLU F 39 14.07 18.96 -45.98
C GLU F 39 15.35 18.96 -46.80
N SER F 40 16.48 18.77 -46.13
CA SER F 40 17.78 18.77 -46.80
C SER F 40 17.95 17.53 -47.69
N TYR F 41 18.82 17.65 -48.68
CA TYR F 41 19.12 16.56 -49.60
C TYR F 41 19.69 15.37 -48.84
N ARG F 42 20.66 15.65 -47.99
CA ARG F 42 21.31 14.65 -47.18
C ARG F 42 20.31 13.79 -46.41
N GLU F 43 19.28 14.44 -45.87
CA GLU F 43 18.21 13.73 -45.20
C GLU F 43 17.63 12.69 -46.14
N LEU F 44 17.07 13.16 -47.25
CA LEU F 44 16.51 12.30 -48.27
C LEU F 44 17.51 11.21 -48.66
N GLU F 45 18.76 11.62 -48.85
CA GLU F 45 19.82 10.68 -49.23
C GLU F 45 19.89 9.51 -48.24
N ASP F 46 19.88 9.82 -46.95
CA ASP F 46 19.88 8.80 -45.90
C ASP F 46 18.62 7.95 -45.97
N LEU F 47 17.46 8.61 -45.97
CA LEU F 47 16.18 7.93 -45.97
C LEU F 47 16.10 6.93 -47.11
N HIS F 48 16.59 7.33 -48.28
CA HIS F 48 16.59 6.46 -49.45
C HIS F 48 17.26 5.13 -49.16
N ILE F 49 18.48 5.18 -48.62
CA ILE F 49 19.24 3.98 -48.31
C ILE F 49 18.52 3.15 -47.26
N LYS F 50 18.04 3.83 -46.22
CA LYS F 50 17.37 3.18 -45.10
C LYS F 50 16.17 2.34 -45.53
N HIS F 51 15.30 2.93 -46.33
CA HIS F 51 14.07 2.28 -46.77
C HIS F 51 14.19 1.56 -48.11
N ILE F 52 15.40 1.52 -48.65
CA ILE F 52 15.63 1.01 -50.01
C ILE F 52 14.97 -0.34 -50.31
N HIS F 53 14.89 -1.20 -49.30
CA HIS F 53 14.31 -2.53 -49.49
C HIS F 53 12.83 -2.60 -49.16
N ASP F 54 12.25 -1.46 -48.78
CA ASP F 54 10.85 -1.42 -48.40
C ASP F 54 9.94 -1.40 -49.64
N GLN F 55 9.00 -2.33 -49.68
CA GLN F 55 8.06 -2.42 -50.79
C GLN F 55 6.81 -1.58 -50.52
N SER F 56 6.76 -0.97 -49.34
CA SER F 56 5.62 -0.16 -48.94
C SER F 56 5.28 0.91 -49.98
N GLU F 57 6.32 1.49 -50.57
CA GLU F 57 6.13 2.54 -51.57
C GLU F 57 6.93 2.25 -52.84
N ARG F 58 6.52 2.86 -53.94
CA ARG F 58 7.23 2.71 -55.20
C ARG F 58 7.19 4.02 -55.98
N ARG F 59 8.32 4.37 -56.59
CA ARG F 59 8.43 5.64 -57.30
C ARG F 59 9.02 5.48 -58.69
N PHE F 60 8.57 6.32 -59.61
CA PHE F 60 9.09 6.31 -60.97
C PHE F 60 9.43 7.72 -61.44
N ILE F 61 10.44 7.83 -62.30
CA ILE F 61 10.78 9.09 -62.92
C ILE F 61 10.19 9.14 -64.33
N ILE F 62 9.54 10.24 -64.66
CA ILE F 62 8.98 10.41 -65.99
C ILE F 62 10.01 11.04 -66.92
N LYS F 63 10.37 10.31 -67.98
CA LYS F 63 11.37 10.79 -68.93
C LYS F 63 10.79 10.92 -70.33
N ASP F 64 11.16 12.01 -71.01
CA ASP F 64 10.69 12.22 -72.38
C ASP F 64 11.42 11.33 -73.36
N LEU F 65 11.12 11.52 -74.65
CA LEU F 65 11.75 10.72 -75.70
C LEU F 65 13.26 10.94 -75.71
N LYS F 66 13.69 12.09 -75.21
CA LYS F 66 15.11 12.45 -75.19
C LYS F 66 15.75 12.00 -73.89
N ASP F 67 14.96 11.34 -73.05
CA ASP F 67 15.41 10.86 -71.74
C ASP F 67 15.82 12.00 -70.81
N ASN F 68 15.29 13.18 -71.05
CA ASN F 68 15.35 14.25 -70.06
C ASN F 68 14.34 13.93 -68.97
N LYS F 69 14.54 14.46 -67.77
CA LYS F 69 13.67 14.11 -66.66
C LYS F 69 12.50 15.07 -66.54
N VAL F 70 11.31 14.57 -66.87
CA VAL F 70 10.11 15.39 -66.92
C VAL F 70 9.48 15.64 -65.55
N GLY F 71 9.34 14.57 -64.76
CA GLY F 71 8.67 14.68 -63.48
C GLY F 71 8.72 13.43 -62.63
N LEU F 72 7.84 13.35 -61.64
CA LEU F 72 7.86 12.26 -60.67
C LEU F 72 6.47 11.68 -60.42
N VAL F 73 6.41 10.38 -60.15
CA VAL F 73 5.17 9.72 -59.77
C VAL F 73 5.39 8.80 -58.57
N GLU F 74 4.52 8.92 -57.57
CA GLU F 74 4.69 8.17 -56.33
C GLU F 74 3.51 7.26 -56.01
N LEU F 75 3.80 5.98 -55.78
CA LEU F 75 2.81 5.07 -55.26
C LEU F 75 3.11 4.80 -53.79
N THR F 76 2.25 5.31 -52.91
CA THR F 76 2.47 5.20 -51.47
C THR F 76 1.37 4.39 -50.80
N GLU F 77 1.51 4.19 -49.50
CA GLU F 77 0.49 3.52 -48.70
C GLU F 77 0.01 2.22 -49.35
N ILE F 78 0.94 1.45 -49.90
CA ILE F 78 0.58 0.19 -50.55
C ILE F 78 0.20 -0.87 -49.52
N ASP F 79 -0.99 -1.44 -49.69
CA ASP F 79 -1.45 -2.51 -48.81
C ASP F 79 -1.78 -3.74 -49.65
N PHE F 80 -1.05 -4.82 -49.43
CA PHE F 80 -1.22 -6.01 -50.25
C PHE F 80 -2.37 -6.91 -49.79
N ILE F 81 -3.03 -6.52 -48.71
CA ILE F 81 -4.24 -7.20 -48.28
C ILE F 81 -5.45 -6.59 -48.98
N HIS F 82 -5.71 -5.31 -48.72
CA HIS F 82 -6.83 -4.59 -49.32
C HIS F 82 -6.50 -4.14 -50.73
N ARG F 83 -5.20 -4.15 -51.05
CA ARG F 83 -4.78 -3.86 -52.41
C ARG F 83 -5.16 -2.49 -52.85
N ARG F 84 -4.63 -1.49 -52.16
CA ARG F 84 -4.87 -0.12 -52.56
C ARG F 84 -3.59 0.62 -52.31
N CYS F 85 -3.33 1.60 -53.16
CA CYS F 85 -2.17 2.46 -53.00
C CYS F 85 -2.60 3.88 -53.27
N GLU F 86 -1.91 4.83 -52.66
CA GLU F 86 -2.18 6.23 -52.91
C GLU F 86 -1.33 6.73 -54.06
N PHE F 87 -1.98 7.31 -55.06
CA PHE F 87 -1.27 7.84 -56.22
C PHE F 87 -1.02 9.33 -56.06
N ALA F 88 0.18 9.76 -56.46
CA ALA F 88 0.54 11.17 -56.47
C ALA F 88 1.49 11.43 -57.62
N ILE F 89 1.31 12.56 -58.30
CA ILE F 89 2.16 12.88 -59.45
C ILE F 89 2.61 14.34 -59.46
N ILE F 90 3.87 14.55 -59.82
CA ILE F 90 4.45 15.88 -59.88
C ILE F 90 5.15 16.11 -61.21
N ILE F 91 4.93 17.29 -61.80
CA ILE F 91 5.53 17.63 -63.07
C ILE F 91 6.33 18.91 -62.98
N SER F 92 7.54 18.90 -63.56
CA SER F 92 8.42 20.05 -63.50
C SER F 92 7.75 21.31 -64.03
N PRO F 93 8.14 22.47 -63.48
CA PRO F 93 7.54 23.76 -63.83
C PRO F 93 7.67 24.09 -65.32
N GLY F 94 8.62 23.46 -66.00
CA GLY F 94 8.82 23.66 -67.42
C GLY F 94 7.88 22.85 -68.31
N GLU F 95 7.58 21.64 -67.88
CA GLU F 95 6.87 20.68 -68.73
C GLU F 95 5.35 20.66 -68.54
N GLU F 96 4.84 21.60 -67.75
CA GLU F 96 3.42 21.65 -67.36
C GLU F 96 2.41 21.86 -68.48
N GLY F 97 2.91 21.97 -69.69
CA GLY F 97 2.19 22.31 -70.90
C GLY F 97 1.23 21.18 -71.22
N LYS F 98 1.41 20.49 -72.33
CA LYS F 98 0.46 19.51 -72.84
C LYS F 98 -0.16 18.75 -71.66
N GLY F 99 0.51 18.79 -70.52
CA GLY F 99 -0.04 18.32 -69.27
C GLY F 99 0.64 17.09 -68.70
N TYR F 100 1.29 16.29 -69.53
CA TYR F 100 2.25 15.28 -69.05
C TYR F 100 1.70 14.55 -67.82
N ALA F 101 0.39 14.38 -67.77
CA ALA F 101 -0.25 13.81 -66.59
C ALA F 101 -0.98 12.53 -66.95
N THR F 102 -1.95 12.65 -67.85
CA THR F 102 -2.73 11.52 -68.33
C THR F 102 -1.86 10.40 -68.89
N GLU F 103 -0.91 10.74 -69.75
CA GLU F 103 -0.02 9.73 -70.33
C GLU F 103 0.69 8.96 -69.23
N ALA F 104 1.37 9.68 -68.34
CA ALA F 104 2.07 9.05 -67.24
C ALA F 104 1.09 8.39 -66.28
N THR F 105 0.06 9.13 -65.89
CA THR F 105 -0.95 8.62 -64.95
C THR F 105 -1.50 7.26 -65.37
N ASP F 106 -2.23 7.25 -66.49
CA ASP F 106 -2.84 6.02 -66.98
C ASP F 106 -1.82 4.90 -67.11
N LEU F 107 -0.57 5.27 -67.36
CA LEU F 107 0.53 4.30 -67.47
C LEU F 107 0.75 3.58 -66.16
N THR F 108 0.95 4.34 -65.10
CA THR F 108 1.23 3.79 -63.78
C THR F 108 0.07 2.91 -63.32
N VAL F 109 -1.15 3.33 -63.64
CA VAL F 109 -2.34 2.61 -63.26
C VAL F 109 -2.29 1.18 -63.77
N GLU F 110 -1.75 1.01 -64.98
CA GLU F 110 -1.55 -0.32 -65.55
C GLU F 110 -0.55 -1.11 -64.71
N TYR F 111 0.57 -0.48 -64.41
CA TYR F 111 1.59 -1.10 -63.56
C TYR F 111 0.97 -1.59 -62.27
N ALA F 112 0.16 -0.75 -61.64
CA ALA F 112 -0.55 -1.12 -60.42
C ALA F 112 -1.41 -2.36 -60.63
N PHE F 113 -2.40 -2.25 -61.51
CA PHE F 113 -3.35 -3.34 -61.74
C PHE F 113 -2.74 -4.51 -62.50
N SER F 114 -2.05 -4.23 -63.61
CA SER F 114 -1.56 -5.27 -64.50
C SER F 114 -0.25 -5.91 -64.05
N ILE F 115 0.39 -5.33 -63.04
CA ILE F 115 1.64 -5.88 -62.53
C ILE F 115 1.56 -6.16 -61.03
N LEU F 116 1.42 -5.10 -60.24
CA LEU F 116 1.28 -5.25 -58.79
C LEU F 116 0.00 -5.99 -58.44
N ASN F 117 -0.86 -6.15 -59.43
CA ASN F 117 -2.13 -6.86 -59.25
C ASN F 117 -2.98 -6.24 -58.15
N LEU F 118 -2.98 -4.92 -58.08
CA LEU F 118 -3.78 -4.21 -57.08
C LEU F 118 -5.25 -4.18 -57.48
N HIS F 119 -6.06 -3.52 -56.66
CA HIS F 119 -7.49 -3.45 -56.89
C HIS F 119 -7.92 -2.00 -57.08
N LYS F 120 -7.73 -1.21 -56.02
CA LYS F 120 -8.16 0.18 -56.02
C LYS F 120 -7.00 1.15 -55.88
N ILE F 121 -7.08 2.29 -56.57
CA ILE F 121 -6.10 3.37 -56.42
C ILE F 121 -6.81 4.65 -56.07
N TYR F 122 -6.24 5.43 -55.15
CA TYR F 122 -6.83 6.70 -54.74
C TYR F 122 -5.81 7.82 -54.73
N LEU F 123 -6.30 9.06 -54.73
CA LEU F 123 -5.42 10.23 -54.74
C LEU F 123 -6.10 11.42 -54.09
N LEU F 124 -5.30 12.42 -53.72
CA LEU F 124 -5.83 13.62 -53.06
C LEU F 124 -5.49 14.89 -53.83
N VAL F 125 -6.49 15.75 -54.01
CA VAL F 125 -6.29 17.04 -54.68
C VAL F 125 -7.06 18.15 -53.96
N ASP F 126 -6.55 19.38 -54.07
CA ASP F 126 -7.16 20.53 -53.43
C ASP F 126 -8.45 20.94 -54.14
N GLU F 127 -9.33 21.65 -53.43
CA GLU F 127 -10.52 22.22 -54.02
C GLU F 127 -10.14 23.22 -55.10
N ASP F 128 -9.03 23.91 -54.87
CA ASP F 128 -8.66 25.07 -55.67
C ASP F 128 -7.91 24.71 -56.95
N ASN F 129 -7.72 23.42 -57.20
CA ASN F 129 -7.12 22.99 -58.45
C ASN F 129 -8.06 22.13 -59.28
N PRO F 130 -9.05 22.77 -59.92
CA PRO F 130 -9.99 22.11 -60.82
C PRO F 130 -9.29 21.61 -62.08
N ALA F 131 -8.17 22.24 -62.42
CA ALA F 131 -7.42 21.90 -63.62
C ALA F 131 -7.03 20.43 -63.66
N ALA F 132 -6.10 20.04 -62.79
CA ALA F 132 -5.63 18.66 -62.74
C ALA F 132 -6.73 17.73 -62.24
N LEU F 133 -7.64 18.28 -61.45
CA LEU F 133 -8.78 17.53 -60.94
C LEU F 133 -9.46 16.78 -62.07
N HIS F 134 -9.71 17.50 -63.17
CA HIS F 134 -10.42 16.95 -64.32
C HIS F 134 -9.53 16.05 -65.16
N ILE F 135 -8.23 16.34 -65.16
CA ILE F 135 -7.27 15.47 -65.82
C ILE F 135 -7.37 14.08 -65.21
N TYR F 136 -7.64 14.04 -63.91
CA TYR F 136 -7.75 12.77 -63.19
C TYR F 136 -9.03 12.02 -63.52
N ARG F 137 -10.12 12.76 -63.72
CA ARG F 137 -11.41 12.17 -64.03
C ARG F 137 -11.53 11.94 -65.51
N LYS F 138 -10.44 12.24 -66.21
CA LYS F 138 -10.24 11.80 -67.56
C LYS F 138 -9.30 10.62 -67.51
N SER F 139 -8.96 10.19 -66.30
CA SER F 139 -8.25 8.93 -66.08
C SER F 139 -9.15 7.80 -65.57
N GLY F 140 -10.43 8.09 -65.39
CA GLY F 140 -11.35 7.12 -64.85
C GLY F 140 -11.55 7.29 -63.35
N PHE F 141 -10.95 8.35 -62.80
CA PHE F 141 -11.09 8.64 -61.38
C PHE F 141 -12.44 9.27 -61.08
N ALA F 142 -12.96 9.01 -59.87
CA ALA F 142 -14.20 9.59 -59.41
C ALA F 142 -14.14 9.84 -57.91
N GLU F 143 -14.75 10.92 -57.45
CA GLU F 143 -14.65 11.32 -56.06
C GLU F 143 -15.39 10.37 -55.13
N GLU F 144 -14.66 9.77 -54.19
CA GLU F 144 -15.27 8.96 -53.15
C GLU F 144 -15.43 9.72 -51.83
N GLY F 145 -14.96 10.96 -51.81
CA GLY F 145 -15.07 11.78 -50.62
C GLY F 145 -14.41 13.14 -50.71
N LYS F 146 -14.83 14.05 -49.82
CA LYS F 146 -14.25 15.38 -49.73
C LYS F 146 -13.84 15.65 -48.29
N LEU F 147 -12.54 15.78 -48.05
CA LEU F 147 -12.02 15.87 -46.69
C LEU F 147 -11.86 17.30 -46.20
N VAL F 148 -12.66 17.65 -45.19
CA VAL F 148 -12.67 19.01 -44.64
C VAL F 148 -11.48 19.28 -43.74
N ASP F 149 -10.78 20.38 -44.00
CA ASP F 149 -9.63 20.78 -43.17
C ASP F 149 -8.66 19.63 -43.00
N GLU F 150 -8.54 18.80 -44.04
CA GLU F 150 -7.68 17.62 -43.99
C GLU F 150 -6.21 18.01 -43.97
N TYR F 151 -5.89 19.14 -44.57
CA TYR F 151 -4.51 19.62 -44.65
C TYR F 151 -4.39 21.07 -44.20
N TYR F 152 -3.19 21.45 -43.79
CA TYR F 152 -2.90 22.84 -43.46
C TYR F 152 -1.81 23.37 -44.39
N SER F 153 -2.19 24.28 -45.26
CA SER F 153 -1.26 24.83 -46.24
C SER F 153 -1.39 26.34 -46.37
N LYS F 154 -0.28 27.03 -46.14
CA LYS F 154 -0.21 28.49 -46.31
C LYS F 154 -1.27 29.24 -45.52
N GLY F 155 -1.20 29.14 -44.19
CA GLY F 155 -2.00 29.97 -43.31
C GLY F 155 -3.43 29.52 -43.05
N ARG F 156 -3.96 28.63 -43.89
CA ARG F 156 -5.34 28.21 -43.76
C ARG F 156 -5.53 26.72 -44.01
N TYR F 157 -6.38 26.09 -43.21
CA TYR F 157 -6.73 24.68 -43.42
C TYR F 157 -7.41 24.53 -44.76
N ARG F 158 -6.88 23.63 -45.59
CA ARG F 158 -7.46 23.40 -46.91
C ARG F 158 -8.40 22.20 -46.88
N THR F 159 -9.02 21.91 -48.02
CA THR F 159 -9.93 20.78 -48.14
C THR F 159 -9.61 20.00 -49.40
N ALA F 160 -9.35 18.71 -49.25
CA ALA F 160 -8.92 17.87 -50.36
C ALA F 160 -9.99 16.90 -50.84
N ILE F 161 -10.04 16.68 -52.15
CA ILE F 161 -10.97 15.74 -52.75
C ILE F 161 -10.29 14.40 -52.98
N ARG F 162 -10.88 13.33 -52.46
CA ARG F 162 -10.34 11.99 -52.65
C ARG F 162 -11.07 11.26 -53.77
N MSE F 163 -10.33 10.90 -54.82
CA MSE F 163 -10.89 10.20 -55.96
C MSE F 163 -10.23 8.84 -56.12
O MSE F 163 -9.10 8.64 -55.66
CB MSE F 163 -10.70 11.04 -57.22
CG MSE F 163 -11.22 12.45 -57.11
SE MSE F 163 -10.36 13.64 -58.39
CE MSE F 163 -10.83 12.69 -60.01
N TYR F 164 -10.92 7.92 -56.77
CA TYR F 164 -10.42 6.56 -56.89
C TYR F 164 -10.70 5.95 -58.26
N VAL F 165 -10.20 4.74 -58.45
CA VAL F 165 -10.56 3.91 -59.59
C VAL F 165 -10.45 2.44 -59.19
N LEU F 166 -11.37 1.62 -59.68
CA LEU F 166 -11.30 0.19 -59.46
C LEU F 166 -10.53 -0.48 -60.60
N LYS F 167 -10.53 -1.80 -60.60
CA LYS F 167 -9.80 -2.66 -61.56
C LYS F 167 -10.57 -3.03 -62.84
N LYS F 168 -10.47 -4.28 -63.29
CA LYS F 168 -11.45 -4.79 -64.28
C LYS F 168 -12.35 -3.68 -64.80
N LYS G 5 -26.06 -33.45 -23.18
CA LYS G 5 -25.59 -33.41 -24.56
C LYS G 5 -25.09 -32.01 -24.91
N LYS G 6 -25.81 -31.01 -24.43
CA LYS G 6 -25.38 -29.62 -24.58
C LYS G 6 -24.49 -29.28 -23.39
N ILE G 7 -24.42 -30.21 -22.45
CA ILE G 7 -23.76 -29.97 -21.18
C ILE G 7 -23.25 -31.28 -20.56
N ARG G 8 -22.34 -31.16 -19.61
CA ARG G 8 -21.86 -32.31 -18.86
C ARG G 8 -21.86 -32.03 -17.36
N LEU G 9 -21.81 -33.09 -16.56
CA LEU G 9 -21.75 -32.93 -15.10
C LEU G 9 -20.43 -33.46 -14.55
N SER G 10 -19.80 -32.65 -13.71
CA SER G 10 -18.52 -33.02 -13.10
C SER G 10 -18.65 -33.12 -11.58
N ALA G 11 -18.06 -34.16 -11.01
CA ALA G 11 -18.04 -34.31 -9.56
C ALA G 11 -17.27 -33.16 -8.95
N LEU G 12 -17.89 -32.52 -7.96
CA LEU G 12 -17.28 -31.34 -7.33
C LEU G 12 -15.93 -31.69 -6.68
N GLU G 13 -14.95 -30.82 -6.91
CA GLU G 13 -13.61 -31.01 -6.37
C GLU G 13 -13.24 -29.75 -5.59
N ARG G 14 -12.15 -29.81 -4.86
CA ARG G 14 -11.72 -28.70 -4.02
C ARG G 14 -11.50 -27.40 -4.81
N GLU G 15 -11.03 -27.53 -6.04
CA GLU G 15 -10.76 -26.36 -6.89
C GLU G 15 -12.04 -25.67 -7.35
N ASP G 16 -13.17 -26.36 -7.19
CA ASP G 16 -14.46 -25.81 -7.62
C ASP G 16 -15.08 -24.90 -6.57
N LEU G 17 -14.54 -24.93 -5.36
CA LEU G 17 -15.11 -24.18 -4.24
C LEU G 17 -15.21 -22.68 -4.52
N LYS G 18 -14.14 -22.09 -5.02
CA LYS G 18 -14.12 -20.66 -5.34
C LYS G 18 -15.34 -20.29 -6.18
N PHE G 19 -15.62 -21.08 -7.21
CA PHE G 19 -16.75 -20.83 -8.09
C PHE G 19 -18.07 -20.89 -7.32
N VAL G 20 -18.22 -21.90 -6.47
CA VAL G 20 -19.43 -22.07 -5.68
C VAL G 20 -19.69 -20.84 -4.82
N HIS G 21 -18.66 -20.39 -4.11
CA HIS G 21 -18.77 -19.23 -3.25
C HIS G 21 -19.26 -18.01 -4.02
N GLU G 22 -18.64 -17.78 -5.19
CA GLU G 22 -19.00 -16.64 -6.03
C GLU G 22 -20.48 -16.63 -6.38
N LEU G 23 -21.06 -17.82 -6.51
CA LEU G 23 -22.49 -17.94 -6.83
C LEU G 23 -23.39 -17.48 -5.69
N ASN G 24 -23.17 -18.06 -4.50
CA ASN G 24 -24.07 -17.85 -3.37
C ASN G 24 -24.07 -16.46 -2.77
N ASN G 25 -23.14 -15.62 -3.21
CA ASN G 25 -23.11 -14.23 -2.78
C ASN G 25 -24.32 -13.45 -3.31
N ASN G 26 -24.91 -13.97 -4.38
CA ASN G 26 -26.09 -13.40 -5.01
C ASN G 26 -27.35 -13.32 -4.17
N LEU G 27 -27.87 -14.48 -3.79
CA LEU G 27 -29.14 -14.43 -3.09
C LEU G 27 -28.89 -13.63 -1.84
N SER G 28 -27.60 -13.44 -1.52
CA SER G 28 -27.17 -12.70 -0.35
C SER G 28 -27.73 -13.49 0.81
N ILE G 29 -28.54 -14.47 0.44
CA ILE G 29 -29.21 -15.34 1.38
C ILE G 29 -28.21 -16.27 2.02
N MSE G 30 -28.63 -16.76 3.18
CA MSE G 30 -28.04 -17.85 3.90
C MSE G 30 -27.80 -19.04 2.98
O MSE G 30 -28.71 -19.59 2.36
CB MSE G 30 -29.11 -18.27 4.93
CG MSE G 30 -29.56 -17.12 5.82
SE MSE G 30 -28.02 -16.34 6.72
CE MSE G 30 -27.26 -17.99 7.44
N SER G 31 -26.54 -19.46 2.93
CA SER G 31 -26.12 -20.61 2.15
C SER G 31 -25.60 -21.70 3.08
N TYR G 32 -25.95 -22.94 2.80
CA TYR G 32 -25.63 -24.04 3.70
C TYR G 32 -24.72 -25.08 3.06
N TRP G 33 -23.83 -25.65 3.86
CA TRP G 33 -23.02 -26.78 3.43
C TRP G 33 -23.20 -27.90 4.43
N PHE G 34 -23.82 -28.99 3.99
CA PHE G 34 -24.18 -30.09 4.87
C PHE G 34 -24.95 -29.58 6.09
N GLU G 35 -25.94 -28.74 5.83
CA GLU G 35 -26.82 -28.20 6.86
C GLU G 35 -26.12 -27.23 7.82
N GLU G 36 -24.82 -27.05 7.64
CA GLU G 36 -24.08 -26.03 8.37
C GLU G 36 -23.96 -24.77 7.51
N PRO G 37 -24.44 -23.63 8.02
CA PRO G 37 -24.43 -22.37 7.27
C PRO G 37 -23.04 -21.76 7.16
N TYR G 38 -22.79 -21.01 6.10
CA TYR G 38 -21.49 -20.39 5.90
C TYR G 38 -21.61 -19.09 5.11
N GLU G 39 -20.63 -18.20 5.30
CA GLU G 39 -20.58 -16.94 4.57
C GLU G 39 -19.25 -16.80 3.86
N SER G 40 -18.17 -16.71 4.63
CA SER G 40 -16.83 -16.55 4.06
C SER G 40 -16.37 -17.81 3.32
N TYR G 41 -15.44 -17.63 2.39
CA TYR G 41 -14.89 -18.73 1.62
C TYR G 41 -14.20 -19.73 2.53
N ARG G 42 -13.36 -19.21 3.42
CA ARG G 42 -12.63 -20.00 4.40
C ARG G 42 -13.54 -20.94 5.17
N GLU G 43 -14.71 -20.45 5.54
CA GLU G 43 -15.71 -21.27 6.21
C GLU G 43 -16.01 -22.48 5.34
N LEU G 44 -16.54 -22.21 4.15
CA LEU G 44 -16.84 -23.25 3.18
C LEU G 44 -15.64 -24.17 2.99
N GLU G 45 -14.47 -23.58 2.85
CA GLU G 45 -13.24 -24.34 2.66
C GLU G 45 -13.07 -25.38 3.75
N ASP G 46 -13.26 -24.96 5.00
CA ASP G 46 -13.17 -25.86 6.14
C ASP G 46 -14.27 -26.91 6.09
N LEU G 47 -15.51 -26.47 5.94
CA LEU G 47 -16.65 -27.38 5.91
C LEU G 47 -16.45 -28.48 4.87
N HIS G 48 -15.93 -28.11 3.70
CA HIS G 48 -15.69 -29.06 2.64
C HIS G 48 -14.83 -30.23 3.12
N ILE G 49 -13.69 -29.91 3.74
CA ILE G 49 -12.77 -30.92 4.22
C ILE G 49 -13.43 -31.77 5.30
N LYS G 50 -14.11 -31.10 6.23
CA LYS G 50 -14.77 -31.74 7.36
C LYS G 50 -15.76 -32.81 6.93
N HIS G 51 -16.64 -32.47 6.00
CA HIS G 51 -17.69 -33.37 5.54
C HIS G 51 -17.33 -34.17 4.29
N ILE G 52 -16.08 -34.05 3.85
CA ILE G 52 -15.66 -34.62 2.58
C ILE G 52 -16.05 -36.08 2.38
N HIS G 53 -16.07 -36.87 3.46
CA HIS G 53 -16.39 -38.28 3.36
C HIS G 53 -17.87 -38.58 3.59
N ASP G 54 -18.66 -37.54 3.80
CA ASP G 54 -20.09 -37.71 4.07
C ASP G 54 -20.87 -37.96 2.77
N GLN G 55 -21.63 -39.05 2.76
CA GLN G 55 -22.43 -39.40 1.59
C GLN G 55 -23.82 -38.77 1.68
N SER G 56 -24.08 -38.08 2.78
CA SER G 56 -25.37 -37.44 3.00
C SER G 56 -25.79 -36.55 1.84
N GLU G 57 -24.82 -35.85 1.26
CA GLU G 57 -25.09 -34.96 0.15
C GLU G 57 -24.14 -35.21 -1.01
N ARG G 58 -24.54 -34.79 -2.20
CA ARG G 58 -23.70 -34.92 -3.38
C ARG G 58 -23.88 -33.71 -4.30
N ARG G 59 -22.78 -33.23 -4.86
CA ARG G 59 -22.82 -32.02 -5.68
C ARG G 59 -22.08 -32.20 -7.00
N PHE G 60 -22.57 -31.54 -8.04
CA PHE G 60 -21.93 -31.57 -9.34
C PHE G 60 -21.80 -30.18 -9.94
N ILE G 61 -20.75 -29.98 -10.72
CA ILE G 61 -20.57 -28.72 -11.44
C ILE G 61 -21.02 -28.92 -12.88
N ILE G 62 -21.82 -27.98 -13.38
CA ILE G 62 -22.27 -28.03 -14.76
C ILE G 62 -21.28 -27.32 -15.67
N LYS G 63 -20.70 -28.06 -16.62
CA LYS G 63 -19.72 -27.51 -17.53
C LYS G 63 -20.17 -27.60 -18.98
N ASP G 64 -19.94 -26.55 -19.74
CA ASP G 64 -20.31 -26.53 -21.15
C ASP G 64 -19.34 -27.37 -21.98
N LEU G 65 -19.55 -27.36 -23.30
CA LEU G 65 -18.70 -28.11 -24.21
C LEU G 65 -17.25 -27.64 -24.12
N LYS G 66 -17.07 -26.38 -23.73
CA LYS G 66 -15.75 -25.79 -23.63
C LYS G 66 -15.16 -26.00 -22.25
N ASP G 67 -15.90 -26.71 -21.40
CA ASP G 67 -15.49 -26.97 -20.02
C ASP G 67 -15.37 -25.71 -19.18
N ASN G 68 -16.08 -24.66 -19.58
CA ASN G 68 -16.29 -23.51 -18.71
C ASN G 68 -17.32 -23.91 -17.67
N LYS G 69 -17.32 -23.25 -16.53
CA LYS G 69 -18.23 -23.65 -15.46
C LYS G 69 -19.55 -22.89 -15.53
N VAL G 70 -20.60 -23.63 -15.90
CA VAL G 70 -21.91 -23.04 -16.12
C VAL G 70 -22.70 -22.79 -14.84
N GLY G 71 -22.73 -23.78 -13.95
CA GLY G 71 -23.54 -23.68 -12.75
C GLY G 71 -23.34 -24.82 -11.77
N LEU G 72 -24.28 -24.96 -10.84
CA LEU G 72 -24.17 -25.95 -9.77
C LEU G 72 -25.47 -26.73 -9.56
N VAL G 73 -25.33 -27.99 -9.15
CA VAL G 73 -26.47 -28.83 -8.81
C VAL G 73 -26.21 -29.57 -7.51
N GLU G 74 -27.17 -29.53 -6.59
CA GLU G 74 -26.99 -30.12 -5.27
C GLU G 74 -28.04 -31.18 -4.95
N LEU G 75 -27.56 -32.36 -4.56
CA LEU G 75 -28.43 -33.40 -4.02
C LEU G 75 -28.22 -33.48 -2.51
N THR G 76 -29.23 -33.05 -1.77
CA THR G 76 -29.13 -32.98 -0.31
C THR G 76 -30.13 -33.91 0.36
N GLU G 77 -30.09 -33.95 1.68
CA GLU G 77 -31.05 -34.73 2.46
C GLU G 77 -31.24 -36.14 1.92
N ILE G 78 -30.15 -36.78 1.52
CA ILE G 78 -30.23 -38.14 0.98
C ILE G 78 -30.51 -39.16 2.09
N ASP G 79 -31.57 -39.94 1.90
CA ASP G 79 -31.94 -40.99 2.84
C ASP G 79 -31.97 -42.33 2.12
N PHE G 80 -31.09 -43.23 2.50
CA PHE G 80 -30.97 -44.52 1.81
C PHE G 80 -32.00 -45.55 2.26
N ILE G 81 -32.82 -45.18 3.24
CA ILE G 81 -33.93 -46.03 3.65
C ILE G 81 -35.16 -45.71 2.80
N HIS G 82 -35.65 -44.48 2.93
CA HIS G 82 -36.81 -44.03 2.16
C HIS G 82 -36.42 -43.67 0.74
N ARG G 83 -35.13 -43.48 0.51
CA ARG G 83 -34.63 -43.25 -0.83
C ARG G 83 -35.19 -41.99 -1.44
N ARG G 84 -34.91 -40.86 -0.82
CA ARG G 84 -35.33 -39.60 -1.38
C ARG G 84 -34.23 -38.62 -1.12
N CYS G 85 -34.05 -37.69 -2.05
CA CYS G 85 -33.09 -36.63 -1.89
C CYS G 85 -33.72 -35.33 -2.35
N GLU G 86 -33.26 -34.22 -1.78
CA GLU G 86 -33.74 -32.92 -2.20
C GLU G 86 -32.87 -32.39 -3.33
N PHE G 87 -33.52 -32.02 -4.43
CA PHE G 87 -32.80 -31.48 -5.58
C PHE G 87 -32.82 -29.96 -5.57
N ALA G 88 -31.68 -29.36 -5.90
CA ALA G 88 -31.57 -27.92 -6.05
C ALA G 88 -30.57 -27.61 -7.14
N ILE G 89 -30.87 -26.58 -7.94
CA ILE G 89 -29.99 -26.23 -9.05
C ILE G 89 -29.79 -24.72 -9.17
N ILE G 90 -28.56 -24.33 -9.47
CA ILE G 90 -28.21 -22.92 -9.63
C ILE G 90 -27.43 -22.69 -10.92
N ILE G 91 -27.80 -21.63 -11.63
CA ILE G 91 -27.15 -21.31 -12.89
C ILE G 91 -26.58 -19.89 -12.87
N SER G 92 -25.35 -19.76 -13.35
CA SER G 92 -24.67 -18.46 -13.36
C SER G 92 -25.49 -17.40 -14.05
N PRO G 93 -25.36 -16.14 -13.61
CA PRO G 93 -26.13 -15.01 -14.13
C PRO G 93 -25.93 -14.80 -15.63
N GLY G 94 -24.81 -15.31 -16.16
CA GLY G 94 -24.54 -15.20 -17.58
C GLY G 94 -25.23 -16.25 -18.45
N GLU G 95 -25.36 -17.45 -17.93
CA GLU G 95 -25.82 -18.60 -18.72
C GLU G 95 -27.31 -18.86 -18.64
N GLU G 96 -28.03 -17.96 -17.99
CA GLU G 96 -29.45 -18.17 -17.71
C GLU G 96 -30.36 -18.25 -18.96
N GLY G 97 -29.79 -18.05 -20.14
CA GLY G 97 -30.63 -17.95 -21.31
C GLY G 97 -31.33 -19.24 -21.74
N LYS G 98 -30.71 -20.13 -22.51
CA LYS G 98 -31.46 -21.26 -23.09
C LYS G 98 -32.11 -22.00 -21.95
N GLY G 99 -31.59 -21.70 -20.75
CA GLY G 99 -32.16 -22.17 -19.51
C GLY G 99 -31.33 -23.21 -18.80
N TYR G 100 -30.55 -23.99 -19.57
CA TYR G 100 -29.50 -24.86 -19.02
C TYR G 100 -29.95 -25.59 -17.74
N ALA G 101 -31.24 -25.85 -17.63
CA ALA G 101 -31.84 -26.39 -16.42
C ALA G 101 -32.30 -27.81 -16.70
N THR G 102 -33.20 -27.94 -17.67
CA THR G 102 -33.74 -29.23 -18.08
C THR G 102 -32.64 -30.23 -18.46
N GLU G 103 -31.68 -29.80 -19.27
CA GLU G 103 -30.59 -30.68 -19.67
C GLU G 103 -29.85 -31.21 -18.45
N ALA G 104 -29.40 -30.31 -17.60
CA ALA G 104 -28.71 -30.70 -16.37
C ALA G 104 -29.65 -31.44 -15.42
N THR G 105 -30.82 -30.86 -15.20
CA THR G 105 -31.80 -31.45 -14.29
C THR G 105 -32.09 -32.91 -14.62
N ASP G 106 -32.69 -33.17 -15.78
CA ASP G 106 -33.04 -34.51 -16.19
C ASP G 106 -31.83 -35.45 -16.11
N LEU G 107 -30.65 -34.88 -16.31
CA LEU G 107 -29.40 -35.65 -16.23
C LEU G 107 -29.17 -36.20 -14.83
N THR G 108 -29.22 -35.31 -13.84
CA THR G 108 -28.97 -35.70 -12.46
C THR G 108 -30.00 -36.72 -12.00
N VAL G 109 -31.24 -36.54 -12.45
CA VAL G 109 -32.32 -37.44 -12.09
C VAL G 109 -31.98 -38.88 -12.45
N GLU G 110 -31.31 -39.05 -13.59
CA GLU G 110 -30.84 -40.37 -13.99
C GLU G 110 -29.81 -40.89 -13.01
N TYR G 111 -28.83 -40.05 -12.69
CA TYR G 111 -27.81 -40.40 -11.71
C TYR G 111 -28.46 -40.88 -10.41
N ALA G 112 -29.45 -40.14 -9.94
CA ALA G 112 -30.19 -40.51 -8.75
C ALA G 112 -30.81 -41.90 -8.89
N PHE G 113 -31.72 -42.05 -9.85
CA PHE G 113 -32.45 -43.30 -10.05
C PHE G 113 -31.58 -44.41 -10.63
N SER G 114 -30.85 -44.11 -11.69
CA SER G 114 -30.11 -45.13 -12.44
C SER G 114 -28.76 -45.49 -11.82
N ILE G 115 -28.32 -44.72 -10.83
CA ILE G 115 -27.05 -44.98 -10.17
C ILE G 115 -27.22 -45.13 -8.66
N LEU G 116 -27.61 -44.05 -8.00
CA LEU G 116 -27.85 -44.09 -6.56
C LEU G 116 -29.01 -45.02 -6.23
N ASN G 117 -29.76 -45.41 -7.26
CA ASN G 117 -30.89 -46.31 -7.10
C ASN G 117 -31.93 -45.76 -6.15
N LEU G 118 -32.16 -44.45 -6.21
CA LEU G 118 -33.15 -43.82 -5.35
C LEU G 118 -34.56 -44.08 -5.87
N HIS G 119 -35.55 -43.50 -5.19
CA HIS G 119 -36.95 -43.70 -5.54
C HIS G 119 -37.59 -42.38 -5.90
N LYS G 120 -37.64 -41.48 -4.93
CA LYS G 120 -38.29 -40.18 -5.11
C LYS G 120 -37.32 -39.01 -4.98
N ILE G 121 -37.54 -37.98 -5.78
CA ILE G 121 -36.77 -36.74 -5.68
C ILE G 121 -37.73 -35.57 -5.52
N TYR G 122 -37.38 -34.64 -4.64
CA TYR G 122 -38.21 -33.45 -4.42
C TYR G 122 -37.39 -32.17 -4.44
N LEU G 123 -38.08 -31.05 -4.62
CA LEU G 123 -37.42 -29.74 -4.68
C LEU G 123 -38.35 -28.63 -4.21
N LEU G 124 -37.78 -27.47 -3.89
CA LEU G 124 -38.55 -26.34 -3.42
C LEU G 124 -38.36 -25.10 -4.28
N VAL G 125 -39.47 -24.45 -4.62
CA VAL G 125 -39.43 -23.21 -5.41
C VAL G 125 -40.43 -22.19 -4.86
N ASP G 126 -40.13 -20.92 -5.07
CA ASP G 126 -40.99 -19.84 -4.60
C ASP G 126 -42.25 -19.73 -5.45
N GLU G 127 -43.29 -19.13 -4.88
CA GLU G 127 -44.52 -18.83 -5.62
C GLU G 127 -44.20 -17.87 -6.76
N ASP G 128 -43.26 -16.98 -6.52
CA ASP G 128 -43.01 -15.85 -7.42
C ASP G 128 -42.09 -16.18 -8.59
N ASN G 129 -41.67 -17.43 -8.68
CA ASN G 129 -40.89 -17.87 -9.84
C ASN G 129 -41.60 -18.95 -10.63
N PRO G 130 -42.61 -18.55 -11.42
CA PRO G 130 -43.33 -19.45 -12.31
C PRO G 130 -42.45 -19.94 -13.45
N ALA G 131 -41.42 -19.15 -13.77
CA ALA G 131 -40.52 -19.45 -14.87
C ALA G 131 -39.88 -20.83 -14.72
N ALA G 132 -38.99 -20.97 -13.75
CA ALA G 132 -38.30 -22.24 -13.52
C ALA G 132 -39.27 -23.29 -13.01
N LEU G 133 -40.33 -22.85 -12.35
CA LEU G 133 -41.37 -23.74 -11.85
C LEU G 133 -41.81 -24.69 -12.95
N HIS G 134 -42.07 -24.14 -14.13
CA HIS G 134 -42.56 -24.91 -15.27
C HIS G 134 -41.45 -25.71 -15.94
N ILE G 135 -40.23 -25.20 -15.87
CA ILE G 135 -39.08 -25.93 -16.36
C ILE G 135 -39.01 -27.26 -15.62
N TYR G 136 -39.39 -27.24 -14.35
CA TYR G 136 -39.35 -28.43 -13.50
C TYR G 136 -40.45 -29.42 -13.85
N ARG G 137 -41.62 -28.91 -14.21
CA ARG G 137 -42.76 -29.74 -14.57
C ARG G 137 -42.70 -30.13 -16.01
N LYS G 138 -41.63 -29.70 -16.64
CA LYS G 138 -41.21 -30.20 -17.93
C LYS G 138 -40.10 -31.20 -17.68
N SER G 139 -39.81 -31.45 -16.40
CA SER G 139 -38.93 -32.54 -16.01
C SER G 139 -39.66 -33.75 -15.44
N GLY G 140 -40.98 -33.68 -15.40
CA GLY G 140 -41.78 -34.75 -14.83
C GLY G 140 -42.13 -34.49 -13.38
N PHE G 141 -41.77 -33.30 -12.90
CA PHE G 141 -42.09 -32.90 -11.53
C PHE G 141 -43.56 -32.49 -11.39
N ALA G 142 -44.13 -32.73 -10.21
CA ALA G 142 -45.50 -32.34 -9.92
C ALA G 142 -45.60 -31.96 -8.45
N GLU G 143 -46.44 -30.96 -8.16
CA GLU G 143 -46.53 -30.43 -6.80
C GLU G 143 -47.19 -31.40 -5.84
N GLU G 144 -46.46 -31.77 -4.79
CA GLU G 144 -47.02 -32.58 -3.72
C GLU G 144 -47.43 -31.74 -2.50
N GLY G 145 -47.17 -30.44 -2.58
CA GLY G 145 -47.53 -29.55 -1.49
C GLY G 145 -47.11 -28.10 -1.67
N LYS G 146 -47.75 -27.21 -0.92
CA LYS G 146 -47.42 -25.80 -0.92
C LYS G 146 -47.19 -25.33 0.51
N LEU G 147 -45.96 -24.95 0.83
CA LEU G 147 -45.59 -24.65 2.20
C LEU G 147 -45.73 -23.17 2.56
N VAL G 148 -46.66 -22.87 3.45
CA VAL G 148 -46.96 -21.50 3.86
C VAL G 148 -45.91 -20.95 4.82
N ASP G 149 -45.39 -19.76 4.50
CA ASP G 149 -44.40 -19.10 5.36
C ASP G 149 -43.26 -20.04 5.72
N GLU G 150 -42.92 -20.92 4.79
CA GLU G 150 -41.89 -21.92 5.03
C GLU G 150 -40.50 -21.28 5.12
N TYR G 151 -40.32 -20.16 4.42
CA TYR G 151 -39.04 -19.46 4.41
C TYR G 151 -39.21 -17.98 4.71
N TYR G 152 -38.13 -17.36 5.17
CA TYR G 152 -38.12 -15.91 5.37
C TYR G 152 -37.06 -15.29 4.48
N SER G 153 -37.50 -14.53 3.48
CA SER G 153 -36.58 -13.93 2.52
C SER G 153 -36.95 -12.48 2.23
N LYS G 154 -36.00 -11.58 2.47
CA LYS G 154 -36.16 -10.16 2.15
C LYS G 154 -37.41 -9.54 2.78
N GLY G 155 -37.45 -9.51 4.11
CA GLY G 155 -38.46 -8.76 4.84
C GLY G 155 -39.80 -9.42 5.03
N ARG G 156 -40.09 -10.46 4.25
CA ARG G 156 -41.39 -11.12 4.32
C ARG G 156 -41.30 -12.63 4.21
N TYR G 157 -42.11 -13.33 5.01
CA TYR G 157 -42.19 -14.78 4.93
C TYR G 157 -42.71 -15.18 3.55
N ARG G 158 -41.96 -16.04 2.87
CA ARG G 158 -42.37 -16.49 1.54
C ARG G 158 -43.09 -17.82 1.62
N THR G 159 -43.54 -18.32 0.47
CA THR G 159 -44.23 -19.60 0.41
C THR G 159 -43.68 -20.43 -0.73
N ALA G 160 -43.22 -21.64 -0.43
CA ALA G 160 -42.54 -22.47 -1.41
C ALA G 160 -43.39 -23.65 -1.86
N ILE G 161 -43.28 -23.99 -3.14
CA ILE G 161 -43.98 -25.14 -3.71
C ILE G 161 -43.07 -26.36 -3.74
N ARG G 162 -43.52 -27.46 -3.16
CA ARG G 162 -42.75 -28.70 -3.17
C ARG G 162 -43.23 -29.64 -4.27
N MSE G 163 -42.34 -29.96 -5.20
CA MSE G 163 -42.67 -30.84 -6.30
C MSE G 163 -41.78 -32.07 -6.26
O MSE G 163 -40.68 -32.03 -5.71
CB MSE G 163 -42.50 -30.11 -7.63
CG MSE G 163 -43.26 -28.80 -7.71
SE MSE G 163 -42.49 -27.60 -9.03
CE MSE G 163 -42.65 -28.76 -10.58
N TYR G 164 -42.23 -33.17 -6.87
CA TYR G 164 -41.50 -34.41 -6.80
C TYR G 164 -41.55 -35.19 -8.12
N VAL G 165 -40.83 -36.31 -8.15
CA VAL G 165 -40.95 -37.29 -9.22
C VAL G 165 -40.62 -38.67 -8.66
N LEU G 166 -41.34 -39.68 -9.12
CA LEU G 166 -41.07 -41.06 -8.72
C LEU G 166 -40.11 -41.70 -9.71
N LYS G 167 -39.91 -43.02 -9.61
CA LYS G 167 -38.89 -43.64 -10.44
C LYS G 167 -39.47 -44.35 -11.66
N LYS G 168 -39.91 -45.59 -11.54
CA LYS G 168 -40.24 -46.36 -12.75
C LYS G 168 -41.09 -45.53 -13.70
N LYS H 5 -53.09 -28.65 32.14
CA LYS H 5 -53.92 -28.64 33.34
C LYS H 5 -54.20 -30.06 33.80
N LYS H 6 -54.44 -30.95 32.86
CA LYS H 6 -54.59 -32.37 33.14
C LYS H 6 -53.21 -33.00 33.11
N ILE H 7 -52.22 -32.21 32.68
CA ILE H 7 -50.88 -32.71 32.43
C ILE H 7 -49.84 -31.61 32.59
N ARG H 8 -48.58 -32.00 32.73
CA ARG H 8 -47.48 -31.05 32.77
C ARG H 8 -46.35 -31.49 31.84
N LEU H 9 -45.48 -30.55 31.50
CA LEU H 9 -44.32 -30.87 30.67
C LEU H 9 -43.01 -30.68 31.42
N SER H 10 -42.14 -31.67 31.35
CA SER H 10 -40.85 -31.62 32.03
C SER H 10 -39.71 -31.67 31.03
N ALA H 11 -38.70 -30.83 31.26
CA ALA H 11 -37.51 -30.84 30.42
C ALA H 11 -36.81 -32.19 30.54
N LEU H 12 -36.51 -32.80 29.40
CA LEU H 12 -35.90 -34.12 29.40
C LEU H 12 -34.55 -34.13 30.10
N GLU H 13 -34.36 -35.11 30.98
CA GLU H 13 -33.11 -35.28 31.70
C GLU H 13 -32.53 -36.64 31.39
N ARG H 14 -31.33 -36.91 31.88
CA ARG H 14 -30.63 -38.15 31.58
C ARG H 14 -31.40 -39.37 32.09
N GLU H 15 -32.07 -39.22 33.23
CA GLU H 15 -32.82 -40.31 33.84
C GLU H 15 -34.06 -40.69 33.03
N ASP H 16 -34.45 -39.81 32.10
CA ASP H 16 -35.64 -40.04 31.29
C ASP H 16 -35.35 -40.92 30.07
N LEU H 17 -34.07 -41.12 29.77
CA LEU H 17 -33.66 -41.87 28.58
C LEU H 17 -34.24 -43.28 28.53
N LYS H 18 -34.15 -44.01 29.63
CA LYS H 18 -34.68 -45.37 29.70
C LYS H 18 -36.12 -45.40 29.19
N PHE H 19 -36.94 -44.48 29.66
CA PHE H 19 -38.33 -44.40 29.27
C PHE H 19 -38.48 -44.16 27.77
N VAL H 20 -37.69 -43.23 27.23
CA VAL H 20 -37.73 -42.92 25.82
C VAL H 20 -37.44 -44.15 24.97
N HIS H 21 -36.38 -44.86 25.33
CA HIS H 21 -35.98 -46.08 24.60
C HIS H 21 -37.13 -47.08 24.58
N GLU H 22 -37.74 -47.30 25.73
CA GLU H 22 -38.85 -48.25 25.85
C GLU H 22 -39.99 -47.93 24.89
N LEU H 23 -40.18 -46.64 24.61
CA LEU H 23 -41.23 -46.22 23.68
C LEU H 23 -40.92 -46.61 22.24
N ASN H 24 -39.76 -46.21 21.76
CA ASN H 24 -39.41 -46.35 20.34
C ASN H 24 -39.23 -47.78 19.85
N ASN H 25 -39.21 -48.73 20.78
CA ASN H 25 -39.13 -50.14 20.41
C ASN H 25 -40.40 -50.60 19.70
N ASN H 26 -41.48 -49.86 19.92
CA ASN H 26 -42.77 -50.16 19.29
C ASN H 26 -42.63 -50.08 17.78
N LEU H 27 -41.73 -49.20 17.36
CA LEU H 27 -41.40 -48.96 15.96
C LEU H 27 -40.51 -50.06 15.39
N SER H 28 -40.51 -50.18 14.07
CA SER H 28 -39.64 -51.11 13.37
C SER H 28 -38.19 -50.99 13.87
N MSE H 30 -36.96 -47.34 12.88
CA MSE H 30 -35.94 -46.30 12.79
C MSE H 30 -36.26 -45.10 13.67
O MSE H 30 -37.15 -44.32 13.38
CB MSE H 30 -35.76 -45.86 11.34
CG MSE H 30 -35.44 -46.98 10.38
SE MSE H 30 -33.99 -48.11 11.03
CE MSE H 30 -32.64 -46.73 11.33
N SER H 31 -35.52 -44.99 14.77
CA SER H 31 -35.66 -43.86 15.67
C SER H 31 -34.39 -43.00 15.61
N TYR H 32 -34.56 -41.68 15.63
CA TYR H 32 -33.44 -40.78 15.45
C TYR H 32 -33.22 -39.87 16.66
N TRP H 33 -31.96 -39.58 16.94
CA TRP H 33 -31.60 -38.59 17.95
C TRP H 33 -30.68 -37.56 17.31
N PHE H 34 -31.17 -36.33 17.19
CA PHE H 34 -30.45 -35.28 16.47
C PHE H 34 -30.03 -35.76 15.08
N GLU H 35 -30.98 -36.35 14.37
CA GLU H 35 -30.77 -36.82 13.00
C GLU H 35 -29.81 -38.01 12.89
N GLU H 36 -29.24 -38.42 14.02
CA GLU H 36 -28.45 -39.64 14.07
C GLU H 36 -29.32 -40.78 14.57
N PRO H 37 -29.42 -41.86 13.77
CA PRO H 37 -30.27 -43.01 14.10
C PRO H 37 -29.67 -43.86 15.21
N TYR H 38 -30.52 -44.54 15.98
CA TYR H 38 -30.07 -45.37 17.07
C TYR H 38 -31.02 -46.53 17.33
N GLU H 39 -30.49 -47.61 17.91
CA GLU H 39 -31.29 -48.77 18.26
C GLU H 39 -31.12 -49.11 19.74
N SER H 40 -29.91 -49.47 20.12
CA SER H 40 -29.62 -49.84 21.51
C SER H 40 -29.69 -48.62 22.43
N TYR H 41 -29.93 -48.89 23.71
CA TYR H 41 -29.99 -47.84 24.73
C TYR H 41 -28.67 -47.09 24.82
N ARG H 42 -27.60 -47.88 24.91
CA ARG H 42 -26.24 -47.36 24.97
C ARG H 42 -25.96 -46.32 23.89
N GLU H 43 -26.43 -46.63 22.68
CA GLU H 43 -26.31 -45.69 21.56
C GLU H 43 -26.94 -44.36 21.95
N LEU H 44 -28.24 -44.39 22.22
CA LEU H 44 -28.97 -43.22 22.66
C LEU H 44 -28.24 -42.53 23.82
N GLU H 45 -27.80 -43.33 24.78
CA GLU H 45 -27.10 -42.81 25.94
C GLU H 45 -25.91 -41.95 25.52
N ASP H 46 -25.12 -42.46 24.58
CA ASP H 46 -23.98 -41.72 24.05
C ASP H 46 -24.43 -40.46 23.32
N LEU H 47 -25.36 -40.64 22.38
CA LEU H 47 -25.85 -39.52 21.58
C LEU H 47 -26.35 -38.38 22.46
N HIS H 48 -27.04 -38.72 23.53
CA HIS H 48 -27.55 -37.72 24.47
C HIS H 48 -26.44 -36.81 24.98
N ILE H 49 -25.36 -37.42 25.47
CA ILE H 49 -24.23 -36.65 26.00
C ILE H 49 -23.59 -35.82 24.91
N LYS H 50 -23.39 -36.43 23.76
CA LYS H 50 -22.73 -35.80 22.62
C LYS H 50 -23.43 -34.50 22.19
N HIS H 51 -24.75 -34.57 22.02
CA HIS H 51 -25.53 -33.44 21.54
C HIS H 51 -26.15 -32.60 22.65
N ILE H 52 -25.81 -32.91 23.89
CA ILE H 52 -26.45 -32.31 25.05
C ILE H 52 -26.54 -30.78 25.01
N HIS H 53 -25.54 -30.14 24.40
CA HIS H 53 -25.51 -28.68 24.35
C HIS H 53 -26.11 -28.12 23.06
N ASP H 54 -26.62 -29.01 22.21
CA ASP H 54 -27.20 -28.58 20.94
C ASP H 54 -28.61 -28.04 21.12
N GLN H 55 -28.85 -26.83 20.63
CA GLN H 55 -30.16 -26.21 20.72
C GLN H 55 -31.02 -26.56 19.51
N SER H 56 -30.43 -27.29 18.57
CA SER H 56 -31.12 -27.68 17.34
C SER H 56 -32.47 -28.35 17.64
N GLU H 57 -32.51 -29.16 18.69
CA GLU H 57 -33.73 -29.87 19.06
C GLU H 57 -34.05 -29.68 20.53
N ARG H 58 -35.31 -29.89 20.89
CA ARG H 58 -35.74 -29.79 22.27
C ARG H 58 -36.82 -30.83 22.56
N ARG H 59 -36.72 -31.47 23.72
CA ARG H 59 -37.64 -32.55 24.07
C ARG H 59 -38.23 -32.38 25.46
N PHE H 60 -39.47 -32.82 25.64
CA PHE H 60 -40.13 -32.77 26.93
C PHE H 60 -40.80 -34.09 27.26
N ILE H 61 -40.87 -34.41 28.55
CA ILE H 61 -41.58 -35.59 29.01
C ILE H 61 -42.95 -35.16 29.53
N ILE H 62 -43.99 -35.86 29.11
CA ILE H 62 -45.34 -35.57 29.57
C ILE H 62 -45.64 -36.36 30.85
N LYS H 63 -45.90 -35.66 31.93
CA LYS H 63 -46.17 -36.30 33.21
C LYS H 63 -47.56 -35.96 33.73
N ASP H 64 -48.25 -36.95 34.28
CA ASP H 64 -49.58 -36.75 34.83
C ASP H 64 -49.51 -36.03 36.17
N LEU H 65 -50.67 -35.86 36.81
CA LEU H 65 -50.76 -35.19 38.10
C LEU H 65 -49.96 -35.95 39.15
N LYS H 66 -49.79 -37.25 38.93
CA LYS H 66 -49.08 -38.11 39.87
C LYS H 66 -47.59 -38.16 39.52
N ASP H 67 -47.21 -37.41 38.49
CA ASP H 67 -45.84 -37.39 38.01
C ASP H 67 -45.35 -38.73 37.49
N ASN H 68 -46.29 -39.57 37.06
CA ASN H 68 -45.95 -40.74 36.27
C ASN H 68 -45.64 -40.26 34.86
N LYS H 69 -44.88 -41.03 34.10
CA LYS H 69 -44.45 -40.57 32.79
C LYS H 69 -45.43 -41.04 31.71
N VAL H 70 -46.17 -40.08 31.17
CA VAL H 70 -47.23 -40.36 30.19
C VAL H 70 -46.71 -40.59 28.77
N GLY H 71 -45.82 -39.72 28.32
CA GLY H 71 -45.35 -39.78 26.94
C GLY H 71 -44.23 -38.81 26.63
N LEU H 72 -44.01 -38.58 25.33
CA LEU H 72 -42.90 -37.76 24.87
C LEU H 72 -43.31 -36.76 23.79
N VAL H 73 -42.65 -35.60 23.78
CA VAL H 73 -42.88 -34.60 22.75
C VAL H 73 -41.53 -34.07 22.24
N GLU H 74 -41.38 -34.01 20.92
CA GLU H 74 -40.10 -33.62 20.33
C GLU H 74 -40.23 -32.41 19.41
N LEU H 75 -39.41 -31.39 19.67
CA LEU H 75 -39.27 -30.27 18.76
C LEU H 75 -37.95 -30.40 18.02
N THR H 76 -38.02 -30.70 16.73
CA THR H 76 -36.82 -30.94 15.93
C THR H 76 -36.67 -29.90 14.82
N GLU H 77 -35.59 -30.01 14.07
CA GLU H 77 -35.36 -29.15 12.91
C GLU H 77 -35.62 -27.68 13.22
N ILE H 78 -35.18 -27.22 14.38
CA ILE H 78 -35.37 -25.83 14.78
C ILE H 78 -34.46 -24.90 13.98
N ASP H 79 -35.05 -23.91 13.33
CA ASP H 79 -34.30 -22.92 12.57
C ASP H 79 -34.63 -21.53 13.11
N PHE H 80 -33.63 -20.85 13.66
CA PHE H 80 -33.85 -19.56 14.30
C PHE H 80 -33.87 -18.39 13.31
N ILE H 81 -33.64 -18.70 12.04
CA ILE H 81 -33.79 -17.70 10.99
C ILE H 81 -35.23 -17.67 10.49
N HIS H 82 -35.68 -18.80 9.92
CA HIS H 82 -37.04 -18.92 9.41
C HIS H 82 -38.02 -19.21 10.52
N ARG H 83 -37.48 -19.63 11.67
CA ARG H 83 -38.30 -19.77 12.85
C ARG H 83 -39.37 -20.82 12.66
N ARG H 84 -38.94 -22.05 12.42
CA ARG H 84 -39.89 -23.15 12.28
C ARG H 84 -39.25 -24.36 12.90
N CYS H 85 -40.07 -25.19 13.51
CA CYS H 85 -39.60 -26.43 14.09
C CYS H 85 -40.59 -27.53 13.72
N GLU H 86 -40.11 -28.75 13.65
CA GLU H 86 -40.98 -29.88 13.39
C GLU H 86 -41.49 -30.45 14.71
N PHE H 87 -42.80 -30.56 14.83
CA PHE H 87 -43.40 -31.11 16.03
C PHE H 87 -43.72 -32.59 15.87
N ALA H 88 -43.45 -33.36 16.92
CA ALA H 88 -43.79 -34.78 16.94
C ALA H 88 -44.15 -35.16 18.38
N ILE H 89 -45.16 -36.01 18.52
CA ILE H 89 -45.61 -36.41 19.85
C ILE H 89 -45.90 -37.91 19.94
N ILE H 90 -45.51 -38.51 21.06
CA ILE H 90 -45.72 -39.93 21.29
C ILE H 90 -46.34 -40.17 22.65
N ILE H 91 -47.33 -41.05 22.70
CA ILE H 91 -48.02 -41.36 23.95
C ILE H 91 -47.97 -42.85 24.25
N SER H 92 -47.67 -43.19 25.50
CA SER H 92 -47.54 -44.57 25.92
C SER H 92 -48.80 -45.38 25.58
N PRO H 93 -48.61 -46.68 25.29
CA PRO H 93 -49.70 -47.57 24.89
C PRO H 93 -50.82 -47.65 25.94
N GLY H 94 -50.50 -47.32 27.18
CA GLY H 94 -51.49 -47.33 28.25
C GLY H 94 -52.36 -46.08 28.32
N GLU H 95 -51.77 -44.94 28.01
CA GLU H 95 -52.42 -43.64 28.24
C GLU H 95 -53.17 -43.10 27.03
N GLU H 96 -53.26 -43.91 25.98
CA GLU H 96 -53.81 -43.45 24.70
C GLU H 96 -55.29 -43.06 24.74
N GLY H 97 -55.95 -43.25 25.88
CA GLY H 97 -57.38 -43.04 25.91
C GLY H 97 -57.87 -41.61 25.72
N LYS H 98 -57.94 -40.79 26.77
CA LYS H 98 -58.60 -39.48 26.63
C LYS H 98 -57.90 -38.74 25.50
N GLY H 99 -56.73 -39.27 25.16
CA GLY H 99 -55.97 -38.82 24.01
C GLY H 99 -54.71 -38.04 24.35
N TYR H 100 -54.72 -37.36 25.50
CA TYR H 100 -53.50 -36.76 26.09
C TYR H 100 -52.61 -36.09 25.04
N ALA H 101 -53.21 -35.62 23.95
CA ALA H 101 -52.48 -35.10 22.81
C ALA H 101 -52.68 -33.60 22.75
N THR H 102 -53.94 -33.19 22.62
CA THR H 102 -54.31 -31.79 22.58
C THR H 102 -53.78 -30.99 23.76
N GLU H 103 -53.96 -31.51 24.98
CA GLU H 103 -53.47 -30.82 26.17
C GLU H 103 -51.97 -30.58 26.07
N ALA H 104 -51.21 -31.65 25.83
CA ALA H 104 -49.77 -31.54 25.69
C ALA H 104 -49.41 -30.73 24.45
N THR H 105 -50.02 -31.08 23.31
CA THR H 105 -49.75 -30.41 22.04
C THR H 105 -49.87 -28.90 22.16
N ASP H 106 -51.09 -28.41 22.40
CA ASP H 106 -51.33 -26.98 22.50
C ASP H 106 -50.40 -26.31 23.50
N LEU H 107 -49.98 -27.08 24.51
CA LEU H 107 -49.05 -26.58 25.53
C LEU H 107 -47.70 -26.24 24.91
N THR H 108 -47.12 -27.20 24.20
CA THR H 108 -45.81 -27.03 23.61
C THR H 108 -45.83 -25.87 22.61
N VAL H 109 -46.94 -25.76 21.89
CA VAL H 109 -47.08 -24.71 20.89
C VAL H 109 -46.88 -23.34 21.51
N GLU H 110 -47.36 -23.18 22.74
CA GLU H 110 -47.15 -21.94 23.49
C GLU H 110 -45.67 -21.74 23.77
N TYR H 111 -45.03 -22.79 24.27
CA TYR H 111 -43.58 -22.75 24.52
C TYR H 111 -42.84 -22.29 23.28
N ALA H 112 -43.18 -22.88 22.13
CA ALA H 112 -42.59 -22.49 20.86
C ALA H 112 -42.78 -20.99 20.60
N PHE H 113 -44.03 -20.57 20.45
CA PHE H 113 -44.34 -19.18 20.11
C PHE H 113 -44.08 -18.21 21.26
N SER H 114 -44.57 -18.54 22.45
CA SER H 114 -44.52 -17.61 23.59
C SER H 114 -43.19 -17.60 24.32
N ILE H 115 -42.32 -18.54 24.00
CA ILE H 115 -41.01 -18.60 24.64
C ILE H 115 -39.87 -18.58 23.63
N LEU H 116 -39.79 -19.63 22.80
CA LEU H 116 -38.78 -19.70 21.75
C LEU H 116 -39.00 -18.59 20.72
N ASN H 117 -40.16 -17.96 20.79
CA ASN H 117 -40.51 -16.87 19.88
C ASN H 117 -40.46 -17.32 18.42
N LEU H 118 -40.91 -18.54 18.16
CA LEU H 118 -40.93 -19.05 16.80
C LEU H 118 -42.10 -18.45 16.01
N HIS H 119 -42.24 -18.89 14.76
CA HIS H 119 -43.28 -18.38 13.88
C HIS H 119 -44.20 -19.51 13.45
N LYS H 120 -43.65 -20.49 12.74
CA LYS H 120 -44.43 -21.59 12.21
C LYS H 120 -44.00 -22.94 12.79
N ILE H 121 -44.98 -23.82 13.01
CA ILE H 121 -44.70 -25.19 13.44
C ILE H 121 -45.36 -26.17 12.48
N TYR H 122 -44.65 -27.24 12.13
CA TYR H 122 -45.20 -28.24 11.23
C TYR H 122 -45.01 -29.66 11.76
N LEU H 123 -45.77 -30.60 11.21
CA LEU H 123 -45.71 -31.99 11.66
C LEU H 123 -46.09 -32.94 10.54
N LEU H 124 -45.74 -34.21 10.69
CA LEU H 124 -46.04 -35.22 9.67
C LEU H 124 -46.87 -36.38 10.23
N VAL H 125 -47.91 -36.75 9.49
CA VAL H 125 -48.76 -37.88 9.88
C VAL H 125 -49.11 -38.73 8.66
N ASP H 126 -49.36 -40.01 8.90
CA ASP H 126 -49.70 -40.94 7.83
C ASP H 126 -51.12 -40.72 7.33
N GLU H 127 -51.39 -41.15 6.09
CA GLU H 127 -52.73 -41.13 5.54
C GLU H 127 -53.66 -41.99 6.39
N ASP H 128 -53.11 -43.08 6.91
CA ASP H 128 -53.90 -44.13 7.53
C ASP H 128 -54.24 -43.87 8.99
N ASN H 129 -53.82 -42.72 9.51
CA ASN H 129 -54.19 -42.32 10.87
C ASN H 129 -55.01 -41.04 10.89
N PRO H 130 -56.30 -41.15 10.52
CA PRO H 130 -57.24 -40.03 10.55
C PRO H 130 -57.53 -39.61 11.99
N ALA H 131 -57.36 -40.55 12.92
CA ALA H 131 -57.66 -40.32 14.33
C ALA H 131 -56.89 -39.11 14.88
N ALA H 132 -55.57 -39.26 15.02
CA ALA H 132 -54.74 -38.19 15.55
C ALA H 132 -54.67 -37.02 14.57
N LEU H 133 -54.85 -37.32 13.29
CA LEU H 133 -54.88 -36.29 12.26
C LEU H 133 -55.81 -35.16 12.65
N HIS H 134 -57.01 -35.53 13.10
CA HIS H 134 -58.03 -34.56 13.46
C HIS H 134 -57.76 -33.93 14.83
N ILE H 135 -57.11 -34.67 15.70
CA ILE H 135 -56.70 -34.13 16.98
C ILE H 135 -55.79 -32.93 16.73
N TYR H 136 -55.02 -33.00 15.64
CA TYR H 136 -54.08 -31.95 15.28
C TYR H 136 -54.78 -30.73 14.73
N ARG H 137 -55.84 -30.96 13.98
CA ARG H 137 -56.61 -29.90 13.34
C ARG H 137 -57.63 -29.36 14.30
N LYS H 138 -57.61 -29.93 15.49
CA LYS H 138 -58.27 -29.40 16.64
C LYS H 138 -57.23 -28.71 17.47
N SER H 139 -56.01 -28.62 16.95
CA SER H 139 -54.97 -27.78 17.53
C SER H 139 -54.70 -26.50 16.73
N GLY H 140 -55.45 -26.31 15.64
CA GLY H 140 -55.24 -25.17 14.76
C GLY H 140 -54.34 -25.51 13.59
N PHE H 141 -54.00 -26.79 13.47
CA PHE H 141 -53.19 -27.26 12.36
C PHE H 141 -54.00 -27.38 11.08
N ALA H 142 -53.34 -27.16 9.94
CA ALA H 142 -53.97 -27.30 8.64
C ALA H 142 -52.95 -27.82 7.63
N GLU H 143 -53.39 -28.65 6.70
CA GLU H 143 -52.48 -29.30 5.76
C GLU H 143 -51.89 -28.32 4.75
N GLU H 144 -50.57 -28.21 4.74
CA GLU H 144 -49.87 -27.43 3.72
C GLU H 144 -49.32 -28.30 2.60
N GLY H 145 -49.50 -29.61 2.72
CA GLY H 145 -49.02 -30.52 1.69
C GLY H 145 -49.23 -31.99 2.00
N LYS H 146 -49.17 -32.81 0.95
CA LYS H 146 -49.27 -34.26 1.09
C LYS H 146 -48.10 -34.91 0.36
N LEU H 147 -47.21 -35.55 1.11
CA LEU H 147 -45.97 -36.07 0.54
C LEU H 147 -46.08 -37.52 0.09
N VAL H 148 -45.96 -37.73 -1.23
CA VAL H 148 -46.09 -39.04 -1.83
C VAL H 148 -44.84 -39.90 -1.62
N ASP H 149 -45.03 -41.12 -1.13
CA ASP H 149 -43.93 -42.05 -0.93
C ASP H 149 -42.78 -41.40 -0.15
N GLU H 150 -43.14 -40.50 0.77
CA GLU H 150 -42.15 -39.76 1.54
C GLU H 150 -41.42 -40.67 2.53
N TYR H 151 -42.10 -41.72 2.97
CA TYR H 151 -41.52 -42.65 3.93
C TYR H 151 -41.68 -44.10 3.48
N TYR H 152 -40.82 -44.97 4.00
CA TYR H 152 -40.94 -46.40 3.76
C TYR H 152 -41.17 -47.12 5.08
N SER H 153 -42.36 -47.66 5.24
CA SER H 153 -42.72 -48.34 6.49
C SER H 153 -43.46 -49.64 6.24
N LYS H 154 -42.91 -50.73 6.76
CA LYS H 154 -43.54 -52.04 6.69
C LYS H 154 -43.89 -52.47 5.26
N GLY H 155 -42.85 -52.64 4.44
CA GLY H 155 -43.01 -53.25 3.12
C GLY H 155 -43.50 -52.35 1.99
N ARG H 156 -44.07 -51.21 2.34
CA ARG H 156 -44.63 -50.31 1.33
C ARG H 156 -44.36 -48.84 1.61
N TYR H 157 -44.05 -48.09 0.55
CA TYR H 157 -43.87 -46.66 0.68
C TYR H 157 -45.17 -46.02 1.13
N ARG H 158 -45.10 -45.25 2.21
CA ARG H 158 -46.30 -44.59 2.73
C ARG H 158 -46.38 -43.16 2.24
N THR H 159 -47.44 -42.46 2.61
CA THR H 159 -47.64 -41.07 2.23
C THR H 159 -48.06 -40.26 3.44
N ALA H 160 -47.31 -39.20 3.73
CA ALA H 160 -47.53 -38.41 4.93
C ALA H 160 -48.14 -37.04 4.64
N ILE H 161 -49.02 -36.60 5.53
CA ILE H 161 -49.63 -35.28 5.42
C ILE H 161 -48.89 -34.28 6.29
N ARG H 162 -48.46 -33.17 5.68
CA ARG H 162 -47.78 -32.12 6.43
C ARG H 162 -48.73 -30.98 6.78
N MSE H 163 -48.89 -30.75 8.08
CA MSE H 163 -49.78 -29.71 8.56
C MSE H 163 -48.99 -28.69 9.37
O MSE H 163 -47.92 -29.00 9.90
CB MSE H 163 -50.89 -30.31 9.43
CG MSE H 163 -51.64 -31.44 8.74
SE MSE H 163 -52.49 -32.61 10.02
CE MSE H 163 -53.56 -31.28 10.95
N TYR H 164 -49.51 -27.47 9.47
CA TYR H 164 -48.79 -26.41 10.14
C TYR H 164 -49.69 -25.51 10.96
N VAL H 165 -49.08 -24.55 11.65
CA VAL H 165 -49.79 -23.46 12.30
C VAL H 165 -48.88 -22.24 12.35
N LEU H 166 -49.46 -21.05 12.16
CA LEU H 166 -48.71 -19.81 12.26
C LEU H 166 -48.81 -19.26 13.68
N LYS H 167 -48.34 -18.04 13.90
CA LYS H 167 -48.29 -17.54 15.27
C LYS H 167 -49.45 -16.61 15.61
N LYS H 168 -49.35 -15.32 15.29
CA LYS H 168 -50.35 -14.37 15.80
C LYS H 168 -51.76 -14.89 15.59
N LYS I 5 -25.76 2.39 -2.26
CA LYS I 5 -25.72 2.90 -3.62
C LYS I 5 -24.42 3.65 -3.87
N LYS I 6 -23.98 4.40 -2.88
CA LYS I 6 -22.68 5.06 -2.93
C LYS I 6 -21.64 4.10 -2.39
N ILE I 7 -22.12 2.98 -1.86
CA ILE I 7 -21.28 2.03 -1.15
C ILE I 7 -21.85 0.62 -1.21
N ARG I 8 -21.02 -0.36 -0.91
CA ARG I 8 -21.47 -1.75 -0.82
C ARG I 8 -20.93 -2.40 0.45
N LEU I 9 -21.55 -3.51 0.84
CA LEU I 9 -21.10 -4.25 2.02
C LEU I 9 -20.59 -5.64 1.63
N SER I 10 -19.41 -5.99 2.14
CA SER I 10 -18.82 -7.28 1.86
C SER I 10 -18.65 -8.10 3.13
N ALA I 11 -18.98 -9.39 3.04
CA ALA I 11 -18.79 -10.29 4.16
C ALA I 11 -17.30 -10.38 4.50
N LEU I 12 -16.98 -10.19 5.77
CA LEU I 12 -15.58 -10.19 6.20
C LEU I 12 -14.90 -11.52 5.91
N GLU I 13 -13.69 -11.44 5.36
CA GLU I 13 -12.91 -12.62 5.03
C GLU I 13 -11.56 -12.51 5.72
N ARG I 14 -10.79 -13.59 5.70
CA ARG I 14 -9.50 -13.63 6.39
C ARG I 14 -8.54 -12.54 5.91
N GLU I 15 -8.60 -12.21 4.62
CA GLU I 15 -7.72 -11.20 4.04
C GLU I 15 -8.05 -9.79 4.53
N ASP I 16 -9.23 -9.63 5.13
CA ASP I 16 -9.68 -8.33 5.60
C ASP I 16 -9.14 -7.99 6.98
N LEU I 17 -8.59 -9.00 7.67
CA LEU I 17 -8.11 -8.84 9.04
C LEU I 17 -7.08 -7.73 9.20
N LYS I 18 -6.08 -7.72 8.32
CA LYS I 18 -5.04 -6.69 8.36
C LYS I 18 -5.66 -5.29 8.44
N PHE I 19 -6.64 -5.04 7.59
CA PHE I 19 -7.32 -3.75 7.55
C PHE I 19 -8.01 -3.45 8.88
N VAL I 20 -8.70 -4.43 9.43
CA VAL I 20 -9.40 -4.27 10.69
C VAL I 20 -8.43 -3.86 11.80
N HIS I 21 -7.31 -4.58 11.90
CA HIS I 21 -6.31 -4.29 12.91
C HIS I 21 -5.83 -2.85 12.81
N GLU I 22 -5.52 -2.42 11.59
CA GLU I 22 -5.02 -1.07 11.34
C GLU I 22 -5.99 -0.01 11.87
N LEU I 23 -7.29 -0.31 11.84
CA LEU I 23 -8.31 0.62 12.33
C LEU I 23 -8.26 0.78 13.85
N ASN I 24 -8.32 -0.34 14.56
CA ASN I 24 -8.48 -0.34 16.02
C ASN I 24 -7.28 0.17 16.80
N ASN I 25 -6.17 0.38 16.11
CA ASN I 25 -4.99 0.95 16.75
C ASN I 25 -5.23 2.41 17.14
N ASN I 26 -6.22 3.03 16.51
CA ASN I 26 -6.58 4.41 16.79
C ASN I 26 -7.07 4.63 18.22
N LEU I 27 -7.76 3.65 18.80
CA LEU I 27 -8.66 3.93 19.92
C LEU I 27 -8.15 3.62 21.34
N SER I 28 -8.62 4.41 22.30
CA SER I 28 -8.37 4.16 23.72
C SER I 28 -8.81 2.75 24.08
N ILE I 29 -9.87 2.28 23.42
CA ILE I 29 -10.27 0.89 23.51
C ILE I 29 -8.94 0.22 23.21
N MSE I 30 -8.62 -0.92 23.83
CA MSE I 30 -9.51 -2.05 24.11
C MSE I 30 -10.42 -2.47 22.97
O MSE I 30 -11.54 -2.00 22.87
CB MSE I 30 -10.23 -1.99 25.46
CG MSE I 30 -9.33 -1.75 26.65
SE MSE I 30 -7.64 -2.72 26.63
CE MSE I 30 -8.32 -4.54 26.47
N SER I 31 -9.89 -3.27 22.05
CA SER I 31 -10.70 -3.84 20.99
C SER I 31 -11.03 -5.31 21.24
N TYR I 32 -12.26 -5.71 20.95
CA TYR I 32 -12.74 -7.05 21.26
C TYR I 32 -13.12 -7.85 20.01
N TRP I 33 -12.85 -9.15 20.05
CA TRP I 33 -13.33 -10.06 19.01
C TRP I 33 -14.10 -11.18 19.68
N PHE I 34 -15.39 -11.23 19.43
CA PHE I 34 -16.28 -12.18 20.11
C PHE I 34 -16.10 -12.09 21.63
N GLU I 35 -16.11 -10.87 22.14
CA GLU I 35 -16.01 -10.61 23.57
C GLU I 35 -14.64 -10.95 24.17
N GLU I 36 -13.77 -11.51 23.35
CA GLU I 36 -12.38 -11.71 23.76
C GLU I 36 -11.51 -10.55 23.26
N PRO I 37 -10.81 -9.88 24.18
CA PRO I 37 -10.00 -8.71 23.84
C PRO I 37 -8.71 -9.10 23.12
N TYR I 38 -8.20 -8.20 22.29
CA TYR I 38 -6.97 -8.46 21.55
C TYR I 38 -6.20 -7.19 21.25
N GLU I 39 -4.90 -7.32 21.06
CA GLU I 39 -4.05 -6.19 20.72
C GLU I 39 -3.27 -6.48 19.44
N SER I 40 -2.40 -7.48 19.48
CA SER I 40 -1.58 -7.84 18.33
C SER I 40 -2.43 -8.46 17.22
N TYR I 41 -1.92 -8.37 16.00
CA TYR I 41 -2.59 -8.93 14.83
C TYR I 41 -2.75 -10.44 14.97
N ARG I 42 -1.66 -11.09 15.34
CA ARG I 42 -1.62 -12.53 15.56
C ARG I 42 -2.75 -12.99 16.47
N GLU I 43 -3.00 -12.22 17.52
CA GLU I 43 -4.10 -12.53 18.44
C GLU I 43 -5.40 -12.57 17.65
N LEU I 44 -5.74 -11.47 17.02
CA LEU I 44 -6.93 -11.38 16.18
C LEU I 44 -6.96 -12.51 15.17
N GLU I 45 -5.82 -12.76 14.55
CA GLU I 45 -5.70 -13.82 13.55
C GLU I 45 -6.17 -15.15 14.12
N ASP I 46 -5.71 -15.47 15.33
CA ASP I 46 -6.12 -16.70 16.01
C ASP I 46 -7.60 -16.67 16.34
N LEU I 47 -8.04 -15.60 17.00
CA LEU I 47 -9.43 -15.46 17.40
C LEU I 47 -10.38 -15.67 16.22
N HIS I 48 -10.01 -15.10 15.06
CA HIS I 48 -10.82 -15.24 13.87
C HIS I 48 -11.10 -16.69 13.53
N ILE I 49 -10.04 -17.50 13.48
CA ILE I 49 -10.17 -18.91 13.15
C ILE I 49 -10.99 -19.64 14.21
N LYS I 50 -10.70 -19.35 15.47
CA LYS I 50 -11.36 -19.98 16.60
C LYS I 50 -12.88 -19.81 16.57
N HIS I 51 -13.33 -18.58 16.37
CA HIS I 51 -14.75 -18.26 16.39
C HIS I 51 -15.40 -18.27 15.01
N ILE I 52 -14.65 -18.67 13.99
CA ILE I 52 -15.09 -18.56 12.61
C ILE I 52 -16.50 -19.10 12.34
N HIS I 53 -16.88 -20.15 13.06
CA HIS I 53 -18.20 -20.76 12.86
C HIS I 53 -19.27 -20.21 13.79
N ASP I 54 -18.90 -19.25 14.62
CA ASP I 54 -19.84 -18.67 15.58
C ASP I 54 -20.77 -17.66 14.90
N GLN I 55 -22.07 -17.86 15.07
CA GLN I 55 -23.07 -16.97 14.50
C GLN I 55 -23.41 -15.82 15.46
N SER I 56 -22.80 -15.87 16.64
CA SER I 56 -23.04 -14.87 17.68
C SER I 56 -22.85 -13.45 17.14
N GLU I 57 -21.84 -13.27 16.30
CA GLU I 57 -21.54 -11.97 15.74
C GLU I 57 -21.40 -12.03 14.23
N ARG I 58 -21.56 -10.88 13.58
CA ARG I 58 -21.41 -10.79 12.13
C ARG I 58 -20.77 -9.45 11.76
N ARG I 59 -19.85 -9.49 10.80
CA ARG I 59 -19.11 -8.29 10.42
C ARG I 59 -19.07 -8.10 8.91
N PHE I 60 -19.08 -6.85 8.48
CA PHE I 60 -18.98 -6.51 7.06
C PHE I 60 -17.95 -5.42 6.82
N ILE I 61 -17.31 -5.48 5.65
CA ILE I 61 -16.39 -4.43 5.24
C ILE I 61 -17.12 -3.49 4.28
N ILE I 62 -16.97 -2.20 4.51
CA ILE I 62 -17.58 -1.20 3.64
C ILE I 62 -16.60 -0.85 2.51
N LYS I 63 -17.03 -1.10 1.28
CA LYS I 63 -16.19 -0.83 0.12
C LYS I 63 -16.84 0.18 -0.82
N ASP I 64 -16.04 1.09 -1.35
CA ASP I 64 -16.54 2.10 -2.28
C ASP I 64 -16.77 1.49 -3.66
N LEU I 65 -17.15 2.34 -4.61
CA LEU I 65 -17.42 1.90 -5.98
C LEU I 65 -16.16 1.30 -6.60
N LYS I 66 -15.01 1.73 -6.10
CA LYS I 66 -13.72 1.28 -6.62
C LYS I 66 -13.25 0.04 -5.88
N ASP I 67 -14.07 -0.42 -4.94
CA ASP I 67 -13.74 -1.57 -4.11
C ASP I 67 -12.52 -1.35 -3.22
N ASN I 68 -12.22 -0.09 -2.93
CA ASN I 68 -11.28 0.24 -1.87
C ASN I 68 -12.00 0.02 -0.55
N LYS I 69 -11.26 -0.20 0.53
CA LYS I 69 -11.89 -0.52 1.81
C LYS I 69 -12.12 0.73 2.62
N VAL I 70 -13.39 1.11 2.75
CA VAL I 70 -13.79 2.34 3.42
C VAL I 70 -13.81 2.24 4.94
N GLY I 71 -14.40 1.18 5.46
CA GLY I 71 -14.57 1.04 6.89
C GLY I 71 -15.12 -0.31 7.34
N LEU I 72 -15.62 -0.36 8.57
CA LEU I 72 -16.09 -1.60 9.16
C LEU I 72 -17.43 -1.44 9.88
N VAL I 73 -18.24 -2.50 9.86
CA VAL I 73 -19.51 -2.53 10.58
C VAL I 73 -19.65 -3.85 11.33
N GLU I 74 -20.01 -3.77 12.61
CA GLU I 74 -20.09 -4.97 13.45
C GLU I 74 -21.47 -5.18 14.05
N LEU I 75 -22.01 -6.37 13.84
CA LEU I 75 -23.22 -6.79 14.54
C LEU I 75 -22.85 -7.79 15.63
N THR I 76 -22.97 -7.36 16.88
CA THR I 76 -22.56 -8.18 18.01
C THR I 76 -23.75 -8.53 18.90
N GLU I 77 -23.48 -9.32 19.94
CA GLU I 77 -24.49 -9.67 20.93
C GLU I 77 -25.82 -10.09 20.29
N ILE I 78 -25.73 -10.90 19.24
CA ILE I 78 -26.93 -11.36 18.55
C ILE I 78 -27.66 -12.41 19.38
N ASP I 79 -28.94 -12.18 19.64
CA ASP I 79 -29.78 -13.11 20.38
C ASP I 79 -30.97 -13.49 19.52
N PHE I 80 -31.07 -14.76 19.15
CA PHE I 80 -32.12 -15.22 18.25
C PHE I 80 -33.45 -15.49 18.95
N ILE I 81 -33.47 -15.35 20.28
CA ILE I 81 -34.70 -15.43 21.04
C ILE I 81 -35.37 -14.06 21.10
N HIS I 82 -34.68 -13.11 21.72
CA HIS I 82 -35.19 -11.75 21.85
C HIS I 82 -35.00 -10.97 20.56
N ARG I 83 -34.13 -11.49 19.69
CA ARG I 83 -33.90 -10.88 18.40
C ARG I 83 -33.41 -9.46 18.47
N ARG I 84 -32.24 -9.29 19.06
CA ARG I 84 -31.63 -7.99 19.12
C ARG I 84 -30.14 -8.19 18.94
N CYS I 85 -29.52 -7.21 18.29
CA CYS I 85 -28.08 -7.22 18.12
C CYS I 85 -27.56 -5.82 18.39
N GLU I 86 -26.32 -5.73 18.83
CA GLU I 86 -25.69 -4.44 19.03
C GLU I 86 -24.99 -4.00 17.76
N PHE I 87 -25.32 -2.80 17.29
CA PHE I 87 -24.70 -2.25 16.10
C PHE I 87 -23.54 -1.34 16.43
N ALA I 88 -22.46 -1.45 15.67
CA ALA I 88 -21.32 -0.57 15.81
C ALA I 88 -20.70 -0.35 14.43
N ILE I 89 -20.25 0.87 14.18
CA ILE I 89 -19.68 1.19 12.87
C ILE I 89 -18.42 2.05 12.99
N ILE I 90 -17.43 1.74 12.16
CA ILE I 90 -16.17 2.47 12.15
C ILE I 90 -15.79 2.86 10.73
N ILE I 91 -15.34 4.11 10.57
CA ILE I 91 -14.96 4.63 9.26
C ILE I 91 -13.51 5.13 9.27
N SER I 92 -12.76 4.77 8.24
CA SER I 92 -11.36 5.15 8.14
C SER I 92 -11.18 6.67 8.26
N PRO I 93 -10.04 7.09 8.82
CA PRO I 93 -9.74 8.51 9.06
C PRO I 93 -9.77 9.34 7.78
N GLY I 94 -9.60 8.69 6.63
CA GLY I 94 -9.64 9.37 5.35
C GLY I 94 -11.03 9.63 4.81
N GLU I 95 -11.94 8.69 5.05
CA GLU I 95 -13.25 8.70 4.41
C GLU I 95 -14.34 9.37 5.24
N GLU I 96 -13.96 9.98 6.37
CA GLU I 96 -14.92 10.52 7.33
C GLU I 96 -15.75 11.69 6.82
N LYS I 98 -18.21 12.84 3.65
CA LYS I 98 -19.65 12.81 3.38
C LYS I 98 -20.35 12.09 4.52
N GLY I 99 -19.56 11.33 5.27
CA GLY I 99 -20.00 10.69 6.50
C GLY I 99 -20.20 9.19 6.38
N TYR I 100 -20.55 8.74 5.18
CA TYR I 100 -20.46 7.33 4.81
C TYR I 100 -20.99 6.39 5.91
N ALA I 101 -21.91 6.91 6.71
CA ALA I 101 -22.42 6.23 7.89
C ALA I 101 -23.85 5.80 7.61
N THR I 102 -24.69 6.79 7.31
CA THR I 102 -26.09 6.54 6.98
C THR I 102 -26.28 5.52 5.87
N GLU I 103 -25.55 5.67 4.77
CA GLU I 103 -25.65 4.72 3.66
C GLU I 103 -25.36 3.31 4.13
N ALA I 104 -24.21 3.12 4.77
CA ALA I 104 -23.84 1.81 5.29
C ALA I 104 -24.79 1.39 6.41
N THR I 105 -25.00 2.29 7.37
CA THR I 105 -25.87 2.00 8.51
C THR I 105 -27.22 1.46 8.09
N ASP I 106 -28.02 2.30 7.43
CA ASP I 106 -29.36 1.92 7.00
C ASP I 106 -29.33 0.63 6.19
N LEU I 107 -28.23 0.38 5.50
CA LEU I 107 -28.04 -0.85 4.72
C LEU I 107 -28.05 -2.07 5.61
N THR I 108 -27.19 -2.06 6.62
CA THR I 108 -27.05 -3.21 7.52
C THR I 108 -28.36 -3.47 8.24
N VAL I 109 -29.06 -2.40 8.59
CA VAL I 109 -30.33 -2.52 9.29
C VAL I 109 -31.31 -3.38 8.49
N GLU I 110 -31.27 -3.24 7.17
CA GLU I 110 -32.09 -4.08 6.30
C GLU I 110 -31.66 -5.53 6.42
N TYR I 111 -30.36 -5.77 6.33
CA TYR I 111 -29.81 -7.12 6.49
C TYR I 111 -30.31 -7.74 7.78
N ALA I 112 -30.25 -6.98 8.87
CA ALA I 112 -30.74 -7.43 10.16
C ALA I 112 -32.21 -7.83 10.08
N PHE I 113 -33.07 -6.86 9.78
CA PHE I 113 -34.51 -7.10 9.75
C PHE I 113 -34.97 -7.94 8.57
N SER I 114 -34.51 -7.59 7.37
CA SER I 114 -35.00 -8.22 6.14
C SER I 114 -34.33 -9.55 5.83
N ILE I 115 -33.26 -9.89 6.55
CA ILE I 115 -32.57 -11.15 6.33
C ILE I 115 -32.48 -11.98 7.61
N LEU I 116 -31.74 -11.47 8.59
CA LEU I 116 -31.63 -12.15 9.88
C LEU I 116 -32.98 -12.21 10.59
N ASN I 117 -33.94 -11.45 10.06
CA ASN I 117 -35.29 -11.42 10.62
C ASN I 117 -35.29 -11.01 12.09
N LEU I 118 -34.43 -10.06 12.44
CA LEU I 118 -34.37 -9.58 13.81
C LEU I 118 -35.53 -8.64 14.11
N HIS I 119 -35.54 -8.10 15.33
CA HIS I 119 -36.62 -7.22 15.77
C HIS I 119 -36.06 -5.84 16.11
N LYS I 120 -35.19 -5.81 17.13
CA LYS I 120 -34.63 -4.56 17.61
C LYS I 120 -33.11 -4.50 17.44
N ILE I 121 -32.61 -3.30 17.13
CA ILE I 121 -31.18 -3.06 17.06
C ILE I 121 -30.81 -1.89 17.97
N TYR I 122 -29.71 -2.02 18.68
CA TYR I 122 -29.26 -0.96 19.57
C TYR I 122 -27.77 -0.64 19.38
N LEU I 123 -27.36 0.53 19.85
CA LEU I 123 -25.97 0.96 19.72
C LEU I 123 -25.58 1.92 20.85
N LEU I 124 -24.27 2.10 21.05
CA LEU I 124 -23.77 2.96 22.10
C LEU I 124 -22.88 4.08 21.56
N VAL I 125 -23.11 5.29 22.03
CA VAL I 125 -22.30 6.45 21.64
C VAL I 125 -22.01 7.34 22.84
N ASP I 126 -20.89 8.05 22.79
CA ASP I 126 -20.48 8.93 23.88
C ASP I 126 -21.33 10.21 23.91
N GLU I 127 -21.38 10.85 25.07
CA GLU I 127 -22.04 12.14 25.20
C GLU I 127 -21.36 13.16 24.31
N ASP I 128 -20.05 13.03 24.18
CA ASP I 128 -19.21 14.05 23.56
C ASP I 128 -19.15 13.97 22.04
N ASN I 129 -19.88 13.03 21.46
CA ASN I 129 -19.97 12.95 20.02
C ASN I 129 -21.40 13.15 19.52
N PRO I 130 -21.87 14.41 19.52
CA PRO I 130 -23.19 14.78 19.02
C PRO I 130 -23.25 14.60 17.51
N ALA I 131 -22.10 14.67 16.86
CA ALA I 131 -22.01 14.56 15.40
C ALA I 131 -22.65 13.29 14.87
N ALA I 132 -22.02 12.16 15.14
CA ALA I 132 -22.54 10.86 14.68
C ALA I 132 -23.83 10.51 15.39
N LEU I 133 -23.98 11.02 16.61
CA LEU I 133 -25.21 10.81 17.39
C LEU I 133 -26.44 11.11 16.54
N HIS I 134 -26.40 12.24 15.84
CA HIS I 134 -27.53 12.69 15.03
C HIS I 134 -27.61 11.94 13.71
N ILE I 135 -26.46 11.50 13.21
CA ILE I 135 -26.44 10.67 12.02
C ILE I 135 -27.26 9.42 12.28
N TYR I 136 -27.22 8.94 13.53
CA TYR I 136 -27.92 7.74 13.94
C TYR I 136 -29.43 7.98 14.05
N ARG I 137 -29.81 9.16 14.51
CA ARG I 137 -31.22 9.51 14.67
C ARG I 137 -31.77 10.05 13.39
N LYS I 138 -30.93 10.03 12.37
CA LYS I 138 -31.33 10.19 11.00
C LYS I 138 -31.37 8.81 10.38
N SER I 139 -31.13 7.80 11.19
CA SER I 139 -31.36 6.42 10.80
C SER I 139 -32.62 5.79 11.39
N GLY I 140 -33.35 6.58 12.17
CA GLY I 140 -34.54 6.08 12.83
C GLY I 140 -34.25 5.64 14.26
N PHE I 141 -33.03 5.89 14.71
CA PHE I 141 -32.63 5.56 16.08
C PHE I 141 -33.17 6.58 17.08
N ALA I 142 -33.45 6.10 18.29
CA ALA I 142 -33.92 6.97 19.36
C ALA I 142 -33.39 6.45 20.69
N GLU I 143 -33.07 7.37 21.59
CA GLU I 143 -32.43 7.00 22.86
C GLU I 143 -33.38 6.26 23.79
N GLU I 144 -33.02 5.03 24.15
CA GLU I 144 -33.75 4.28 25.16
C GLU I 144 -33.11 4.36 26.54
N GLY I 145 -31.96 5.03 26.62
CA GLY I 145 -31.28 5.17 27.89
C GLY I 145 -29.95 5.90 27.81
N LYS I 146 -29.49 6.38 28.98
CA LYS I 146 -28.20 7.04 29.09
C LYS I 146 -27.41 6.40 30.23
N LEU I 147 -26.31 5.74 29.89
CA LEU I 147 -25.57 4.95 30.87
C LEU I 147 -24.43 5.72 31.54
N VAL I 148 -24.59 5.95 32.84
CA VAL I 148 -23.63 6.72 33.62
C VAL I 148 -22.37 5.91 33.95
N ASP I 149 -21.22 6.50 33.66
CA ASP I 149 -19.94 5.86 33.95
C ASP I 149 -19.89 4.43 33.42
N GLU I 150 -20.56 4.21 32.28
CA GLU I 150 -20.65 2.89 31.70
C GLU I 150 -19.30 2.41 31.15
N TYR I 151 -18.48 3.37 30.74
CA TYR I 151 -17.17 3.05 30.17
C TYR I 151 -16.06 3.88 30.82
N TYR I 152 -14.84 3.38 30.73
CA TYR I 152 -13.68 4.13 31.20
C TYR I 152 -12.74 4.38 30.03
N SER I 153 -12.63 5.64 29.63
CA SER I 153 -11.81 6.00 28.49
C SER I 153 -10.97 7.25 28.76
N LYS I 154 -9.67 7.11 28.63
CA LYS I 154 -8.74 8.22 28.76
C LYS I 154 -8.87 8.98 30.09
N GLY I 155 -8.60 8.28 31.19
CA GLY I 155 -8.49 8.91 32.50
C GLY I 155 -9.77 9.19 33.25
N ARG I 156 -10.90 9.16 32.55
CA ARG I 156 -12.18 9.48 33.18
C ARG I 156 -13.31 8.57 32.72
N TYR I 157 -14.17 8.19 33.65
CA TYR I 157 -15.35 7.40 33.32
C TYR I 157 -16.26 8.22 32.41
N ARG I 158 -16.61 7.66 31.26
CA ARG I 158 -17.47 8.35 30.32
C ARG I 158 -18.92 7.92 30.49
N THR I 159 -19.80 8.52 29.71
CA THR I 159 -21.23 8.19 29.76
C THR I 159 -21.76 8.00 28.34
N ALA I 160 -22.35 6.83 28.09
CA ALA I 160 -22.79 6.49 26.74
C ALA I 160 -24.31 6.52 26.59
N ILE I 161 -24.77 6.96 25.42
CA ILE I 161 -26.19 6.99 25.10
C ILE I 161 -26.58 5.74 24.31
N ARG I 162 -27.58 5.02 24.79
CA ARG I 162 -28.07 3.84 24.09
C ARG I 162 -29.32 4.16 23.27
N MSE I 163 -29.22 3.97 21.96
CA MSE I 163 -30.32 4.24 21.06
C MSE I 163 -30.72 2.96 20.33
O MSE I 163 -29.92 2.04 20.19
CB MSE I 163 -29.93 5.31 20.04
CG MSE I 163 -29.39 6.58 20.69
SE MSE I 163 -28.28 7.60 19.46
CE MSE I 163 -29.58 7.84 18.04
N TYR I 164 -31.96 2.91 19.86
CA TYR I 164 -32.47 1.69 19.24
C TYR I 164 -33.36 1.98 18.04
N VAL I 165 -33.80 0.91 17.39
CA VAL I 165 -34.83 0.98 16.37
C VAL I 165 -35.60 -0.34 16.35
N LEU I 166 -36.90 -0.27 16.15
CA LEU I 166 -37.72 -1.48 16.03
C LEU I 166 -37.83 -1.86 14.55
N LYS I 167 -38.66 -2.85 14.26
CA LYS I 167 -38.75 -3.38 12.89
C LYS I 167 -39.90 -2.76 12.10
N LYS J 5 -27.54 -9.72 58.24
CA LYS J 5 -27.80 -9.90 59.66
C LYS J 5 -28.97 -10.86 59.87
N LYS J 6 -29.99 -10.73 59.03
CA LYS J 6 -31.12 -11.65 59.03
C LYS J 6 -30.76 -12.80 58.11
N ILE J 7 -29.64 -12.65 57.40
CA ILE J 7 -29.26 -13.58 56.36
C ILE J 7 -27.75 -13.61 56.16
N ARG J 8 -27.26 -14.65 55.49
CA ARG J 8 -25.84 -14.73 55.14
C ARG J 8 -25.68 -15.13 53.68
N LEU J 9 -24.49 -14.88 53.13
CA LEU J 9 -24.19 -15.26 51.76
C LEU J 9 -23.10 -16.33 51.71
N SER J 10 -23.36 -17.39 50.95
CA SER J 10 -22.40 -18.48 50.80
C SER J 10 -21.94 -18.61 49.36
N ALA J 11 -20.63 -18.80 49.17
CA ALA J 11 -20.07 -19.03 47.85
C ALA J 11 -20.66 -20.31 47.26
N LEU J 12 -21.18 -20.22 46.04
CA LEU J 12 -21.82 -21.36 45.41
C LEU J 12 -20.86 -22.53 45.24
N GLU J 13 -21.34 -23.72 45.58
CA GLU J 13 -20.56 -24.94 45.47
C GLU J 13 -21.33 -25.93 44.63
N ARG J 14 -20.67 -27.02 44.25
CA ARG J 14 -21.28 -28.02 43.37
C ARG J 14 -22.58 -28.60 43.94
N GLU J 15 -22.64 -28.74 45.25
CA GLU J 15 -23.82 -29.30 45.91
C GLU J 15 -25.02 -28.37 45.85
N ASP J 16 -24.78 -27.11 45.51
CA ASP J 16 -25.84 -26.10 45.45
C ASP J 16 -26.58 -26.12 44.11
N LEU J 17 -26.01 -26.81 43.13
CA LEU J 17 -26.56 -26.83 41.78
C LEU J 17 -28.01 -27.31 41.73
N LYS J 18 -28.30 -28.41 42.40
CA LYS J 18 -29.66 -28.96 42.44
C LYS J 18 -30.67 -27.87 42.82
N PHE J 19 -30.35 -27.11 43.85
CA PHE J 19 -31.22 -26.04 44.31
C PHE J 19 -31.42 -24.98 43.23
N VAL J 20 -30.33 -24.58 42.59
CA VAL J 20 -30.39 -23.58 41.52
C VAL J 20 -31.33 -24.01 40.41
N HIS J 21 -31.17 -25.25 39.95
CA HIS J 21 -32.00 -25.80 38.89
C HIS J 21 -33.48 -25.73 39.26
N GLU J 22 -33.79 -26.15 40.48
CA GLU J 22 -35.17 -26.15 40.96
C GLU J 22 -35.81 -24.76 40.87
N LEU J 23 -34.99 -23.73 41.05
CA LEU J 23 -35.48 -22.36 40.98
C LEU J 23 -35.88 -21.96 39.55
N ASN J 24 -34.97 -22.13 38.61
CA ASN J 24 -35.13 -21.62 37.25
C ASN J 24 -36.22 -22.31 36.44
N ASN J 25 -36.75 -23.41 36.96
CA ASN J 25 -37.86 -24.08 36.29
C ASN J 25 -39.13 -23.23 36.32
N ASN J 26 -39.17 -22.27 37.24
CA ASN J 26 -40.32 -21.37 37.40
C ASN J 26 -40.52 -20.45 36.21
N LEU J 27 -39.47 -19.76 35.83
CA LEU J 27 -39.53 -19.16 34.52
C LEU J 27 -39.44 -20.44 33.75
N SER J 28 -40.45 -20.72 32.93
CA SER J 28 -40.45 -21.94 32.18
C SER J 28 -39.50 -21.61 31.06
N ILE J 29 -38.99 -20.39 31.15
CA ILE J 29 -38.15 -19.78 30.15
C ILE J 29 -36.65 -20.00 30.39
N MSE J 30 -35.90 -19.32 29.54
CA MSE J 30 -34.49 -19.42 29.29
C MSE J 30 -33.62 -18.99 30.46
O MSE J 30 -33.62 -17.83 30.89
CB MSE J 30 -34.21 -18.48 28.11
CG MSE J 30 -35.13 -18.73 26.92
SE MSE J 30 -35.03 -20.60 26.37
CE MSE J 30 -33.09 -20.72 26.20
N SER J 31 -32.80 -19.93 30.93
CA SER J 31 -31.85 -19.67 32.00
C SER J 31 -30.44 -19.87 31.46
N TYR J 32 -29.53 -18.98 31.86
CA TYR J 32 -28.18 -18.99 31.31
C TYR J 32 -27.11 -19.24 32.37
N TRP J 33 -26.07 -19.96 31.97
CA TRP J 33 -24.89 -20.12 32.82
C TRP J 33 -23.67 -19.68 32.03
N PHE J 34 -23.04 -18.59 32.48
CA PHE J 34 -21.95 -17.98 31.74
C PHE J 34 -22.33 -17.74 30.29
N GLU J 35 -23.50 -17.16 30.10
CA GLU J 35 -24.00 -16.79 28.77
C GLU J 35 -24.35 -17.98 27.89
N GLU J 36 -24.09 -19.19 28.39
CA GLU J 36 -24.55 -20.41 27.72
C GLU J 36 -25.86 -20.87 28.35
N PRO J 37 -26.90 -21.01 27.51
CA PRO J 37 -28.24 -21.40 27.97
C PRO J 37 -28.31 -22.88 28.36
N TYR J 38 -29.19 -23.21 29.29
CA TYR J 38 -29.35 -24.59 29.73
C TYR J 38 -30.77 -24.88 30.20
N GLU J 39 -31.16 -26.14 30.13
CA GLU J 39 -32.46 -26.58 30.60
C GLU J 39 -32.33 -27.70 31.62
N SER J 40 -31.80 -28.83 31.18
CA SER J 40 -31.62 -29.98 32.06
C SER J 40 -30.55 -29.74 33.11
N TYR J 41 -30.65 -30.47 34.22
CA TYR J 41 -29.68 -30.36 35.31
C TYR J 41 -28.29 -30.74 34.84
N ARG J 42 -28.21 -31.86 34.14
CA ARG J 42 -26.98 -32.37 33.57
C ARG J 42 -26.23 -31.30 32.78
N GLU J 43 -26.98 -30.54 31.98
CA GLU J 43 -26.42 -29.43 31.23
C GLU J 43 -25.70 -28.51 32.19
N LEU J 44 -26.46 -27.92 33.11
CA LEU J 44 -25.91 -27.04 34.14
C LEU J 44 -24.72 -27.69 34.83
N GLU J 45 -24.87 -28.97 35.18
CA GLU J 45 -23.82 -29.71 35.85
C GLU J 45 -22.52 -29.63 35.06
N ASP J 46 -22.61 -29.87 33.76
CA ASP J 46 -21.45 -29.78 32.87
C ASP J 46 -20.91 -28.37 32.81
N LEU J 47 -21.79 -27.41 32.50
CA LEU J 47 -21.40 -26.01 32.39
C LEU J 47 -20.63 -25.53 33.63
N HIS J 48 -21.11 -25.94 34.80
CA HIS J 48 -20.48 -25.57 36.06
C HIS J 48 -18.99 -25.94 36.06
N ILE J 49 -18.70 -27.20 35.74
CA ILE J 49 -17.33 -27.69 35.73
C ILE J 49 -16.51 -26.95 34.68
N LYS J 50 -17.09 -26.80 33.50
CA LYS J 50 -16.42 -26.16 32.37
C LYS J 50 -15.94 -24.74 32.69
N HIS J 51 -16.83 -23.94 33.26
CA HIS J 51 -16.54 -22.53 33.55
C HIS J 51 -16.04 -22.29 34.98
N ILE J 52 -15.83 -23.37 35.72
CA ILE J 52 -15.53 -23.29 37.15
C ILE J 52 -14.42 -22.29 37.50
N HIS J 53 -13.43 -22.15 36.62
CA HIS J 53 -12.31 -21.25 36.88
C HIS J 53 -12.50 -19.86 36.31
N ASP J 54 -13.65 -19.62 35.69
CA ASP J 54 -13.93 -18.33 35.07
C ASP J 54 -14.35 -17.30 36.12
N GLN J 55 -13.65 -16.16 36.12
CA GLN J 55 -13.95 -15.08 37.06
C GLN J 55 -14.98 -14.12 36.47
N SER J 56 -15.38 -14.39 35.23
CA SER J 56 -16.35 -13.53 34.53
C SER J 56 -17.61 -13.32 35.34
N GLU J 57 -18.06 -14.37 36.03
CA GLU J 57 -19.26 -14.29 36.84
C GLU J 57 -19.02 -14.82 38.24
N ARG J 58 -19.89 -14.41 39.17
CA ARG J 58 -19.80 -14.89 40.55
C ARG J 58 -21.20 -15.05 41.13
N ARG J 59 -21.41 -16.13 41.87
CA ARG J 59 -22.72 -16.44 42.41
C ARG J 59 -22.67 -16.79 43.89
N PHE J 60 -23.73 -16.42 44.62
CA PHE J 60 -23.84 -16.74 46.04
C PHE J 60 -25.20 -17.33 46.37
N ILE J 61 -25.23 -18.21 47.36
CA ILE J 61 -26.49 -18.74 47.86
C ILE J 61 -26.88 -17.99 49.13
N ILE J 62 -28.14 -17.58 49.20
CA ILE J 62 -28.66 -16.89 50.37
C ILE J 62 -29.18 -17.91 51.38
N LYS J 63 -28.59 -17.94 52.57
CA LYS J 63 -28.99 -18.88 53.60
C LYS J 63 -29.48 -18.16 54.85
N ASP J 64 -30.56 -18.67 55.45
CA ASP J 64 -31.09 -18.08 56.67
C ASP J 64 -30.25 -18.45 57.87
N LEU J 65 -30.70 -18.02 59.05
CA LEU J 65 -29.98 -18.30 60.29
C LEU J 65 -29.87 -19.79 60.53
N LYS J 66 -30.81 -20.55 59.97
CA LYS J 66 -30.85 -21.99 60.14
C LYS J 66 -30.05 -22.69 59.05
N ASP J 67 -29.45 -21.88 58.17
CA ASP J 67 -28.67 -22.39 57.05
C ASP J 67 -29.52 -23.19 56.05
N ASN J 68 -30.82 -22.92 56.03
CA ASN J 68 -31.67 -23.36 54.94
C ASN J 68 -31.40 -22.47 53.75
N LYS J 69 -31.66 -22.96 52.54
CA LYS J 69 -31.32 -22.19 51.36
C LYS J 69 -32.48 -21.31 50.91
N VAL J 70 -32.30 -20.00 51.09
CA VAL J 70 -33.35 -19.02 50.83
C VAL J 70 -33.50 -18.67 49.35
N GLY J 71 -32.37 -18.40 48.69
CA GLY J 71 -32.40 -17.94 47.31
C GLY J 71 -31.04 -17.84 46.66
N LEU J 72 -30.99 -17.10 45.54
CA LEU J 72 -29.77 -16.98 44.75
C LEU J 72 -29.47 -15.55 44.33
N VAL J 73 -28.19 -15.23 44.23
CA VAL J 73 -27.75 -13.93 43.74
C VAL J 73 -26.62 -14.09 42.72
N GLU J 74 -26.75 -13.42 41.58
CA GLU J 74 -25.79 -13.58 40.50
C GLU J 74 -25.11 -12.28 40.10
N LEU J 75 -23.78 -12.29 40.10
CA LEU J 75 -23.02 -11.19 39.53
C LEU J 75 -22.45 -11.61 38.18
N THR J 76 -22.98 -11.03 37.11
CA THR J 76 -22.59 -11.42 35.76
C THR J 76 -21.93 -10.26 35.02
N GLU J 77 -21.49 -10.53 33.79
CA GLU J 77 -20.92 -9.51 32.93
C GLU J 77 -19.89 -8.64 33.66
N ILE J 78 -19.04 -9.27 34.46
CA ILE J 78 -18.02 -8.54 35.19
C ILE J 78 -16.90 -8.08 34.26
N ASP J 79 -16.63 -6.77 34.29
CA ASP J 79 -15.56 -6.19 33.48
C ASP J 79 -14.59 -5.47 34.41
N PHE J 80 -13.35 -5.95 34.46
CA PHE J 80 -12.36 -5.40 35.39
C PHE J 80 -11.68 -4.14 34.87
N ILE J 81 -12.02 -3.75 33.65
CA ILE J 81 -11.54 -2.48 33.10
C ILE J 81 -12.51 -1.35 33.50
N HIS J 82 -13.74 -1.45 33.03
CA HIS J 82 -14.78 -0.47 33.34
C HIS J 82 -15.38 -0.69 34.70
N ARG J 83 -15.13 -1.88 35.25
CA ARG J 83 -15.53 -2.17 36.61
C ARG J 83 -17.03 -2.06 36.80
N ARG J 84 -17.75 -2.91 36.09
CA ARG J 84 -19.19 -2.95 36.24
C ARG J 84 -19.61 -4.39 36.13
N CYS J 85 -20.63 -4.76 36.88
CA CYS J 85 -21.18 -6.10 36.81
C CYS J 85 -22.69 -5.97 36.81
N GLU J 86 -23.36 -6.95 36.20
CA GLU J 86 -24.82 -6.98 36.22
C GLU J 86 -25.30 -7.77 37.43
N PHE J 87 -26.17 -7.14 38.22
CA PHE J 87 -26.72 -7.79 39.40
C PHE J 87 -28.08 -8.40 39.11
N ALA J 88 -28.29 -9.60 39.63
CA ALA J 88 -29.58 -10.28 39.52
C ALA J 88 -29.82 -11.09 40.78
N ILE J 89 -31.06 -11.10 41.26
CA ILE J 89 -31.38 -11.82 42.49
C ILE J 89 -32.69 -12.60 42.38
N ILE J 90 -32.69 -13.81 42.93
CA ILE J 90 -33.86 -14.67 42.91
C ILE J 90 -34.16 -15.22 44.30
N ILE J 91 -35.42 -15.20 44.68
CA ILE J 91 -35.85 -15.68 45.99
C ILE J 91 -36.89 -16.78 45.86
N SER J 92 -36.72 -17.85 46.63
CA SER J 92 -37.63 -18.98 46.60
C SER J 92 -39.07 -18.56 46.82
N PRO J 93 -40.02 -19.28 46.20
CA PRO J 93 -41.45 -18.97 46.27
C PRO J 93 -41.98 -18.95 47.70
N GLY J 94 -41.28 -19.63 48.61
CA GLY J 94 -41.68 -19.67 50.01
C GLY J 94 -41.25 -18.45 50.82
N GLU J 95 -40.07 -17.94 50.51
CA GLU J 95 -39.43 -16.90 51.34
C GLU J 95 -39.71 -15.47 50.89
N GLU J 96 -40.59 -15.31 49.92
CA GLU J 96 -40.88 -14.02 49.28
C GLU J 96 -41.48 -12.93 50.17
N GLY J 97 -41.68 -13.28 51.43
CA GLY J 97 -42.38 -12.49 52.44
C GLY J 97 -41.52 -11.26 52.72
N LYS J 98 -41.01 -11.11 53.95
CA LYS J 98 -40.35 -9.89 54.39
C LYS J 98 -39.56 -9.28 53.23
N GLY J 99 -39.24 -10.12 52.26
CA GLY J 99 -38.67 -9.70 50.99
C GLY J 99 -37.21 -10.03 50.76
N TYR J 100 -36.38 -10.05 51.83
CA TYR J 100 -34.98 -10.61 51.85
C TYR J 100 -34.04 -9.98 50.86
N ALA J 101 -34.65 -9.21 50.00
CA ALA J 101 -33.97 -8.70 48.84
C ALA J 101 -32.96 -7.66 49.29
N THR J 102 -33.43 -6.66 50.03
CA THR J 102 -32.58 -5.56 50.49
C THR J 102 -31.41 -6.06 51.34
N GLU J 103 -31.69 -6.93 52.30
CA GLU J 103 -30.63 -7.48 53.14
C GLU J 103 -29.55 -8.14 52.30
N ALA J 104 -29.95 -9.08 51.46
CA ALA J 104 -29.01 -9.76 50.57
C ALA J 104 -28.42 -8.79 49.55
N THR J 105 -29.29 -8.02 48.90
CA THR J 105 -28.85 -7.08 47.88
C THR J 105 -27.74 -6.15 48.37
N ASP J 106 -28.06 -5.30 49.35
CA ASP J 106 -27.10 -4.36 49.88
C ASP J 106 -25.81 -5.06 50.33
N LEU J 107 -25.95 -6.32 50.74
CA LEU J 107 -24.81 -7.12 51.16
C LEU J 107 -23.84 -7.36 50.02
N THR J 108 -24.36 -7.86 48.91
CA THR J 108 -23.54 -8.18 47.75
C THR J 108 -22.86 -6.93 47.22
N VAL J 109 -23.60 -5.81 47.26
CA VAL J 109 -23.07 -4.54 46.77
C VAL J 109 -21.78 -4.18 47.48
N GLU J 110 -21.70 -4.50 48.77
CA GLU J 110 -20.47 -4.29 49.53
C GLU J 110 -19.37 -5.18 48.99
N TYR J 111 -19.68 -6.46 48.80
CA TYR J 111 -18.73 -7.41 48.24
C TYR J 111 -18.16 -6.87 46.92
N ALA J 112 -19.05 -6.38 46.07
CA ALA J 112 -18.64 -5.78 44.80
C ALA J 112 -17.66 -4.64 45.02
N PHE J 113 -18.12 -3.59 45.69
CA PHE J 113 -17.32 -2.39 45.89
C PHE J 113 -16.18 -2.59 46.90
N SER J 114 -16.50 -3.17 48.05
CA SER J 114 -15.54 -3.27 49.15
C SER J 114 -14.57 -4.44 49.02
N ILE J 115 -14.82 -5.33 48.07
CA ILE J 115 -13.95 -6.48 47.85
C ILE J 115 -13.44 -6.54 46.42
N LEU J 116 -14.35 -6.76 45.47
CA LEU J 116 -14.00 -6.80 44.07
C LEU J 116 -13.49 -5.44 43.60
N ASN J 117 -13.70 -4.43 44.43
CA ASN J 117 -13.25 -3.07 44.14
C ASN J 117 -13.85 -2.55 42.84
N LEU J 118 -15.11 -2.87 42.59
CA LEU J 118 -15.78 -2.41 41.39
C LEU J 118 -16.19 -0.95 41.53
N HIS J 119 -16.86 -0.43 40.50
CA HIS J 119 -17.28 0.96 40.46
C HIS J 119 -18.80 1.05 40.38
N LYS J 120 -19.35 0.55 39.28
CA LYS J 120 -20.78 0.62 39.03
C LYS J 120 -21.44 -0.76 38.96
N ILE J 121 -22.67 -0.84 39.46
CA ILE J 121 -23.46 -2.05 39.36
C ILE J 121 -24.81 -1.72 38.71
N TYR J 122 -25.27 -2.58 37.80
CA TYR J 122 -26.55 -2.36 37.14
C TYR J 122 -27.41 -3.63 37.17
N LEU J 123 -28.71 -3.45 36.93
CA LEU J 123 -29.64 -4.56 36.93
C LEU J 123 -30.84 -4.28 36.02
N LEU J 124 -31.57 -5.33 35.66
CA LEU J 124 -32.72 -5.20 34.78
C LEU J 124 -34.01 -5.72 35.43
N VAL J 125 -35.08 -4.94 35.31
CA VAL J 125 -36.39 -5.34 35.83
C VAL J 125 -37.49 -4.96 34.85
N ASP J 126 -38.59 -5.72 34.89
CA ASP J 126 -39.73 -5.49 34.00
C ASP J 126 -40.51 -4.25 34.42
N GLU J 127 -41.25 -3.68 33.48
CA GLU J 127 -42.16 -2.58 33.78
C GLU J 127 -43.22 -3.03 34.77
N ASP J 128 -43.62 -4.30 34.64
CA ASP J 128 -44.79 -4.82 35.34
C ASP J 128 -44.49 -5.29 36.76
N ASN J 129 -43.26 -5.13 37.21
CA ASN J 129 -42.92 -5.43 38.59
C ASN J 129 -42.43 -4.20 39.34
N PRO J 130 -43.37 -3.31 39.73
CA PRO J 130 -43.07 -2.12 40.53
C PRO J 130 -42.65 -2.51 41.93
N ALA J 131 -43.08 -3.68 42.38
CA ALA J 131 -42.80 -4.15 43.73
C ALA J 131 -41.31 -4.18 44.03
N ALA J 132 -40.59 -5.10 43.39
CA ALA J 132 -39.15 -5.23 43.60
C ALA J 132 -38.41 -4.03 43.04
N LEU J 133 -39.00 -3.39 42.04
CA LEU J 133 -38.43 -2.19 41.45
C LEU J 133 -38.05 -1.20 42.53
N HIS J 134 -38.97 -0.98 43.47
CA HIS J 134 -38.77 -0.01 44.54
C HIS J 134 -37.86 -0.54 45.63
N ILE J 135 -37.86 -1.86 45.82
CA ILE J 135 -36.93 -2.49 46.74
C ILE J 135 -35.51 -2.14 46.32
N TYR J 136 -35.32 -2.05 45.01
CA TYR J 136 -34.00 -1.75 44.44
C TYR J 136 -33.61 -0.30 44.64
N ARG J 137 -34.58 0.60 44.56
CA ARG J 137 -34.34 2.03 44.72
C ARG J 137 -34.39 2.41 46.17
N LYS J 138 -34.57 1.39 46.99
CA LYS J 138 -34.33 1.47 48.41
C LYS J 138 -32.98 0.84 48.67
N SER J 139 -32.29 0.45 47.60
CA SER J 139 -30.90 0.03 47.68
C SER J 139 -29.91 1.09 47.17
N GLY J 140 -30.43 2.24 46.75
CA GLY J 140 -29.61 3.28 46.18
C GLY J 140 -29.56 3.22 44.66
N PHE J 141 -30.36 2.32 44.09
CA PHE J 141 -30.44 2.19 42.65
C PHE J 141 -31.28 3.30 42.03
N ALA J 142 -30.94 3.68 40.80
CA ALA J 142 -31.68 4.69 40.06
C ALA J 142 -31.65 4.35 38.57
N GLU J 143 -32.75 4.62 37.88
CA GLU J 143 -32.88 4.24 36.48
C GLU J 143 -31.97 5.04 35.57
N GLU J 144 -31.08 4.35 34.86
CA GLU J 144 -30.25 5.00 33.84
C GLU J 144 -30.80 4.78 32.43
N GLY J 145 -31.90 4.03 32.32
CA GLY J 145 -32.51 3.78 31.03
C GLY J 145 -33.70 2.84 31.06
N LYS J 146 -34.50 2.90 30.00
CA LYS J 146 -35.65 2.02 29.83
C LYS J 146 -35.58 1.36 28.46
N LEU J 147 -35.39 0.05 28.44
CA LEU J 147 -35.14 -0.66 27.19
C LEU J 147 -36.41 -1.22 26.55
N VAL J 148 -36.76 -0.68 25.38
CA VAL J 148 -37.97 -1.05 24.67
C VAL J 148 -37.82 -2.39 23.95
N ASP J 149 -38.78 -3.30 24.18
CA ASP J 149 -38.78 -4.60 23.53
C ASP J 149 -37.43 -5.30 23.68
N GLU J 150 -36.78 -5.06 24.82
CA GLU J 150 -35.46 -5.62 25.08
C GLU J 150 -35.51 -7.13 25.26
N TYR J 151 -36.65 -7.62 25.76
CA TYR J 151 -36.82 -9.05 26.01
C TYR J 151 -38.12 -9.57 25.40
N TYR J 152 -38.16 -10.88 25.15
CA TYR J 152 -39.39 -11.53 24.70
C TYR J 152 -39.82 -12.56 25.72
N SER J 153 -40.92 -12.30 26.40
CA SER J 153 -41.41 -13.18 27.44
C SER J 153 -42.91 -13.40 27.35
N LYS J 154 -43.31 -14.67 27.22
CA LYS J 154 -44.72 -15.04 27.21
C LYS J 154 -45.54 -14.31 26.15
N GLY J 155 -45.21 -14.54 24.88
CA GLY J 155 -46.03 -14.08 23.78
C GLY J 155 -45.86 -12.65 23.34
N ARG J 156 -45.26 -11.82 24.18
CA ARG J 156 -45.12 -10.40 23.87
C ARG J 156 -43.76 -9.84 24.28
N TYR J 157 -43.21 -8.97 23.44
CA TYR J 157 -41.97 -8.28 23.76
C TYR J 157 -42.17 -7.41 24.98
N ARG J 158 -41.34 -7.59 25.99
CA ARG J 158 -41.46 -6.80 27.21
C ARG J 158 -40.50 -5.61 27.18
N THR J 159 -40.55 -4.79 28.22
CA THR J 159 -39.67 -3.63 28.33
C THR J 159 -39.06 -3.58 29.71
N ALA J 160 -37.73 -3.55 29.78
CA ALA J 160 -37.02 -3.61 31.05
C ALA J 160 -36.40 -2.28 31.45
N ILE J 161 -36.41 -2.00 32.76
CA ILE J 161 -35.81 -0.80 33.30
C ILE J 161 -34.41 -1.11 33.82
N ARG J 162 -33.42 -0.36 33.35
CA ARG J 162 -32.05 -0.53 33.81
C ARG J 162 -31.69 0.50 34.87
N MSE J 163 -31.35 0.01 36.07
CA MSE J 163 -30.99 0.88 37.18
C MSE J 163 -29.57 0.58 37.63
O MSE J 163 -29.05 -0.52 37.40
CB MSE J 163 -31.96 0.67 38.34
CG MSE J 163 -33.42 0.81 37.95
SE MSE J 163 -34.59 -0.11 39.19
CE MSE J 163 -34.04 0.79 40.82
N TYR J 164 -28.93 1.56 38.27
CA TYR J 164 -27.53 1.41 38.65
C TYR J 164 -27.23 2.02 40.01
N VAL J 165 -26.00 1.85 40.44
CA VAL J 165 -25.47 2.54 41.61
C VAL J 165 -23.96 2.73 41.43
N LEU J 166 -23.46 3.87 41.85
CA LEU J 166 -22.02 4.11 41.84
C LEU J 166 -21.40 3.69 43.16
N LYS J 167 -20.13 4.00 43.34
CA LYS J 167 -19.31 3.64 44.51
C LYS J 167 -19.35 4.66 45.66
N LYS J 168 -18.22 4.99 46.25
CA LYS J 168 -18.11 6.23 47.05
C LYS J 168 -19.45 6.95 47.13
N LYS K 5 6.25 12.53 22.76
CA LYS K 5 6.38 13.60 21.77
C LYS K 5 7.70 13.46 21.02
N LYS K 6 8.75 13.08 21.73
CA LYS K 6 10.04 12.79 21.13
C LYS K 6 10.03 11.31 20.74
N ILE K 7 9.00 10.61 21.18
CA ILE K 7 8.93 9.17 21.04
C ILE K 7 7.48 8.68 20.98
N ARG K 8 7.30 7.45 20.52
CA ARG K 8 5.98 6.82 20.51
C ARG K 8 6.07 5.40 21.07
N LEU K 9 4.93 4.86 21.47
CA LEU K 9 4.86 3.49 21.98
C LEU K 9 4.04 2.60 21.06
N SER K 10 4.59 1.45 20.72
CA SER K 10 3.90 0.50 19.84
C SER K 10 3.63 -0.80 20.57
N ALA K 11 2.43 -1.34 20.39
CA ALA K 11 2.08 -2.64 20.96
C ALA K 11 2.98 -3.72 20.37
N LEU K 12 3.59 -4.51 21.24
CA LEU K 12 4.53 -5.54 20.80
C LEU K 12 3.87 -6.56 19.87
N GLU K 13 4.53 -6.84 18.76
CA GLU K 13 4.04 -7.83 17.81
C GLU K 13 5.09 -8.92 17.64
N ARG K 14 4.75 -9.96 16.89
CA ARG K 14 5.62 -11.10 16.72
C ARG K 14 6.95 -10.72 16.07
N GLU K 15 6.90 -9.76 15.16
CA GLU K 15 8.09 -9.33 14.44
C GLU K 15 9.07 -8.57 15.34
N ASP K 16 8.60 -8.16 16.51
CA ASP K 16 9.43 -7.39 17.45
C ASP K 16 10.29 -8.30 18.31
N LEU K 17 9.99 -9.60 18.31
CA LEU K 17 10.68 -10.55 19.18
C LEU K 17 12.20 -10.56 18.99
N LYS K 18 12.64 -10.61 17.74
CA LYS K 18 14.07 -10.60 17.42
C LYS K 18 14.77 -9.46 18.15
N PHE K 19 14.19 -8.27 18.09
CA PHE K 19 14.77 -7.11 18.75
C PHE K 19 14.86 -7.30 20.25
N VAL K 20 13.78 -7.81 20.85
CA VAL K 20 13.74 -8.05 22.29
C VAL K 20 14.87 -8.98 22.72
N HIS K 21 15.02 -10.09 22.01
CA HIS K 21 16.06 -11.07 22.31
C HIS K 21 17.44 -10.41 22.30
N GLU K 22 17.70 -9.64 21.25
CA GLU K 22 18.98 -8.96 21.10
C GLU K 22 19.33 -8.09 22.31
N LEU K 23 18.29 -7.52 22.94
CA LEU K 23 18.49 -6.69 24.12
C LEU K 23 18.94 -7.49 25.34
N ASN K 24 18.19 -8.53 25.67
CA ASN K 24 18.40 -9.26 26.92
C ASN K 24 19.68 -10.08 26.98
N ASN K 25 20.38 -10.19 25.86
CA ASN K 25 21.67 -10.87 25.84
C ASN K 25 22.72 -10.08 26.62
N ASN K 26 22.46 -8.80 26.82
CA ASN K 26 23.36 -7.94 27.57
C ASN K 26 23.53 -8.43 29.00
N LEU K 27 22.53 -9.13 29.53
CA LEU K 27 22.63 -9.70 30.88
C LEU K 27 22.83 -11.21 30.85
N SER K 28 22.97 -11.80 32.04
CA SER K 28 23.17 -13.24 32.17
C SER K 28 23.16 -13.67 33.63
N MSE K 30 19.49 -13.83 33.30
CA MSE K 30 18.16 -14.39 33.47
C MSE K 30 17.07 -13.42 32.98
O MSE K 30 16.78 -12.42 33.64
CB MSE K 30 17.90 -14.77 34.92
CG MSE K 30 18.95 -15.73 35.48
SE MSE K 30 19.25 -17.26 34.31
CE MSE K 30 17.41 -17.87 34.14
N SER K 31 16.48 -13.75 31.84
CA SER K 31 15.37 -12.98 31.29
C SER K 31 14.09 -13.81 31.34
N TYR K 32 12.98 -13.18 31.69
CA TYR K 32 11.73 -13.90 31.88
C TYR K 32 10.63 -13.44 30.93
N TRP K 33 9.80 -14.39 30.50
CA TRP K 33 8.61 -14.08 29.74
C TRP K 33 7.41 -14.70 30.43
N PHE K 34 6.53 -13.85 30.95
CA PHE K 34 5.41 -14.31 31.77
C PHE K 34 5.89 -15.23 32.88
N GLU K 35 6.93 -14.79 33.58
CA GLU K 35 7.48 -15.52 34.73
C GLU K 35 8.18 -16.83 34.35
N GLU K 36 8.12 -17.19 33.08
CA GLU K 36 8.88 -18.32 32.57
C GLU K 36 10.19 -17.82 31.96
N PRO K 37 11.33 -18.34 32.46
CA PRO K 37 12.66 -17.90 32.01
C PRO K 37 12.98 -18.45 30.63
N TYR K 38 13.82 -17.72 29.89
CA TYR K 38 14.21 -18.14 28.55
C TYR K 38 15.60 -17.63 28.18
N GLU K 39 16.26 -18.34 27.27
CA GLU K 39 17.57 -17.95 26.79
C GLU K 39 17.56 -17.81 25.27
N SER K 40 17.33 -18.93 24.58
CA SER K 40 17.32 -18.94 23.12
C SER K 40 16.11 -18.20 22.56
N TYR K 41 16.23 -17.73 21.32
CA TYR K 41 15.16 -17.02 20.64
C TYR K 41 13.93 -17.91 20.50
N ARG K 42 14.17 -19.12 20.03
CA ARG K 42 13.13 -20.13 19.84
C ARG K 42 12.28 -20.29 21.09
N GLU K 43 12.94 -20.32 22.25
CA GLU K 43 12.22 -20.38 23.52
C GLU K 43 11.22 -19.24 23.60
N LEU K 44 11.74 -18.02 23.57
CA LEU K 44 10.92 -16.82 23.59
C LEU K 44 9.82 -16.91 22.53
N GLU K 45 10.20 -17.34 21.33
CA GLU K 45 9.26 -17.46 20.23
C GLU K 45 8.06 -18.32 20.64
N ASP K 46 8.35 -19.47 21.25
CA ASP K 46 7.30 -20.36 21.73
C ASP K 46 6.47 -19.70 22.84
N LEU K 47 7.16 -19.20 23.86
CA LEU K 47 6.50 -18.57 24.99
C LEU K 47 5.53 -17.48 24.54
N HIS K 48 5.95 -16.69 23.56
CA HIS K 48 5.12 -15.63 23.02
C HIS K 48 3.75 -16.15 22.57
N ILE K 49 3.77 -17.19 21.75
CA ILE K 49 2.55 -17.77 21.22
C ILE K 49 1.71 -18.35 22.36
N LYS K 50 2.37 -19.07 23.26
CA LYS K 50 1.70 -19.72 24.38
C LYS K 50 0.90 -18.76 25.25
N HIS K 51 1.54 -17.65 25.63
CA HIS K 51 0.92 -16.68 26.53
C HIS K 51 0.24 -15.52 25.80
N ILE K 52 0.18 -15.61 24.47
CA ILE K 52 -0.29 -14.50 23.64
C ILE K 52 -1.61 -13.88 24.09
N HIS K 53 -2.51 -14.70 24.64
CA HIS K 53 -3.82 -14.21 25.07
C HIS K 53 -3.86 -13.82 26.54
N ASP K 54 -2.72 -13.92 27.22
CA ASP K 54 -2.66 -13.60 28.65
C ASP K 54 -2.59 -12.09 28.87
N GLN K 55 -3.50 -11.57 29.68
CA GLN K 55 -3.54 -10.15 30.00
C GLN K 55 -2.67 -9.84 31.22
N SER K 56 -2.10 -10.89 31.81
CA SER K 56 -1.27 -10.73 33.00
C SER K 56 -0.17 -9.69 32.80
N GLU K 57 0.41 -9.67 31.61
CA GLU K 57 1.48 -8.73 31.30
C GLU K 57 1.21 -7.98 30.01
N ARG K 58 1.86 -6.83 29.85
CA ARG K 58 1.73 -6.04 28.64
C ARG K 58 3.06 -5.39 28.30
N ARG K 59 3.40 -5.38 27.01
CA ARG K 59 4.69 -4.86 26.57
C ARG K 59 4.55 -3.89 25.40
N PHE K 60 5.42 -2.89 25.36
CA PHE K 60 5.44 -1.94 24.26
C PHE K 60 6.85 -1.72 23.74
N ILE K 61 6.97 -1.45 22.45
CA ILE K 61 8.24 -1.10 21.85
C ILE K 61 8.33 0.42 21.71
N ILE K 62 9.46 0.98 22.12
CA ILE K 62 9.69 2.41 22.00
C ILE K 62 10.31 2.74 20.64
N LYS K 63 9.60 3.53 19.84
CA LYS K 63 10.08 3.88 18.51
C LYS K 63 10.27 5.38 18.36
N ASP K 64 11.36 5.79 17.72
CA ASP K 64 11.63 7.20 17.49
C ASP K 64 10.75 7.76 16.38
N LEU K 65 10.97 9.02 16.04
CA LEU K 65 10.20 9.69 15.01
C LEU K 65 10.38 8.98 13.67
N LYS K 66 11.51 8.31 13.51
CA LYS K 66 11.84 7.62 12.27
C LYS K 66 11.32 6.18 12.31
N ASP K 67 10.66 5.83 13.40
CA ASP K 67 10.14 4.48 13.62
C ASP K 67 11.24 3.42 13.68
N ASN K 68 12.45 3.84 14.04
CA ASN K 68 13.48 2.90 14.44
C ASN K 68 13.15 2.43 15.84
N LYS K 69 13.65 1.25 16.21
CA LYS K 69 13.28 0.68 17.51
C LYS K 69 14.27 1.10 18.59
N VAL K 70 13.81 1.96 19.50
CA VAL K 70 14.65 2.54 20.53
C VAL K 70 14.88 1.61 21.73
N GLY K 71 13.80 1.01 22.22
CA GLY K 71 13.88 0.19 23.42
C GLY K 71 12.60 -0.54 23.76
N LEU K 72 12.52 -1.00 25.01
CA LEU K 72 11.40 -1.83 25.46
C LEU K 72 10.85 -1.38 26.81
N VAL K 73 9.55 -1.56 26.99
CA VAL K 73 8.90 -1.28 28.28
C VAL K 73 7.95 -2.41 28.64
N GLU K 74 8.06 -2.90 29.88
CA GLU K 74 7.27 -4.06 30.31
C GLU K 74 6.38 -3.75 31.51
N LEU K 75 5.09 -4.05 31.37
CA LEU K 75 4.17 -4.01 32.50
C LEU K 75 3.86 -5.45 32.92
N THR K 76 4.38 -5.83 34.09
CA THR K 76 4.22 -7.20 34.56
C THR K 76 3.42 -7.26 35.86
N GLU K 77 3.18 -8.48 36.35
CA GLU K 77 2.50 -8.69 37.62
C GLU K 77 1.25 -7.83 37.75
N ILE K 78 0.47 -7.75 36.68
CA ILE K 78 -0.76 -6.97 36.70
C ILE K 78 -1.85 -7.66 37.52
N ASP K 79 -2.39 -6.95 38.50
CA ASP K 79 -3.47 -7.47 39.33
C ASP K 79 -4.66 -6.54 39.24
N PHE K 80 -5.77 -7.03 38.70
CA PHE K 80 -6.94 -6.19 38.47
C PHE K 80 -7.82 -6.02 39.72
N ILE K 81 -7.44 -6.68 40.80
CA ILE K 81 -8.11 -6.48 42.08
C ILE K 81 -7.46 -5.31 42.82
N HIS K 82 -6.18 -5.48 43.17
CA HIS K 82 -5.42 -4.45 43.88
C HIS K 82 -4.94 -3.37 42.92
N ARG K 83 -4.98 -3.68 41.62
CA ARG K 83 -4.67 -2.69 40.62
C ARG K 83 -3.26 -2.17 40.73
N ARG K 84 -2.30 -3.06 40.56
CA ARG K 84 -0.92 -2.65 40.59
C ARG K 84 -0.20 -3.49 39.56
N CYS K 85 0.79 -2.89 38.93
CA CYS K 85 1.62 -3.60 37.98
C CYS K 85 3.07 -3.21 38.22
N GLU K 86 3.98 -4.11 37.90
CA GLU K 86 5.39 -3.80 38.00
C GLU K 86 5.90 -3.19 36.71
N PHE K 87 6.52 -2.03 36.81
CA PHE K 87 7.07 -1.36 35.64
C PHE K 87 8.56 -1.66 35.47
N ALA K 88 8.96 -1.89 34.22
CA ALA K 88 10.37 -2.09 33.90
C ALA K 88 10.64 -1.52 32.52
N ILE K 89 11.79 -0.90 32.35
CA ILE K 89 12.12 -0.28 31.07
C ILE K 89 13.57 -0.53 30.65
N ILE K 90 13.76 -0.80 29.37
CA ILE K 90 15.09 -1.06 28.82
C ILE K 90 15.34 -0.22 27.57
N ILE K 91 16.52 0.36 27.48
CA ILE K 91 16.88 1.20 26.36
C ILE K 91 18.16 0.69 25.68
N SER K 92 18.13 0.65 24.35
CA SER K 92 19.25 0.14 23.58
C SER K 92 20.54 0.88 23.93
N PRO K 93 21.68 0.17 23.83
CA PRO K 93 23.00 0.72 24.18
C PRO K 93 23.35 1.97 23.37
N GLY K 94 22.73 2.14 22.22
CA GLY K 94 22.97 3.30 21.39
C GLY K 94 22.20 4.55 21.80
N GLU K 95 20.98 4.37 22.27
CA GLU K 95 20.05 5.47 22.50
C GLU K 95 20.07 6.00 23.94
N GLU K 96 20.99 5.50 24.74
CA GLU K 96 21.02 5.82 26.17
C GLU K 96 21.26 7.30 26.51
N GLY K 97 21.53 8.12 25.49
CA GLY K 97 21.91 9.49 25.75
C GLY K 97 20.87 10.38 26.41
N LYS K 98 20.00 11.01 25.63
CA LYS K 98 19.09 12.03 26.21
C LYS K 98 18.37 11.35 27.35
N GLY K 99 18.41 10.02 27.31
CA GLY K 99 18.05 9.18 28.44
C GLY K 99 16.69 8.59 28.23
N TYR K 100 16.01 9.06 27.22
CA TYR K 100 14.73 9.61 27.52
C TYR K 100 14.20 9.05 28.82
N ALA K 101 13.81 7.80 28.75
CA ALA K 101 13.25 7.06 29.87
C ALA K 101 12.05 7.78 30.44
N THR K 102 12.16 9.10 30.59
CA THR K 102 11.11 9.89 31.22
C THR K 102 9.98 10.04 30.22
N GLU K 103 10.31 10.33 28.96
CA GLU K 103 9.29 10.47 27.94
C GLU K 103 8.49 9.19 27.81
N ALA K 104 9.18 8.07 27.65
CA ALA K 104 8.51 6.78 27.53
C ALA K 104 7.85 6.40 28.85
N THR K 105 8.59 6.53 29.95
CA THR K 105 8.08 6.17 31.28
C THR K 105 6.75 6.85 31.58
N ASP K 106 6.79 8.19 31.70
CA ASP K 106 5.58 8.95 32.00
C ASP K 106 4.44 8.63 31.03
N LEU K 107 4.79 8.25 29.81
CA LEU K 107 3.80 7.87 28.81
C LEU K 107 3.01 6.63 29.26
N THR K 108 3.77 5.58 29.55
CA THR K 108 3.17 4.30 29.92
C THR K 108 2.31 4.46 31.17
N VAL K 109 2.77 5.30 32.09
CA VAL K 109 2.06 5.55 33.34
C VAL K 109 0.64 6.02 33.05
N GLU K 110 0.49 6.84 32.01
CA GLU K 110 -0.83 7.31 31.59
C GLU K 110 -1.66 6.12 31.10
N TYR K 111 -1.06 5.30 30.24
CA TYR K 111 -1.73 4.11 29.74
C TYR K 111 -2.24 3.27 30.90
N ALA K 112 -1.39 3.06 31.90
CA ALA K 112 -1.78 2.33 33.10
C ALA K 112 -3.01 2.96 33.77
N PHE K 113 -2.84 4.19 34.24
CA PHE K 113 -3.90 4.88 34.97
C PHE K 113 -5.07 5.31 34.09
N SER K 114 -4.77 5.95 32.97
CA SER K 114 -5.80 6.55 32.12
C SER K 114 -6.48 5.56 31.18
N ILE K 115 -5.95 4.35 31.08
CA ILE K 115 -6.53 3.33 30.22
C ILE K 115 -6.85 2.05 30.99
N LEU K 116 -5.81 1.38 31.48
CA LEU K 116 -5.99 0.17 32.27
C LEU K 116 -6.73 0.49 33.57
N ASN K 117 -6.84 1.77 33.88
CA ASN K 117 -7.52 2.23 35.09
C ASN K 117 -6.91 1.63 36.35
N LEU K 118 -5.59 1.52 36.37
CA LEU K 118 -4.91 0.99 37.54
C LEU K 118 -4.81 2.02 38.65
N HIS K 119 -4.17 1.66 39.74
CA HIS K 119 -4.06 2.52 40.90
C HIS K 119 -2.59 2.84 41.19
N LYS K 120 -1.83 1.80 41.51
CA LYS K 120 -0.43 1.95 41.88
C LYS K 120 0.51 1.24 40.90
N ILE K 121 1.67 1.85 40.65
CA ILE K 121 2.70 1.23 39.85
C ILE K 121 4.01 1.21 40.64
N TYR K 122 4.73 0.10 40.56
CA TYR K 122 6.01 -0.02 41.26
C TYR K 122 7.12 -0.56 40.35
N LEU K 123 8.36 -0.37 40.76
CA LEU K 123 9.51 -0.81 39.98
C LEU K 123 10.70 -1.11 40.88
N LEU K 124 11.68 -1.83 40.35
CA LEU K 124 12.87 -2.21 41.11
C LEU K 124 14.15 -1.74 40.44
N VAL K 125 15.04 -1.14 41.23
CA VAL K 125 16.33 -0.69 40.74
C VAL K 125 17.44 -1.00 41.74
N ASP K 126 18.65 -1.19 41.23
CA ASP K 126 19.81 -1.51 42.07
C ASP K 126 20.26 -0.29 42.87
N GLU K 127 20.97 -0.54 43.97
CA GLU K 127 21.59 0.53 44.75
C GLU K 127 22.60 1.26 43.89
N ASP K 128 23.27 0.52 43.02
CA ASP K 128 24.43 1.01 42.31
C ASP K 128 24.11 1.81 41.05
N ASN K 129 22.81 1.98 40.78
CA ASN K 129 22.40 2.83 39.66
C ASN K 129 21.58 4.03 40.12
N PRO K 130 22.27 5.03 40.68
CA PRO K 130 21.65 6.30 41.10
C PRO K 130 21.16 7.09 39.90
N ALA K 131 21.78 6.85 38.74
CA ALA K 131 21.46 7.57 37.53
C ALA K 131 19.99 7.48 37.17
N ALA K 132 19.55 6.29 36.76
CA ALA K 132 18.16 6.07 36.38
C ALA K 132 17.24 6.18 37.59
N LEU K 133 17.79 5.88 38.76
CA LEU K 133 17.05 5.99 40.01
C LEU K 133 16.35 7.34 40.10
N HIS K 134 17.09 8.40 39.79
CA HIS K 134 16.59 9.76 39.88
C HIS K 134 15.69 10.11 38.71
N ILE K 135 15.95 9.50 37.56
CA ILE K 135 15.09 9.66 36.40
C ILE K 135 13.67 9.23 36.79
N TYR K 136 13.60 8.21 37.64
CA TYR K 136 12.34 7.65 38.08
C TYR K 136 11.62 8.57 39.07
N ARG K 137 12.39 9.23 39.93
CA ARG K 137 11.83 10.13 40.93
C ARG K 137 11.64 11.50 40.34
N LYS K 138 11.94 11.60 39.06
CA LYS K 138 11.54 12.71 38.24
C LYS K 138 10.33 12.27 37.44
N SER K 139 9.86 11.06 37.72
CA SER K 139 8.59 10.58 37.20
C SER K 139 7.46 10.58 38.23
N GLY K 140 7.78 11.02 39.45
CA GLY K 140 6.81 11.00 40.53
C GLY K 140 6.94 9.76 41.39
N PHE K 141 7.97 8.96 41.12
CA PHE K 141 8.24 7.76 41.90
C PHE K 141 8.88 8.10 43.24
N ALA K 142 8.60 7.28 44.25
CA ALA K 142 9.19 7.44 45.57
C ALA K 142 9.40 6.07 46.21
N GLU K 143 10.48 5.92 46.96
CA GLU K 143 10.83 4.62 47.52
C GLU K 143 9.88 4.18 48.62
N GLU K 144 9.24 3.03 48.41
CA GLU K 144 8.42 2.42 49.45
C GLU K 144 9.14 1.31 50.20
N GLY K 145 10.38 1.02 49.78
CA GLY K 145 11.17 0.00 50.43
C GLY K 145 12.52 -0.27 49.80
N LYS K 146 13.40 -0.90 50.58
CA LYS K 146 14.72 -1.30 50.09
C LYS K 146 14.93 -2.78 50.41
N LEU K 147 15.03 -3.59 49.36
CA LEU K 147 15.07 -5.05 49.54
C LEU K 147 16.49 -5.60 49.62
N VAL K 148 16.84 -6.13 50.79
CA VAL K 148 18.18 -6.65 51.05
C VAL K 148 18.39 -8.03 50.41
N ASP K 149 19.49 -8.16 49.67
CA ASP K 149 19.83 -9.43 49.03
C ASP K 149 18.65 -10.00 48.25
N GLU K 150 17.85 -9.12 47.68
CA GLU K 150 16.65 -9.51 46.95
C GLU K 150 17.00 -10.23 45.65
N TYR K 151 18.16 -9.88 45.08
CA TYR K 151 18.60 -10.48 43.82
C TYR K 151 20.04 -10.98 43.91
N TYR K 152 20.38 -11.92 43.04
CA TYR K 152 21.75 -12.39 42.94
C TYR K 152 22.28 -12.10 41.54
N SER K 153 23.23 -11.18 41.46
CA SER K 153 23.77 -10.76 40.17
C SER K 153 25.30 -10.64 40.21
N LYS K 154 25.96 -11.39 39.33
CA LYS K 154 27.41 -11.31 39.19
C LYS K 154 28.17 -11.55 40.49
N GLY K 155 28.03 -12.75 41.04
CA GLY K 155 28.85 -13.18 42.17
C GLY K 155 28.43 -12.73 43.55
N ARG K 156 27.58 -11.71 43.62
CA ARG K 156 27.18 -11.17 44.92
C ARG K 156 25.70 -10.81 44.97
N TYR K 157 25.07 -11.10 46.11
CA TYR K 157 23.68 -10.70 46.33
C TYR K 157 23.57 -9.19 46.30
N ARG K 158 22.68 -8.68 45.46
CA ARG K 158 22.50 -7.24 45.35
C ARG K 158 21.32 -6.78 46.20
N THR K 159 21.08 -5.47 46.22
CA THR K 159 19.98 -4.91 46.98
C THR K 159 19.22 -3.91 46.11
N ALA K 160 17.92 -4.12 45.97
CA ALA K 160 17.10 -3.31 45.07
C ALA K 160 16.17 -2.35 45.80
N ILE K 161 15.99 -1.17 45.23
CA ILE K 161 15.08 -0.17 45.79
C ILE K 161 13.74 -0.24 45.08
N ARG K 162 12.67 -0.38 45.86
CA ARG K 162 11.33 -0.42 45.30
C ARG K 162 10.64 0.94 45.43
N MSE K 163 10.29 1.52 44.29
CA MSE K 163 9.64 2.82 44.25
C MSE K 163 8.27 2.70 43.60
O MSE K 163 8.03 1.78 42.83
CB MSE K 163 10.49 3.82 43.48
CG MSE K 163 11.92 3.91 43.98
SE MSE K 163 13.13 4.60 42.63
CE MSE K 163 12.23 6.29 42.29
N TYR K 164 7.38 3.63 43.91
CA TYR K 164 6.01 3.55 43.42
C TYR K 164 5.44 4.91 43.04
N VAL K 165 4.22 4.88 42.51
CA VAL K 165 3.44 6.09 42.30
C VAL K 165 1.96 5.73 42.40
N LEU K 166 1.17 6.62 43.00
CA LEU K 166 -0.27 6.43 43.07
C LEU K 166 -0.94 7.10 41.87
N LYS K 167 -2.26 7.16 41.87
CA LYS K 167 -3.00 7.68 40.72
C LYS K 167 -3.38 9.14 40.88
N LYS L 5 8.20 -28.41 68.70
CA LYS L 5 8.19 -29.19 69.93
C LYS L 5 6.79 -29.23 70.54
N LYS L 6 6.09 -28.10 70.47
CA LYS L 6 4.70 -28.03 70.88
C LYS L 6 3.84 -28.39 69.68
N ILE L 7 4.50 -28.52 68.53
CA ILE L 7 3.80 -28.70 67.27
C ILE L 7 4.67 -29.45 66.26
N ARG L 8 4.03 -29.96 65.21
CA ARG L 8 4.77 -30.61 64.12
C ARG L 8 4.26 -30.10 62.78
N LEU L 9 5.06 -30.30 61.74
CA LEU L 9 4.66 -29.92 60.38
C LEU L 9 4.51 -31.13 59.48
N SER L 10 3.39 -31.19 58.77
CA SER L 10 3.11 -32.30 57.86
C SER L 10 2.99 -31.81 56.42
N ALA L 11 3.59 -32.56 55.51
CA ALA L 11 3.49 -32.24 54.09
C ALA L 11 2.04 -32.35 53.65
N LEU L 12 1.54 -31.31 53.00
CA LEU L 12 0.14 -31.27 52.58
C LEU L 12 -0.20 -32.42 51.63
N GLU L 13 -1.33 -33.06 51.89
CA GLU L 13 -1.80 -34.17 51.09
C GLU L 13 -3.21 -33.85 50.61
N ARG L 14 -3.73 -34.65 49.69
CA ARG L 14 -5.04 -34.42 49.10
C ARG L 14 -6.16 -34.35 50.15
N GLU L 15 -6.04 -35.16 51.19
CA GLU L 15 -7.05 -35.22 52.24
C GLU L 15 -7.07 -33.94 53.09
N ASP L 16 -6.04 -33.13 52.97
CA ASP L 16 -5.92 -31.90 53.76
C ASP L 16 -6.67 -30.73 53.11
N LEU L 17 -7.05 -30.91 51.85
CA LEU L 17 -7.68 -29.83 51.08
C LEU L 17 -8.95 -29.28 51.74
N LYS L 18 -9.83 -30.17 52.18
CA LYS L 18 -11.06 -29.76 52.85
C LYS L 18 -10.78 -28.76 53.96
N PHE L 19 -9.78 -29.07 54.78
CA PHE L 19 -9.40 -28.20 55.89
C PHE L 19 -8.94 -26.84 55.39
N VAL L 20 -8.10 -26.84 54.36
CA VAL L 20 -7.59 -25.60 53.78
C VAL L 20 -8.73 -24.69 53.32
N HIS L 21 -9.66 -25.27 52.58
CA HIS L 21 -10.81 -24.52 52.08
C HIS L 21 -11.58 -23.87 53.21
N GLU L 22 -11.84 -24.64 54.26
CA GLU L 22 -12.59 -24.15 55.42
C GLU L 22 -11.94 -22.91 56.03
N LEU L 23 -10.61 -22.84 55.96
CA LEU L 23 -9.87 -21.70 56.49
C LEU L 23 -10.10 -20.43 55.68
N ASN L 24 -9.87 -20.51 54.37
CA ASN L 24 -9.86 -19.33 53.51
C ASN L 24 -11.22 -18.67 53.31
N ASN L 25 -12.28 -19.32 53.76
CA ASN L 25 -13.62 -18.74 53.70
C ASN L 25 -13.74 -17.53 54.63
N ASN L 26 -12.84 -17.46 55.61
CA ASN L 26 -12.83 -16.36 56.57
C ASN L 26 -12.59 -15.03 55.86
N ILE L 29 -12.26 -14.26 51.29
CA ILE L 29 -11.87 -13.36 50.22
C ILE L 29 -10.87 -14.04 49.27
N MSE L 30 -10.24 -13.24 48.41
CA MSE L 30 -9.43 -13.80 47.35
C MSE L 30 -8.33 -14.72 47.88
O MSE L 30 -7.37 -14.26 48.50
CB MSE L 30 -8.80 -12.67 46.53
CG MSE L 30 -9.81 -11.67 45.98
SE MSE L 30 -11.27 -12.56 45.04
CE MSE L 30 -10.21 -13.61 43.79
N SER L 31 -8.43 -16.00 47.54
CA SER L 31 -7.45 -16.99 47.95
C SER L 31 -6.85 -17.59 46.68
N TYR L 32 -5.55 -17.80 46.69
CA TYR L 32 -4.83 -18.24 45.51
C TYR L 32 -4.16 -19.59 45.69
N TRP L 33 -4.15 -20.38 44.62
CA TRP L 33 -3.38 -21.63 44.59
C TRP L 33 -2.47 -21.59 43.38
N PHE L 34 -1.16 -21.54 43.64
CA PHE L 34 -0.17 -21.37 42.58
C PHE L 34 -0.51 -20.17 41.70
N GLU L 35 -0.84 -19.05 42.34
CA GLU L 35 -1.12 -17.80 41.66
C GLU L 35 -2.43 -17.82 40.88
N GLU L 36 -3.09 -18.98 40.85
CA GLU L 36 -4.44 -19.07 40.29
C GLU L 36 -5.47 -18.97 41.40
N PRO L 37 -6.39 -18.00 41.29
CA PRO L 37 -7.41 -17.75 42.32
C PRO L 37 -8.49 -18.81 42.33
N TYR L 38 -9.10 -19.05 43.48
CA TYR L 38 -10.16 -20.05 43.60
C TYR L 38 -11.15 -19.70 44.69
N GLU L 39 -12.37 -20.20 44.56
CA GLU L 39 -13.40 -20.00 45.56
C GLU L 39 -13.96 -21.33 46.04
N SER L 40 -14.59 -22.06 45.13
CA SER L 40 -15.19 -23.35 45.47
C SER L 40 -14.13 -24.40 45.76
N TYR L 41 -14.51 -25.42 46.52
CA TYR L 41 -13.63 -26.52 46.88
C TYR L 41 -13.16 -27.25 45.62
N ARG L 42 -14.11 -27.57 44.76
CA ARG L 42 -13.86 -28.25 43.50
C ARG L 42 -12.76 -27.57 42.70
N GLU L 43 -12.81 -26.23 42.67
CA GLU L 43 -11.76 -25.46 42.01
C GLU L 43 -10.42 -25.84 42.59
N LEU L 44 -10.24 -25.59 43.89
CA LEU L 44 -9.02 -25.96 44.59
C LEU L 44 -8.65 -27.41 44.32
N GLU L 45 -9.65 -28.29 44.39
CA GLU L 45 -9.42 -29.71 44.16
C GLU L 45 -8.74 -29.94 42.82
N ASP L 46 -9.24 -29.29 41.78
CA ASP L 46 -8.66 -29.38 40.45
C ASP L 46 -7.25 -28.79 40.43
N LEU L 47 -7.13 -27.55 40.90
CA LEU L 47 -5.84 -26.87 40.92
C LEU L 47 -4.75 -27.71 41.58
N HIS L 48 -5.12 -28.36 42.68
CA HIS L 48 -4.18 -29.21 43.41
C HIS L 48 -3.56 -30.26 42.51
N ILE L 49 -4.41 -31.00 41.80
CA ILE L 49 -3.95 -32.06 40.90
C ILE L 49 -3.11 -31.47 39.78
N LYS L 50 -3.59 -30.38 39.19
CA LYS L 50 -2.92 -29.72 38.07
C LYS L 50 -1.48 -29.33 38.39
N HIS L 51 -1.28 -28.67 39.53
CA HIS L 51 0.03 -28.16 39.92
C HIS L 51 0.81 -29.11 40.84
N ILE L 52 0.26 -30.29 41.06
CA ILE L 52 0.81 -31.23 42.04
C ILE L 52 2.32 -31.46 41.93
N HIS L 53 2.85 -31.42 40.71
CA HIS L 53 4.27 -31.66 40.50
C HIS L 53 5.11 -30.38 40.47
N ASP L 54 4.46 -29.24 40.69
CA ASP L 54 5.14 -27.96 40.66
C ASP L 54 5.90 -27.71 41.96
N GLN L 55 7.19 -27.41 41.84
CA GLN L 55 8.02 -27.12 43.01
C GLN L 55 8.01 -25.64 43.34
N SER L 56 7.31 -24.86 42.52
CA SER L 56 7.23 -23.42 42.70
C SER L 56 6.78 -23.05 44.11
N GLU L 57 5.86 -23.82 44.66
CA GLU L 57 5.34 -23.56 46.00
C GLU L 57 5.38 -24.81 46.86
N ARG L 58 5.35 -24.62 48.17
CA ARG L 58 5.32 -25.74 49.11
C ARG L 58 4.46 -25.39 50.31
N ARG L 59 3.66 -26.35 50.77
CA ARG L 59 2.74 -26.11 51.86
C ARG L 59 2.81 -27.19 52.93
N PHE L 60 2.58 -26.79 54.18
CA PHE L 60 2.57 -27.73 55.29
C PHE L 60 1.36 -27.51 56.18
N ILE L 61 0.88 -28.59 56.79
CA ILE L 61 -0.21 -28.49 57.76
C ILE L 61 0.39 -28.55 59.16
N ILE L 62 -0.05 -27.63 60.01
CA ILE L 62 0.40 -27.61 61.40
C ILE L 62 -0.48 -28.49 62.26
N LYS L 63 0.10 -29.52 62.86
CA LYS L 63 -0.65 -30.46 63.70
C LYS L 63 -0.14 -30.47 65.13
N ASP L 64 -1.07 -30.51 66.09
CA ASP L 64 -0.69 -30.55 67.50
C ASP L 64 -0.20 -31.93 67.89
N LEU L 65 0.09 -32.10 69.18
CA LEU L 65 0.57 -33.37 69.70
C LEU L 65 -0.45 -34.48 69.47
N LYS L 66 -1.72 -34.09 69.37
CA LYS L 66 -2.81 -35.03 69.20
C LYS L 66 -3.08 -35.27 67.72
N ASP L 67 -2.29 -34.63 66.87
CA ASP L 67 -2.44 -34.72 65.43
C ASP L 67 -3.76 -34.15 64.93
N ASN L 68 -4.35 -33.25 65.71
CA ASN L 68 -5.44 -32.42 65.22
C ASN L 68 -4.83 -31.36 64.31
N LYS L 69 -5.62 -30.81 63.40
CA LYS L 69 -5.07 -29.86 62.43
C LYS L 69 -5.19 -28.43 62.95
N VAL L 70 -4.05 -27.84 63.29
CA VAL L 70 -4.00 -26.52 63.90
C VAL L 70 -4.12 -25.38 62.89
N GLY L 71 -3.37 -25.47 61.80
CA GLY L 71 -3.32 -24.39 60.83
C GLY L 71 -2.53 -24.71 59.57
N LEU L 72 -2.17 -23.66 58.83
CA LEU L 72 -1.51 -23.83 57.54
C LEU L 72 -0.32 -22.89 57.38
N VAL L 73 0.70 -23.35 56.65
CA VAL L 73 1.86 -22.54 56.32
C VAL L 73 2.21 -22.70 54.84
N GLU L 74 2.41 -21.57 54.16
CA GLU L 74 2.65 -21.58 52.72
C GLU L 74 3.98 -20.95 52.33
N LEU L 75 4.79 -21.70 51.58
CA LEU L 75 5.98 -21.13 50.96
C LEU L 75 5.72 -20.93 49.47
N THR L 76 5.62 -19.68 49.05
CA THR L 76 5.28 -19.36 47.67
C THR L 76 6.42 -18.61 46.99
N GLU L 77 6.23 -18.31 45.70
CA GLU L 77 7.18 -17.52 44.94
C GLU L 77 8.62 -17.99 45.14
N ILE L 78 8.82 -19.31 45.14
CA ILE L 78 10.16 -19.86 45.33
C ILE L 78 11.00 -19.67 44.08
N ASP L 79 12.17 -19.06 44.25
CA ASP L 79 13.10 -18.85 43.15
C ASP L 79 14.44 -19.49 43.51
N PHE L 80 14.84 -20.50 42.74
CA PHE L 80 16.06 -21.24 43.06
C PHE L 80 17.33 -20.58 42.55
N ILE L 81 17.17 -19.46 41.86
CA ILE L 81 18.32 -18.64 41.47
C ILE L 81 18.66 -17.66 42.58
N HIS L 82 17.74 -16.76 42.88
CA HIS L 82 17.93 -15.76 43.94
C HIS L 82 17.68 -16.35 45.31
N ARG L 83 17.02 -17.50 45.33
CA ARG L 83 16.83 -18.23 46.57
C ARG L 83 16.03 -17.44 47.57
N ARG L 84 14.80 -17.13 47.21
CA ARG L 84 13.92 -16.45 48.13
C ARG L 84 12.55 -17.01 47.94
N CYS L 85 11.80 -17.09 49.02
CA CYS L 85 10.43 -17.55 48.97
C CYS L 85 9.60 -16.63 49.84
N GLU L 86 8.32 -16.50 49.50
CA GLU L 86 7.41 -15.71 50.33
C GLU L 86 6.77 -16.60 51.38
N PHE L 87 6.88 -16.20 52.63
CA PHE L 87 6.29 -16.95 53.73
C PHE L 87 4.93 -16.39 54.11
N ALA L 88 3.98 -17.28 54.38
CA ALA L 88 2.66 -16.91 54.85
C ALA L 88 2.16 -17.98 55.80
N ILE L 89 1.48 -17.57 56.86
CA ILE L 89 0.99 -18.52 57.85
C ILE L 89 -0.42 -18.20 58.32
N ILE L 90 -1.24 -19.25 58.47
CA ILE L 90 -2.61 -19.10 58.91
C ILE L 90 -2.92 -20.06 60.05
N ILE L 91 -3.61 -19.55 61.07
CA ILE L 91 -3.96 -20.35 62.24
C ILE L 91 -5.46 -20.36 62.47
N SER L 92 -6.01 -21.54 62.74
CA SER L 92 -7.45 -21.69 62.94
C SER L 92 -7.96 -20.75 64.04
N PRO L 93 -9.22 -20.30 63.90
CA PRO L 93 -9.83 -19.35 64.83
C PRO L 93 -9.86 -19.87 66.28
N GLY L 94 -9.77 -21.18 66.45
CA GLY L 94 -9.74 -21.78 67.77
C GLY L 94 -8.39 -21.76 68.45
N GLU L 95 -7.32 -21.93 67.67
CA GLU L 95 -5.98 -22.14 68.20
C GLU L 95 -5.15 -20.86 68.35
N GLU L 96 -5.77 -19.72 68.10
CA GLU L 96 -5.08 -18.42 68.05
C GLU L 96 -4.44 -17.94 69.35
N GLY L 97 -4.56 -18.76 70.39
CA GLY L 97 -4.19 -18.48 71.76
C GLY L 97 -2.66 -18.36 71.82
N LYS L 98 -2.00 -19.27 72.53
CA LYS L 98 -0.57 -19.17 72.79
C LYS L 98 0.15 -18.59 71.56
N GLY L 99 -0.49 -18.68 70.41
CA GLY L 99 -0.08 -17.99 69.21
C GLY L 99 0.42 -18.90 68.12
N TYR L 100 0.92 -20.07 68.49
CA TYR L 100 1.17 -21.17 67.53
C TYR L 100 1.78 -20.66 66.22
N ALA L 101 2.54 -19.58 66.31
CA ALA L 101 3.09 -18.91 65.14
C ALA L 101 4.60 -19.07 65.13
N THR L 102 5.24 -18.58 66.18
CA THR L 102 6.68 -18.66 66.34
C THR L 102 7.20 -20.11 66.25
N GLU L 103 6.56 -21.03 66.96
CA GLU L 103 6.98 -22.43 66.91
C GLU L 103 6.96 -22.95 65.48
N ALA L 104 5.82 -22.80 64.81
CA ALA L 104 5.68 -23.23 63.43
C ALA L 104 6.58 -22.40 62.52
N THR L 105 6.49 -21.09 62.66
CA THR L 105 7.28 -20.17 61.83
C THR L 105 8.76 -20.52 61.81
N ASP L 106 9.42 -20.39 62.96
CA ASP L 106 10.85 -20.66 63.07
C ASP L 106 11.18 -22.06 62.54
N LEU L 107 10.22 -22.98 62.65
CA LEU L 107 10.39 -24.34 62.15
C LEU L 107 10.57 -24.36 60.65
N THR L 108 9.63 -23.74 59.94
CA THR L 108 9.65 -23.73 58.49
C THR L 108 10.91 -23.05 57.98
N VAL L 109 11.32 -22.00 58.69
CA VAL L 109 12.52 -21.25 58.30
C VAL L 109 13.72 -22.17 58.22
N GLU L 110 13.80 -23.14 59.13
CA GLU L 110 14.85 -24.13 59.09
C GLU L 110 14.75 -24.98 57.83
N TYR L 111 13.54 -25.46 57.56
CA TYR L 111 13.28 -26.24 56.35
C TYR L 111 13.76 -25.48 55.13
N ALA L 112 13.42 -24.19 55.05
CA ALA L 112 13.87 -23.35 53.97
C ALA L 112 15.39 -23.33 53.85
N PHE L 113 16.05 -22.82 54.89
CA PHE L 113 17.50 -22.67 54.88
C PHE L 113 18.25 -24.00 54.99
N SER L 114 17.85 -24.83 55.95
CA SER L 114 18.59 -26.05 56.26
C SER L 114 18.26 -27.22 55.34
N ILE L 115 17.23 -27.08 54.52
CA ILE L 115 16.84 -28.13 53.59
C ILE L 115 16.80 -27.63 52.15
N LEU L 116 15.88 -26.72 51.87
CA LEU L 116 15.77 -26.13 50.54
C LEU L 116 17.02 -25.33 50.20
N ASN L 117 17.85 -25.09 51.21
CA ASN L 117 19.10 -24.35 51.04
C ASN L 117 18.86 -22.96 50.46
N LEU L 118 17.79 -22.31 50.90
CA LEU L 118 17.49 -20.96 50.43
C LEU L 118 18.38 -19.93 51.12
N HIS L 119 18.15 -18.66 50.79
CA HIS L 119 18.95 -17.58 51.33
C HIS L 119 18.09 -16.62 52.13
N LYS L 120 17.14 -16.00 51.45
CA LYS L 120 16.27 -14.99 52.06
C LYS L 120 14.80 -15.42 52.06
N ILE L 121 14.09 -15.08 53.13
CA ILE L 121 12.65 -15.30 53.21
C ILE L 121 11.95 -13.98 53.53
N TYR L 122 10.83 -13.72 52.87
CA TYR L 122 10.07 -12.50 53.12
C TYR L 122 8.59 -12.78 53.32
N LEU L 123 7.88 -11.81 53.90
CA LEU L 123 6.45 -11.96 54.17
C LEU L 123 5.76 -10.60 54.17
N LEU L 124 4.44 -10.63 54.06
CA LEU L 124 3.65 -9.39 54.03
C LEU L 124 2.60 -9.36 55.14
N VAL L 125 2.52 -8.22 55.84
CA VAL L 125 1.51 -8.03 56.89
C VAL L 125 0.92 -6.63 56.82
N ASP L 126 -0.31 -6.50 57.28
CA ASP L 126 -1.01 -5.21 57.27
C ASP L 126 -0.46 -4.27 58.33
N GLU L 127 -0.68 -2.97 58.13
CA GLU L 127 -0.32 -1.97 59.14
C GLU L 127 -1.11 -2.22 60.41
N ASP L 128 -2.34 -2.69 60.24
CA ASP L 128 -3.32 -2.74 61.33
C ASP L 128 -3.21 -3.99 62.19
N ASN L 129 -2.22 -4.85 61.88
CA ASN L 129 -1.97 -6.01 62.72
C ASN L 129 -0.58 -5.98 63.33
N PRO L 130 -0.40 -5.14 64.36
CA PRO L 130 0.86 -5.04 65.12
C PRO L 130 1.12 -6.32 65.90
N ALA L 131 0.05 -7.04 66.23
CA ALA L 131 0.13 -8.25 67.04
C ALA L 131 1.08 -9.28 66.43
N ALA L 132 0.69 -9.86 65.30
CA ALA L 132 1.50 -10.86 64.63
C ALA L 132 2.77 -10.24 64.05
N LEU L 133 2.69 -8.95 63.74
CA LEU L 133 3.84 -8.21 63.22
C LEU L 133 5.06 -8.44 64.11
N HIS L 134 4.84 -8.33 65.42
CA HIS L 134 5.93 -8.47 66.39
C HIS L 134 6.31 -9.93 66.62
N ILE L 135 5.34 -10.82 66.46
CA ILE L 135 5.62 -12.25 66.53
C ILE L 135 6.66 -12.59 65.48
N TYR L 136 6.59 -11.90 64.34
CA TYR L 136 7.50 -12.13 63.23
C TYR L 136 8.89 -11.58 63.50
N ARG L 137 8.95 -10.44 64.17
CA ARG L 137 10.21 -9.81 64.50
C ARG L 137 10.73 -10.36 65.77
N LYS L 138 9.98 -11.31 66.31
CA LYS L 138 10.57 -12.23 67.18
C LYS L 138 10.63 -13.51 66.39
N SER L 139 11.63 -13.86 65.66
CA SER L 139 11.65 -14.80 64.53
C SER L 139 12.69 -14.23 63.63
N GLY L 140 13.15 -13.02 63.92
CA GLY L 140 14.36 -12.54 63.30
C GLY L 140 14.05 -11.75 62.06
N PHE L 141 12.76 -11.51 61.85
CA PHE L 141 12.31 -10.72 60.71
C PHE L 141 12.52 -9.24 60.96
N ALA L 142 12.76 -8.50 59.89
CA ALA L 142 12.93 -7.05 59.96
C ALA L 142 12.38 -6.42 58.67
N GLU L 143 11.78 -5.25 58.81
CA GLU L 143 11.12 -4.61 57.68
C GLU L 143 12.11 -4.12 56.63
N GLU L 144 11.97 -4.62 55.41
CA GLU L 144 12.75 -4.11 54.28
C GLU L 144 11.97 -3.13 53.43
N GLY L 145 10.70 -2.91 53.78
CA GLY L 145 9.87 -1.98 53.04
C GLY L 145 8.43 -1.89 53.51
N LYS L 146 7.77 -0.81 53.13
CA LYS L 146 6.36 -0.60 53.43
C LYS L 146 5.62 -0.24 52.15
N LEU L 147 4.73 -1.13 51.72
CA LEU L 147 4.07 -0.98 50.42
C LEU L 147 2.74 -0.24 50.50
N VAL L 148 2.70 0.95 49.89
CA VAL L 148 1.53 1.80 49.91
C VAL L 148 0.45 1.32 48.95
N ASP L 149 -0.78 1.19 49.46
CA ASP L 149 -1.91 0.78 48.64
C ASP L 149 -1.59 -0.49 47.84
N GLU L 150 -0.79 -1.35 48.42
CA GLU L 150 -0.34 -2.58 47.76
C GLU L 150 -1.50 -3.56 47.59
N TYR L 151 -2.46 -3.51 48.50
CA TYR L 151 -3.61 -4.41 48.46
C TYR L 151 -4.92 -3.65 48.59
N TYR L 152 -6.00 -4.27 48.11
CA TYR L 152 -7.33 -3.72 48.29
C TYR L 152 -8.18 -4.68 49.09
N SER L 153 -8.51 -4.29 50.31
CA SER L 153 -9.28 -5.14 51.20
C SER L 153 -10.39 -4.38 51.93
N LYS L 154 -11.62 -4.84 51.76
CA LYS L 154 -12.77 -4.28 52.44
C LYS L 154 -12.92 -2.78 52.24
N GLY L 155 -13.15 -2.37 50.99
CA GLY L 155 -13.54 -1.01 50.68
C GLY L 155 -12.43 0.02 50.57
N ARG L 156 -11.25 -0.31 51.09
CA ARG L 156 -10.14 0.64 51.10
C ARG L 156 -8.81 -0.01 50.79
N TYR L 157 -7.99 0.68 50.02
CA TYR L 157 -6.63 0.22 49.73
C TYR L 157 -5.83 0.17 51.04
N ARG L 158 -5.25 -0.99 51.33
CA ARG L 158 -4.47 -1.14 52.54
C ARG L 158 -2.99 -0.96 52.26
N THR L 159 -2.17 -1.02 53.30
CA THR L 159 -0.73 -0.88 53.16
C THR L 159 -0.02 -1.99 53.94
N ALA L 160 0.82 -2.75 53.25
CA ALA L 160 1.47 -3.91 53.86
C ALA L 160 2.95 -3.69 54.14
N ILE L 161 3.42 -4.25 55.25
CA ILE L 161 4.82 -4.18 55.62
C ILE L 161 5.55 -5.44 55.18
N ARG L 162 6.63 -5.28 54.42
CA ARG L 162 7.43 -6.42 53.97
C ARG L 162 8.66 -6.61 54.85
N MSE L 163 8.73 -7.77 55.49
CA MSE L 163 9.84 -8.09 56.38
C MSE L 163 10.58 -9.31 55.87
O MSE L 163 10.01 -10.13 55.15
CB MSE L 163 9.33 -8.33 57.80
CG MSE L 163 8.47 -7.20 58.34
SE MSE L 163 7.30 -7.81 59.76
CE MSE L 163 8.66 -8.52 60.97
N TYR L 164 11.84 -9.45 56.25
CA TYR L 164 12.66 -10.54 55.74
C TYR L 164 13.59 -11.12 56.80
N VAL L 165 14.32 -12.16 56.40
CA VAL L 165 15.41 -12.70 57.19
C VAL L 165 16.44 -13.33 56.25
N LEU L 166 17.71 -13.17 56.57
CA LEU L 166 18.78 -13.80 55.79
C LEU L 166 19.13 -15.15 56.38
N LYS L 167 20.21 -15.77 55.91
CA LYS L 167 20.50 -17.13 56.35
C LYS L 167 21.56 -17.19 57.45
N LYS L 168 22.85 -17.21 57.09
CA LYS L 168 23.87 -17.49 58.11
C LYS L 168 23.64 -16.67 59.37
S SO4 M . 62.47 2.14 -7.56
O1 SO4 M . 63.56 2.76 -6.80
O2 SO4 M . 61.42 3.11 -7.79
O3 SO4 M . 62.98 1.66 -8.85
O4 SO4 M . 61.93 1.00 -6.81
S SO4 N . 28.94 33.14 -8.75
O1 SO4 N . 30.23 33.44 -9.38
O2 SO4 N . 28.04 32.55 -9.73
O3 SO4 N . 29.15 32.19 -7.65
O4 SO4 N . 28.36 34.37 -8.22
S SO4 O . -4.53 27.28 -33.04
O1 SO4 O . -3.45 28.08 -33.59
O2 SO4 O . -4.85 26.18 -33.94
O3 SO4 O . -4.11 26.73 -31.74
O4 SO4 O . -5.71 28.12 -32.85
S SO4 P . -41.38 -11.23 14.82
O1 SO4 P . -40.39 -10.68 15.75
O2 SO4 P . -40.86 -11.19 13.46
O3 SO4 P . -41.67 -12.61 15.20
O4 SO4 P . -42.62 -10.45 14.90
S SO4 Q . -11.93 3.47 41.34
O1 SO4 Q . -10.75 2.72 41.76
O2 SO4 Q . -12.39 2.97 40.05
O3 SO4 Q . -12.99 3.30 42.34
O4 SO4 Q . -11.59 4.88 41.23
S SO4 R . 24.51 -19.18 49.97
O1 SO4 R . 25.73 -18.42 50.19
O2 SO4 R . 23.73 -18.56 48.91
O3 SO4 R . 24.84 -20.55 49.59
O4 SO4 R . 23.72 -19.21 51.20
#